data_1QOW
# 
_entry.id   1QOW 
# 
_audit_conform.dict_name       mmcif_pdbx.dic 
_audit_conform.dict_version    5.391 
_audit_conform.dict_location   http://mmcif.pdb.org/dictionaries/ascii/mmcif_pdbx.dic 
# 
loop_
_database_2.database_id 
_database_2.database_code 
_database_2.pdbx_database_accession 
_database_2.pdbx_DOI 
PDB   1QOW         pdb_00001qow 10.2210/pdb1qow/pdb 
PDBE  EBI-4404     ?            ?                   
WWPDB D_1290004404 ?            ?                   
# 
loop_
_pdbx_audit_revision_history.ordinal 
_pdbx_audit_revision_history.data_content_type 
_pdbx_audit_revision_history.major_revision 
_pdbx_audit_revision_history.minor_revision 
_pdbx_audit_revision_history.revision_date 
1 'Structure model' 1 0 2000-05-26 
2 'Structure model' 1 1 2011-07-13 
3 'Structure model' 1 2 2011-07-27 
4 'Structure model' 1 3 2012-11-30 
5 'Structure model' 1 4 2019-04-17 
6 'Structure model' 1 5 2019-05-22 
7 'Structure model' 1 6 2019-07-24 
8 'Structure model' 1 7 2019-10-09 
9 'Structure model' 2 0 2024-05-01 
# 
_pdbx_audit_revision_details.ordinal             1 
_pdbx_audit_revision_details.revision_ordinal    1 
_pdbx_audit_revision_details.data_content_type   'Structure model' 
_pdbx_audit_revision_details.provider            repository 
_pdbx_audit_revision_details.type                'Initial release' 
_pdbx_audit_revision_details.description         ? 
_pdbx_audit_revision_details.details             ? 
# 
loop_
_pdbx_audit_revision_group.ordinal 
_pdbx_audit_revision_group.revision_ordinal 
_pdbx_audit_revision_group.data_content_type 
_pdbx_audit_revision_group.group 
1  2 'Structure model' 'Atomic model'              
2  2 'Structure model' 'Database references'       
3  2 'Structure model' 'Derived calculations'      
4  2 'Structure model' 'Structure summary'         
5  2 'Structure model' 'Version format compliance' 
6  3 'Structure model' 'Atomic model'              
7  3 'Structure model' 'Data collection'           
8  3 'Structure model' 'Derived calculations'      
9  3 'Structure model' Other                       
10 3 'Structure model' 'Refinement description'    
11 4 'Structure model' Other                       
12 5 'Structure model' 'Data collection'           
13 5 'Structure model' 'Derived calculations'      
14 5 'Structure model' 'Experimental preparation'  
15 5 'Structure model' Other                       
16 6 'Structure model' 'Data collection'           
17 6 'Structure model' 'Refinement description'    
18 7 'Structure model' 'Data collection'           
19 7 'Structure model' 'Experimental preparation'  
20 8 'Structure model' 'Data collection'           
21 8 'Structure model' 'Database references'       
22 8 'Structure model' Other                       
23 9 'Structure model' 'Data collection'           
24 9 'Structure model' 'Database references'       
25 9 'Structure model' 'Derived calculations'      
26 9 'Structure model' 'Polymer sequence'          
# 
loop_
_pdbx_audit_revision_category.ordinal 
_pdbx_audit_revision_category.revision_ordinal 
_pdbx_audit_revision_category.data_content_type 
_pdbx_audit_revision_category.category 
1  5 'Structure model' exptl_crystal_grow   
2  5 'Structure model' pdbx_database_proc   
3  5 'Structure model' pdbx_database_status 
4  5 'Structure model' struct_biol          
5  5 'Structure model' struct_conn          
6  6 'Structure model' refine               
7  7 'Structure model' diffrn_source        
8  7 'Structure model' exptl_crystal_grow   
9  8 'Structure model' citation             
10 8 'Structure model' citation_author      
11 8 'Structure model' pdbx_database_status 
12 9 'Structure model' chem_comp_atom       
13 9 'Structure model' chem_comp_bond       
14 9 'Structure model' database_2           
15 9 'Structure model' entity_poly          
16 9 'Structure model' struct_conn          
# 
loop_
_pdbx_audit_revision_item.ordinal 
_pdbx_audit_revision_item.revision_ordinal 
_pdbx_audit_revision_item.data_content_type 
_pdbx_audit_revision_item.item 
1  5 'Structure model' '_exptl_crystal_grow.method'                  
2  5 'Structure model' '_exptl_crystal_grow.temp'                    
3  5 'Structure model' '_pdbx_database_status.recvd_author_approval' 
4  5 'Structure model' '_struct_conn.pdbx_leaving_atom_flag'         
5  6 'Structure model' '_refine.pdbx_ls_cross_valid_method'          
6  7 'Structure model' '_diffrn_source.pdbx_synchrotron_site'        
7  7 'Structure model' '_exptl_crystal_grow.method'                  
8  8 'Structure model' '_citation.page_last'                         
9  8 'Structure model' '_citation.pdbx_database_id_DOI'              
10 8 'Structure model' '_citation.title'                             
11 8 'Structure model' '_citation_author.name'                       
12 8 'Structure model' '_pdbx_database_status.status_code_sf'        
13 9 'Structure model' '_database_2.pdbx_DOI'                        
14 9 'Structure model' '_database_2.pdbx_database_accession'         
15 9 'Structure model' '_entity_poly.pdbx_seq_one_letter_code_can'   
16 9 'Structure model' '_struct_conn.pdbx_dist_value'                
17 9 'Structure model' '_struct_conn.pdbx_leaving_atom_flag'         
18 9 'Structure model' '_struct_conn.ptnr1_label_atom_id'            
19 9 'Structure model' '_struct_conn.ptnr2_auth_comp_id'             
20 9 'Structure model' '_struct_conn.ptnr2_auth_seq_id'              
21 9 'Structure model' '_struct_conn.ptnr2_label_atom_id'            
22 9 'Structure model' '_struct_conn.ptnr2_label_comp_id'            
23 9 'Structure model' '_struct_conn.ptnr2_label_seq_id'             
# 
_pdbx_database_status.status_code                     REL 
_pdbx_database_status.entry_id                        1QOW 
_pdbx_database_status.deposit_site                    PDBE 
_pdbx_database_status.process_site                    PDBE 
_pdbx_database_status.SG_entry                        . 
_pdbx_database_status.recvd_initial_deposition_date   1999-11-19 
_pdbx_database_status.pdb_format_compatible           Y 
_pdbx_database_status.status_code_sf                  REL 
_pdbx_database_status.status_code_mr                  ? 
_pdbx_database_status.status_code_cs                  ? 
_pdbx_database_status.methods_development_category    ? 
_pdbx_database_status.status_code_nmr_data            ? 
# 
loop_
_pdbx_database_related.db_name 
_pdbx_database_related.db_id 
_pdbx_database_related.content_type 
_pdbx_database_related.details 
PDB 1AJ1 unspecified 'SOLUTION STRUCTURE OF THE LANTIBIOTIC ACTAGARDINE'                                                  
PDB 1MQX unspecified 'SOLUTION STRUCTURE OF TYPE B LANTIBIOTICS MERSACIDIN IN MEOH/H2O MIXTURE'                           
PDB 1MQY unspecified 'SOLUTION STRUCTURE OF TYPE B LANTIBIOTICS MERSACIDIN IN DPC MICELLES'                               
PDB 1MQZ unspecified 'SOLUTION STRUCTURE OF TYPE B LANTIBIOTICS MERSACIDIN BOUND TO LIPID II IN DPC MICELLES'             
PDB 1W9N unspecified 'SOLUTION STRUCTURE OF THE LANTIBIOTIC EPILANCIN 15X'                                                
PDB 1WCO unspecified 'SOLUTION STRUCTURE OF NISIN AND LIPID II COMPLEX'                                                   
PDB 2DDE unspecified 'SOLUTION STRUCTURE OF THE LANTIBIOTIC CINNAMYCIN COMPLEXED WITH LYSOPHOSPHATIDYLETHANOLAMINE'       
PDB 2KTN unspecified 'SOLUTION STRUCTURE OF LCH-ALPHA PEPTIDE FROM TWO-COMPONENT LANTIBIOTIC SYSTEM LICHENICIDIN VK21 A1' 
PDB 2KTO unspecified 'SOLUTION STRUCTURE OF LCH-BETA PEPTIDE FROM TWO-COMPONENT LANTIBIOTIC LICHENICIDIN VK21 A2'         
# 
loop_
_audit_author.name 
_audit_author.pdbx_ordinal 
'Schneider, T.R.' 1 
'Kaercher, J.'    2 
'Sheldrick, G.M.' 3 
# 
_citation.id                        primary 
_citation.title                     'Ab initio structure determination of the lantibiotic mersacidin.' 
_citation.journal_abbrev            'Acta Crystallogr.,Sect.D' 
_citation.journal_volume            56 
_citation.page_first                705 
_citation.page_last                 713 
_citation.year                      2000 
_citation.journal_id_ASTM           ABCRE6 
_citation.country                   DK 
_citation.journal_id_ISSN           0907-4449 
_citation.journal_id_CSD            0766 
_citation.book_publisher            ? 
_citation.pdbx_database_id_PubMed   10818347 
_citation.pdbx_database_id_DOI      10.1107/s0907444900003711 
# 
loop_
_citation_author.citation_id 
_citation_author.name 
_citation_author.ordinal 
_citation_author.identifier_ORCID 
primary 'Schneider, T.R.' 1 ? 
primary 'Karcher, J.'     2 ? 
primary 'Pohl, E.'        3 ? 
primary 'Lubini, P.'      4 ? 
primary 'Sheldrick, G.M.' 5 ? 
# 
loop_
_entity.id 
_entity.type 
_entity.src_method 
_entity.pdbx_description 
_entity.formula_weight 
_entity.pdbx_number_of_molecules 
_entity.pdbx_ec 
_entity.pdbx_mutation 
_entity.pdbx_fragment 
_entity.details 
1 polymer     nat MERSACIDIN 1834.256 6  ? ? ? ? 
2 non-polymer syn METHANOL   32.042   9  ? ? ? ? 
3 water       nat water      18.015   57 ? ? ? ? 
# 
_entity_poly.entity_id                      1 
_entity_poly.type                           'polypeptide(L)' 
_entity_poly.nstd_linkage                   no 
_entity_poly.nstd_monomer                   yes 
_entity_poly.pdbx_seq_one_letter_code       'C(DBB)F(DBB)LPGGGGVC(DBB)L(DBB)(DHA)ECI(TEE)' 
_entity_poly.pdbx_seq_one_letter_code_can   CXFXLPGGGGVCXLXSECIX 
_entity_poly.pdbx_strand_id                 A,B,C,D,E,F 
_entity_poly.pdbx_target_identifier         ? 
# 
loop_
_pdbx_entity_nonpoly.entity_id 
_pdbx_entity_nonpoly.name 
_pdbx_entity_nonpoly.comp_id 
2 METHANOL MOH 
3 water    HOH 
# 
loop_
_entity_poly_seq.entity_id 
_entity_poly_seq.num 
_entity_poly_seq.mon_id 
_entity_poly_seq.hetero 
1 1  CYS n 
1 2  DBB n 
1 3  PHE n 
1 4  DBB n 
1 5  LEU n 
1 6  PRO n 
1 7  GLY n 
1 8  GLY n 
1 9  GLY n 
1 10 GLY n 
1 11 VAL n 
1 12 CYS n 
1 13 DBB n 
1 14 LEU n 
1 15 DBB n 
1 16 DHA n 
1 17 GLU n 
1 18 CYS n 
1 19 ILE n 
1 20 TEE n 
# 
_entity_src_nat.entity_id                  1 
_entity_src_nat.pdbx_src_id                1 
_entity_src_nat.pdbx_alt_source_flag       sample 
_entity_src_nat.pdbx_beg_seq_num           ? 
_entity_src_nat.pdbx_end_seq_num           ? 
_entity_src_nat.common_name                ? 
_entity_src_nat.pdbx_organism_scientific   'BACILLUS SP.' 
_entity_src_nat.pdbx_ncbi_taxonomy_id      1409 
_entity_src_nat.genus                      ? 
_entity_src_nat.species                    ? 
_entity_src_nat.strain                     'HIL Y-85, 54728' 
_entity_src_nat.tissue                     ? 
_entity_src_nat.tissue_fraction            ? 
_entity_src_nat.pdbx_secretion             ? 
_entity_src_nat.pdbx_fragment              ? 
_entity_src_nat.pdbx_variant               ? 
_entity_src_nat.pdbx_cell_line             ? 
_entity_src_nat.pdbx_atcc                  ? 
_entity_src_nat.pdbx_cellular_location     ? 
_entity_src_nat.pdbx_organ                 ? 
_entity_src_nat.pdbx_organelle             ? 
_entity_src_nat.pdbx_cell                  ? 
_entity_src_nat.pdbx_plasmid_name          ? 
_entity_src_nat.pdbx_plasmid_details       ? 
_entity_src_nat.details                    ? 
# 
loop_
_chem_comp.id 
_chem_comp.type 
_chem_comp.mon_nstd_flag 
_chem_comp.name 
_chem_comp.pdbx_synonyms 
_chem_comp.formula 
_chem_comp.formula_weight 
CYS 'L-peptide linking' y CYSTEINE                    ?                    'C3 H7 N O2 S' 121.158 
DBB 'D-peptide linking' . 'D-ALPHA-AMINOBUTYRIC ACID' ?                    'C4 H9 N O2'   103.120 
DHA 'peptide linking'   n '2-AMINO-ACRYLIC ACID'      2,3-DIDEHYDROALANINE 'C3 H5 N O2'   87.077  
GLU 'L-peptide linking' y 'GLUTAMIC ACID'             ?                    'C5 H9 N O4'   147.129 
GLY 'peptide linking'   y GLYCINE                     ?                    'C2 H5 N O2'   75.067  
HOH non-polymer         . WATER                       ?                    'H2 O'         18.015  
ILE 'L-peptide linking' y ISOLEUCINE                  ?                    'C6 H13 N O2'  131.173 
LEU 'L-peptide linking' y LEUCINE                     ?                    'C6 H13 N O2'  131.173 
MOH non-polymer         . METHANOL                    ?                    'C H4 O'       32.042  
PHE 'L-peptide linking' y PHENYLALANINE               ?                    'C9 H11 N O2'  165.189 
PRO 'L-peptide linking' y PROLINE                     ?                    'C5 H9 N O2'   115.130 
TEE non-polymer         . 2-AMINO-ETHENETHIOL         2-THIOETHENAMINE     'C2 H5 N S'    75.133  
VAL 'L-peptide linking' y VALINE                      ?                    'C5 H11 N O2'  117.146 
# 
loop_
_pdbx_poly_seq_scheme.asym_id 
_pdbx_poly_seq_scheme.entity_id 
_pdbx_poly_seq_scheme.seq_id 
_pdbx_poly_seq_scheme.mon_id 
_pdbx_poly_seq_scheme.ndb_seq_num 
_pdbx_poly_seq_scheme.pdb_seq_num 
_pdbx_poly_seq_scheme.auth_seq_num 
_pdbx_poly_seq_scheme.pdb_mon_id 
_pdbx_poly_seq_scheme.auth_mon_id 
_pdbx_poly_seq_scheme.pdb_strand_id 
_pdbx_poly_seq_scheme.pdb_ins_code 
_pdbx_poly_seq_scheme.hetero 
A 1 1  CYS 1  1  1  CYS CYS A . n 
A 1 2  DBB 2  2  2  DBB DBB A . n 
A 1 3  PHE 3  3  3  PHE PHE A . n 
A 1 4  DBB 4  4  4  DBB DBB A . n 
A 1 5  LEU 5  5  5  LEU LEU A . n 
A 1 6  PRO 6  6  6  PRO PRO A . n 
A 1 7  GLY 7  7  7  GLY GLY A . n 
A 1 8  GLY 8  8  8  GLY GLY A . n 
A 1 9  GLY 9  9  9  GLY GLY A . n 
A 1 10 GLY 10 10 10 GLY GLY A . n 
A 1 11 VAL 11 11 11 VAL VAL A . n 
A 1 12 CYS 12 12 12 CYS CYS A . n 
A 1 13 DBB 13 13 13 DBB DBB A . n 
A 1 14 LEU 14 14 14 LEU LEU A . n 
A 1 15 DBB 15 15 15 DBB DBB A . n 
A 1 16 DHA 16 16 16 DHA DHA A . n 
A 1 17 GLU 17 17 17 GLU GLU A . n 
A 1 18 CYS 18 18 18 CYS CYS A . n 
A 1 19 ILE 19 19 19 ILE ILE A . n 
A 1 20 TEE 20 20 20 TEE TEE A . n 
B 1 1  CYS 1  1  1  CYS CYS B . n 
B 1 2  DBB 2  2  2  DBB DBB B . n 
B 1 3  PHE 3  3  3  PHE PHE B . n 
B 1 4  DBB 4  4  4  DBB DBB B . n 
B 1 5  LEU 5  5  5  LEU LEU B . n 
B 1 6  PRO 6  6  6  PRO PRO B . n 
B 1 7  GLY 7  7  7  GLY GLY B . n 
B 1 8  GLY 8  8  8  GLY GLY B . n 
B 1 9  GLY 9  9  9  GLY GLY B . n 
B 1 10 GLY 10 10 10 GLY GLY B . n 
B 1 11 VAL 11 11 11 VAL VAL B . n 
B 1 12 CYS 12 12 12 CYS CYS B . n 
B 1 13 DBB 13 13 13 DBB DBB B . n 
B 1 14 LEU 14 14 14 LEU LEU B . n 
B 1 15 DBB 15 15 15 DBB DBB B . n 
B 1 16 DHA 16 16 16 DHA DHA B . n 
B 1 17 GLU 17 17 17 GLU GLU B . n 
B 1 18 CYS 18 18 18 CYS CYS B . n 
B 1 19 ILE 19 19 19 ILE ILE B . n 
B 1 20 TEE 20 20 20 TEE TEE B . n 
C 1 1  CYS 1  1  1  CYS CYS C . n 
C 1 2  DBB 2  2  2  DBB DBB C . n 
C 1 3  PHE 3  3  3  PHE PHE C . n 
C 1 4  DBB 4  4  4  DBB DBB C . n 
C 1 5  LEU 5  5  5  LEU LEU C . n 
C 1 6  PRO 6  6  6  PRO PRO C . n 
C 1 7  GLY 7  7  7  GLY GLY C . n 
C 1 8  GLY 8  8  8  GLY GLY C . n 
C 1 9  GLY 9  9  9  GLY GLY C . n 
C 1 10 GLY 10 10 10 GLY GLY C . n 
C 1 11 VAL 11 11 11 VAL VAL C . n 
C 1 12 CYS 12 12 12 CYS CYS C . n 
C 1 13 DBB 13 13 13 DBB DBB C . n 
C 1 14 LEU 14 14 14 LEU LEU C . n 
C 1 15 DBB 15 15 15 DBB DBB C . n 
C 1 16 DHA 16 16 16 DHA DHA C . n 
C 1 17 GLU 17 17 17 GLU GLU C . n 
C 1 18 CYS 18 18 18 CYS CYS C . n 
C 1 19 ILE 19 19 19 ILE ILE C . n 
C 1 20 TEE 20 20 20 TEE TEE C . n 
D 1 1  CYS 1  1  1  CYS CYS D . n 
D 1 2  DBB 2  2  2  DBB DBB D . n 
D 1 3  PHE 3  3  3  PHE PHE D . n 
D 1 4  DBB 4  4  4  DBB DBB D . n 
D 1 5  LEU 5  5  5  LEU LEU D . n 
D 1 6  PRO 6  6  6  PRO PRO D . n 
D 1 7  GLY 7  7  7  GLY GLY D . n 
D 1 8  GLY 8  8  8  GLY GLY D . n 
D 1 9  GLY 9  9  9  GLY GLY D . n 
D 1 10 GLY 10 10 10 GLY GLY D . n 
D 1 11 VAL 11 11 11 VAL VAL D . n 
D 1 12 CYS 12 12 12 CYS CYS D . n 
D 1 13 DBB 13 13 13 DBB DBB D . n 
D 1 14 LEU 14 14 14 LEU LEU D . n 
D 1 15 DBB 15 15 15 DBB DBB D . n 
D 1 16 DHA 16 16 16 DHA DHA D . n 
D 1 17 GLU 17 17 17 GLU GLU D . n 
D 1 18 CYS 18 18 18 CYS CYS D . n 
D 1 19 ILE 19 19 19 ILE ILE D . n 
D 1 20 TEE 20 20 20 TEE TEE D . n 
E 1 1  CYS 1  1  1  CYS CYS E . n 
E 1 2  DBB 2  2  2  DBB DBB E . n 
E 1 3  PHE 3  3  3  PHE PHE E . n 
E 1 4  DBB 4  4  4  DBB DBB E . n 
E 1 5  LEU 5  5  5  LEU LEU E . n 
E 1 6  PRO 6  6  6  PRO PRO E . n 
E 1 7  GLY 7  7  7  GLY GLY E . n 
E 1 8  GLY 8  8  8  GLY GLY E . n 
E 1 9  GLY 9  9  9  GLY GLY E . n 
E 1 10 GLY 10 10 10 GLY GLY E . n 
E 1 11 VAL 11 11 11 VAL VAL E . n 
E 1 12 CYS 12 12 12 CYS CYS E . n 
E 1 13 DBB 13 13 13 DBB DBB E . n 
E 1 14 LEU 14 14 14 LEU LEU E . n 
E 1 15 DBB 15 15 15 DBB DBB E . n 
E 1 16 DHA 16 16 16 DHA DHA E . n 
E 1 17 GLU 17 17 17 GLU GLU E . n 
E 1 18 CYS 18 18 18 CYS CYS E . n 
E 1 19 ILE 19 19 19 ILE ILE E . n 
E 1 20 TEE 20 20 20 TEE TEE E . n 
F 1 1  CYS 1  1  1  CYS CYS F . n 
F 1 2  DBB 2  2  2  DBB DBB F . n 
F 1 3  PHE 3  3  3  PHE PHE F . n 
F 1 4  DBB 4  4  4  DBB DBB F . n 
F 1 5  LEU 5  5  5  LEU LEU F . n 
F 1 6  PRO 6  6  6  PRO PRO F . n 
F 1 7  GLY 7  7  7  GLY GLY F . n 
F 1 8  GLY 8  8  8  GLY GLY F . n 
F 1 9  GLY 9  9  9  GLY GLY F . n 
F 1 10 GLY 10 10 10 GLY GLY F . n 
F 1 11 VAL 11 11 11 VAL VAL F . n 
F 1 12 CYS 12 12 12 CYS CYS F . n 
F 1 13 DBB 13 13 13 DBB DBB F . n 
F 1 14 LEU 14 14 14 LEU LEU F . n 
F 1 15 DBB 15 15 15 DBB DBB F . n 
F 1 16 DHA 16 16 16 DHA DHA F . n 
F 1 17 GLU 17 17 17 GLU GLU F . n 
F 1 18 CYS 18 18 18 CYS CYS F . n 
F 1 19 ILE 19 19 19 ILE ILE F . n 
F 1 20 TEE 20 20 20 TEE TEE F . n 
# 
loop_
_pdbx_nonpoly_scheme.asym_id 
_pdbx_nonpoly_scheme.entity_id 
_pdbx_nonpoly_scheme.mon_id 
_pdbx_nonpoly_scheme.ndb_seq_num 
_pdbx_nonpoly_scheme.pdb_seq_num 
_pdbx_nonpoly_scheme.auth_seq_num 
_pdbx_nonpoly_scheme.pdb_mon_id 
_pdbx_nonpoly_scheme.auth_mon_id 
_pdbx_nonpoly_scheme.pdb_strand_id 
_pdbx_nonpoly_scheme.pdb_ins_code 
G 2 MOH 1  802  802  MOH MOH A . 
H 2 MOH 1  804  804  MOH MOH A . 
I 2 MOH 1  806  806  MOH MOH A . 
J 2 MOH 1  809  809  MOH MOH B . 
K 2 MOH 1  807  807  MOH MOH C . 
L 2 MOH 1  808  808  MOH MOH D . 
M 2 MOH 1  801  801  MOH MOH E . 
N 2 MOH 1  805  805  MOH MOH E . 
O 2 MOH 1  810  810  MOH MOH F . 
P 3 HOH 1  2001 2001 HOH HOH A . 
P 3 HOH 2  2002 2002 HOH HOH A . 
P 3 HOH 3  2003 2003 HOH HOH A . 
P 3 HOH 4  2004 2004 HOH HOH A . 
P 3 HOH 5  2005 2005 HOH HOH A . 
P 3 HOH 6  2006 2006 HOH HOH A . 
P 3 HOH 7  2007 2007 HOH HOH A . 
P 3 HOH 8  2008 2008 HOH HOH A . 
P 3 HOH 9  2009 2009 HOH HOH A . 
P 3 HOH 10 2010 2010 HOH HOH A . 
P 3 HOH 11 2011 2011 HOH HOH A . 
P 3 HOH 12 2012 2012 HOH HOH A . 
P 3 HOH 13 2013 2013 HOH HOH A . 
P 3 HOH 14 2014 2014 HOH HOH A . 
Q 3 HOH 1  2001 2001 HOH HOH B . 
Q 3 HOH 2  2002 2002 HOH HOH B . 
Q 3 HOH 3  2003 2003 HOH HOH B . 
Q 3 HOH 4  2004 2004 HOH HOH B . 
Q 3 HOH 5  2005 2005 HOH HOH B . 
Q 3 HOH 6  2006 2006 HOH HOH B . 
Q 3 HOH 7  2007 2007 HOH HOH B . 
Q 3 HOH 8  2008 2008 HOH HOH B . 
Q 3 HOH 9  2009 2009 HOH HOH B . 
Q 3 HOH 10 2010 2010 HOH HOH B . 
Q 3 HOH 11 2011 2011 HOH HOH B . 
Q 3 HOH 12 2012 2012 HOH HOH B . 
Q 3 HOH 13 2013 2013 HOH HOH B . 
Q 3 HOH 14 2014 2014 HOH HOH B . 
R 3 HOH 1  2001 2001 HOH HOH C . 
R 3 HOH 2  2002 2002 HOH HOH C . 
R 3 HOH 3  2003 2003 HOH HOH C . 
S 3 HOH 1  2001 2001 HOH HOH D . 
S 3 HOH 2  2002 2002 HOH HOH D . 
S 3 HOH 3  2003 2003 HOH HOH D . 
S 3 HOH 4  2004 2004 HOH HOH D . 
S 3 HOH 5  2005 2005 HOH HOH D . 
T 3 HOH 1  2001 2001 HOH HOH E . 
T 3 HOH 2  2002 2002 HOH HOH E . 
T 3 HOH 3  2003 2003 HOH HOH E . 
T 3 HOH 4  2004 2004 HOH HOH E . 
T 3 HOH 5  2005 2005 HOH HOH E . 
T 3 HOH 6  2006 2006 HOH HOH E . 
T 3 HOH 7  2007 2007 HOH HOH E . 
T 3 HOH 8  2008 2008 HOH HOH E . 
T 3 HOH 9  2009 2009 HOH HOH E . 
U 3 HOH 1  2001 2001 HOH HOH F . 
U 3 HOH 2  2002 2002 HOH HOH F . 
U 3 HOH 3  2003 2003 HOH HOH F . 
U 3 HOH 4  2004 2004 HOH HOH F . 
U 3 HOH 5  2005 2005 HOH HOH F . 
U 3 HOH 6  2006 2006 HOH HOH F . 
U 3 HOH 7  2007 2007 HOH HOH F . 
U 3 HOH 8  2008 2008 HOH HOH F . 
U 3 HOH 9  2009 2009 HOH HOH F . 
U 3 HOH 10 2010 2010 HOH HOH F . 
U 3 HOH 11 2011 2011 HOH HOH F . 
U 3 HOH 12 2012 2012 HOH HOH F . 
# 
loop_
_software.name 
_software.classification 
_software.version 
_software.citation_id 
_software.pdbx_ordinal 
_software.date 
_software.type 
_software.location 
_software.language 
SHELXL-97 refinement       . ? 1 ? ? ? ? 
DENZO     'data reduction' . ? 2 ? ? ? ? 
SCALEPACK 'data scaling'   . ? 3 ? ? ? ? 
SHELXL-97 phasing          . ? 4 ? ? ? ? 
# 
_cell.entry_id           1QOW 
_cell.length_a           46.090 
_cell.length_b           46.090 
_cell.length_c           31.020 
_cell.angle_alpha        90.00 
_cell.angle_beta         90.00 
_cell.angle_gamma        120.00 
_cell.Z_PDB              18 
_cell.pdbx_unique_axis   ? 
# 
_symmetry.entry_id                         1QOW 
_symmetry.space_group_name_H-M             'P 32' 
_symmetry.pdbx_full_space_group_name_H-M   ? 
_symmetry.cell_setting                     ? 
_symmetry.Int_Tables_number                145 
# 
_exptl.entry_id          1QOW 
_exptl.method            'X-RAY DIFFRACTION' 
_exptl.crystals_number   1 
# 
_exptl_crystal.id                    1 
_exptl_crystal.density_meas          ? 
_exptl_crystal.density_Matthews      1.73 
_exptl_crystal.density_percent_sol   28.84 
_exptl_crystal.description           ? 
_exptl_crystal.preparation           ? 
# 
_exptl_crystal_grow.crystal_id      1 
_exptl_crystal_grow.method          EVAPORATION 
_exptl_crystal_grow.temp            294 
_exptl_crystal_grow.temp_details    ? 
_exptl_crystal_grow.pH              7.00 
_exptl_crystal_grow.pdbx_pH_range   ? 
_exptl_crystal_grow.pdbx_details    
;LYOPHILIZED MERSACIDIN WAS DISSOLVED TO SATURATION IN METHANOL. CRYSTALS GREW AT ROOM TEMPERATURE BY SLOW EVAPORATION OF METHANOL FROM A 1:1 MIXTURE OF THE SATURATED SOLUTION WITH BENZENE AND REACHED A MAXIMUM SIZE OF 0.3 X 0.3 X 0.3 MM IN 10 DAYS., pH 7.00
;
# 
_diffrn.id                               1 
_diffrn.ambient_temp                     100.0 
_diffrn.ambient_temp_details             ? 
_diffrn.crystal_id                       1 
_diffrn.pdbx_serial_crystal_experiment   ? 
# 
_diffrn_detector.diffrn_id              1 
_diffrn_detector.detector               'IMAGE PLATE' 
_diffrn_detector.type                   MARRESEARCH 
_diffrn_detector.pdbx_collection_date   1994-10-15 
_diffrn_detector.details                ? 
# 
_diffrn_radiation.diffrn_id                        1 
_diffrn_radiation.wavelength_id                    1 
_diffrn_radiation.pdbx_monochromatic_or_laue_m_l   M 
_diffrn_radiation.monochromator                    ? 
_diffrn_radiation.pdbx_diffrn_protocol             'SINGLE WAVELENGTH' 
_diffrn_radiation.pdbx_scattering_type             x-ray 
# 
_diffrn_radiation_wavelength.id           1 
_diffrn_radiation_wavelength.wavelength   0.865 
_diffrn_radiation_wavelength.wt           1.0 
# 
_diffrn_source.diffrn_id                   1 
_diffrn_source.source                      SYNCHROTRON 
_diffrn_source.type                        'EMBL/DESY, HAMBURG BEAMLINE BW7B' 
_diffrn_source.pdbx_synchrotron_site       'EMBL/DESY, HAMBURG' 
_diffrn_source.pdbx_synchrotron_beamline   BW7B 
_diffrn_source.pdbx_wavelength             0.865 
_diffrn_source.pdbx_wavelength_list        ? 
# 
_reflns.pdbx_diffrn_id               1 
_reflns.pdbx_ordinal                 1 
_reflns.entry_id                     1QOW 
_reflns.observed_criterion_sigma_I   ? 
_reflns.observed_criterion_sigma_F   ? 
_reflns.d_resolution_low             39.900 
_reflns.d_resolution_high            1.060 
_reflns.number_obs                   33469 
_reflns.number_all                   ? 
_reflns.percent_possible_obs         100.0 
_reflns.pdbx_Rmerge_I_obs            0.04900 
_reflns.pdbx_Rsym_value              ? 
_reflns.pdbx_netI_over_sigmaI        14.9000 
_reflns.B_iso_Wilson_estimate        ? 
_reflns.pdbx_redundancy              4.900 
# 
_reflns_shell.pdbx_diffrn_id         1 
_reflns_shell.pdbx_ordinal           1 
_reflns_shell.d_res_high             1.06 
_reflns_shell.d_res_low              1.08 
_reflns_shell.percent_possible_all   99.6 
_reflns_shell.Rmerge_I_obs           0.36400 
_reflns_shell.pdbx_Rsym_value        ? 
_reflns_shell.meanI_over_sigI_obs    3.000 
_reflns_shell.pdbx_redundancy        2.90 
# 
_refine.pdbx_refine_id                           'X-RAY DIFFRACTION' 
_refine.entry_id                                 1QOW 
_refine.pdbx_diffrn_id                           1 
_refine.pdbx_TLS_residual_ADP_flag               ? 
_refine.ls_number_reflns_obs                     ? 
_refine.ls_number_reflns_all                     33449 
_refine.pdbx_ls_sigma_I                          ? 
_refine.pdbx_ls_sigma_F                          0.0 
_refine.pdbx_data_cutoff_high_absF               ? 
_refine.pdbx_data_cutoff_low_absF                ? 
_refine.pdbx_data_cutoff_high_rms_absF           ? 
_refine.ls_d_res_low                             40.0 
_refine.ls_d_res_high                            1.06 
_refine.ls_percent_reflns_obs                    99.9 
_refine.ls_R_factor_obs                          0.1414 
_refine.ls_R_factor_all                          0.1414 
_refine.ls_R_factor_R_work                       ? 
_refine.ls_R_factor_R_free                       ? 
_refine.ls_R_factor_R_free_error                 ? 
_refine.ls_R_factor_R_free_error_details         ? 
_refine.ls_percent_reflns_R_free                 ? 
_refine.ls_number_reflns_R_free                  ? 
_refine.ls_number_parameters                     7438 
_refine.ls_number_restraints                     10782 
_refine.occupancy_min                            ? 
_refine.occupancy_max                            ? 
_refine.correlation_coeff_Fo_to_Fc               ? 
_refine.correlation_coeff_Fo_to_Fc_free          ? 
_refine.B_iso_mean                               ? 
_refine.aniso_B[1][1]                            ? 
_refine.aniso_B[2][2]                            ? 
_refine.aniso_B[3][3]                            ? 
_refine.aniso_B[1][2]                            ? 
_refine.aniso_B[1][3]                            ? 
_refine.aniso_B[2][3]                            ? 
_refine.solvent_model_details                    'MOEWS & KRETSINGER, J.MOL.BIOL.91(1973)201-2' 
_refine.solvent_model_param_ksol                 ? 
_refine.solvent_model_param_bsol                 ? 
_refine.pdbx_solvent_vdw_probe_radii             ? 
_refine.pdbx_solvent_ion_probe_radii             ? 
_refine.pdbx_solvent_shrinkage_radii             ? 
_refine.pdbx_ls_cross_valid_method               'FREE R-VALUE' 
_refine.details                                  
;MEROHEDRAL TWINNING: THE CRYSTAL WAS MEROHEDRALLY TWINNED. THE EFFECT OF MEROHEDRAL WAS TAKEN INTO ACCOUNT EMPLOYING THE METHOD OF PRATT ET AL., J.CHEM.SOC.(A)(1971)2146-2151 AND JAMESON ET AL., ACTA CRYST.B54 (1982)443-449 AS IMPLEMENTED IN SHELXL-97 USING THE TWIN MATRIX: (0 1 0 1 0 0 0 0 -1). THE SIX MOLECULES IN THE ASYMMETRIC UNIT ARE ARRANGED WITH APPROXIMATE 32 (D3) POINT GROUP SYMMETRY AND CAN BE DESCRIBED AS A DIMER OF TRIMERS. THE TWO FOLD AXIS RUNS ALONG THE SHORT DIAGONAL OF THE A*B* PLANE.
;
_refine.pdbx_starting_model                      ? 
_refine.pdbx_method_to_determine_struct          HALF-BAKED 
_refine.pdbx_isotropic_thermal_model             ? 
_refine.pdbx_stereochemistry_target_values       'ENGH AND HUBER' 
_refine.pdbx_stereochem_target_val_spec_case     'SIMILARITY RESTRAINTS FOR NON-STANDARD RESIDUES AS IMPLEMENTED IN SHELXL97' 
_refine.pdbx_R_Free_selection_details            RANDOM 
_refine.pdbx_overall_ESU_R                       ? 
_refine.pdbx_overall_ESU_R_Free                  ? 
_refine.overall_SU_ML                            ? 
_refine.pdbx_overall_phase_error                 ? 
_refine.overall_SU_B                             ? 
_refine.overall_SU_R_Cruickshank_DPI             ? 
_refine.pdbx_overall_SU_R_free_Cruickshank_DPI   ? 
_refine.pdbx_overall_SU_R_Blow_DPI               ? 
_refine.pdbx_overall_SU_R_free_Blow_DPI          ? 
# 
_refine_analyze.pdbx_refine_id                  'X-RAY DIFFRACTION' 
_refine_analyze.entry_id                        1QOW 
_refine_analyze.Luzzati_coordinate_error_obs    ? 
_refine_analyze.Luzzati_sigma_a_obs             ? 
_refine_analyze.Luzzati_d_res_low_obs           ? 
_refine_analyze.Luzzati_coordinate_error_free   ? 
_refine_analyze.Luzzati_sigma_a_free            ? 
_refine_analyze.Luzzati_d_res_low_free          ? 
_refine_analyze.number_disordered_residues      0 
_refine_analyze.occupancy_sum_hydrogen          719.00 
_refine_analyze.occupancy_sum_non_hydrogen      826.00 
# 
_refine_hist.pdbx_refine_id                   'X-RAY DIFFRACTION' 
_refine_hist.cycle_id                         LAST 
_refine_hist.pdbx_number_atoms_protein        750 
_refine_hist.pdbx_number_atoms_nucleic_acid   0 
_refine_hist.pdbx_number_atoms_ligand         18 
_refine_hist.number_atoms_solvent             57 
_refine_hist.number_atoms_total               825 
_refine_hist.d_res_high                       1.06 
_refine_hist.d_res_low                        40.0 
# 
loop_
_refine_ls_restr.type 
_refine_ls_restr.dev_ideal 
_refine_ls_restr.dev_ideal_target 
_refine_ls_restr.weight 
_refine_ls_restr.number 
_refine_ls_restr.pdbx_refine_id 
_refine_ls_restr.pdbx_restraint_function 
s_bond_d               0.013  ? ? ? 'X-RAY DIFFRACTION' ? 
s_angle_d              0.034  ? ? ? 'X-RAY DIFFRACTION' ? 
s_similar_dist         0.017  ? ? ? 'X-RAY DIFFRACTION' ? 
s_from_restr_planes    0.0270 ? ? ? 'X-RAY DIFFRACTION' ? 
s_zero_chiral_vol      0.069  ? ? ? 'X-RAY DIFFRACTION' ? 
s_non_zero_chiral_vol  0.061  ? ? ? 'X-RAY DIFFRACTION' ? 
s_anti_bump_dis_restr  0.016  ? ? ? 'X-RAY DIFFRACTION' ? 
s_rigid_bond_adp_cmpnt 0.005  ? ? ? 'X-RAY DIFFRACTION' ? 
s_similar_adp_cmpnt    0.052  ? ? ? 'X-RAY DIFFRACTION' ? 
s_approx_iso_adps      0.068  ? ? ? 'X-RAY DIFFRACTION' ? 
# 
_pdbx_refine.pdbx_refine_id                              'X-RAY DIFFRACTION' 
_pdbx_refine.entry_id                                    1QOW 
_pdbx_refine.R_factor_all_no_cutoff                      0.1414 
_pdbx_refine.R_factor_obs_no_cutoff                      0.1414 
_pdbx_refine.free_R_factor_no_cutoff                     ? 
_pdbx_refine.free_R_error_no_cutoff                      ? 
_pdbx_refine.free_R_val_test_set_size_perc_no_cutoff     ? 
_pdbx_refine.free_R_val_test_set_ct_no_cutoff            ? 
_pdbx_refine.R_factor_all_4sig_cutoff                    0.1335 
_pdbx_refine.R_factor_obs_4sig_cutoff                    ? 
_pdbx_refine.free_R_factor_4sig_cutoff                   ? 
_pdbx_refine.free_R_val_test_set_size_perc_4sig_cutoff   ? 
_pdbx_refine.free_R_val_test_set_ct_4sig_cutoff          ? 
_pdbx_refine.number_reflns_obs_4sig_cutoff               29862 
# 
_struct.entry_id                  1QOW 
_struct.title                     'Mersacidin from Bacillus' 
_struct.pdbx_model_details        ? 
_struct.pdbx_CASP_flag            ? 
_struct.pdbx_model_type_details   ? 
# 
_struct_keywords.entry_id        1QOW 
_struct_keywords.pdbx_keywords   ANTIBIOTIC 
_struct_keywords.text            'LANTIBIOTIC, ANTIBIOTIC, METHICILLIN RESISTANCE, THIOESTER, TYPE B LANTIBIOTIC, LANTHIONINE' 
# 
loop_
_struct_asym.id 
_struct_asym.pdbx_blank_PDB_chainid_flag 
_struct_asym.pdbx_modified 
_struct_asym.entity_id 
_struct_asym.details 
A N N 1 ? 
B N N 1 ? 
C N N 1 ? 
D N N 1 ? 
E N N 1 ? 
F N N 1 ? 
G N N 2 ? 
H N N 2 ? 
I N N 2 ? 
J N N 2 ? 
K N N 2 ? 
L N N 2 ? 
M N N 2 ? 
N N N 2 ? 
O N N 2 ? 
P N N 3 ? 
Q N N 3 ? 
R N N 3 ? 
S N N 3 ? 
T N N 3 ? 
U N N 3 ? 
# 
_struct_ref.id                         1 
_struct_ref.db_name                    UNP 
_struct_ref.db_code                    MRSA_BACSP 
_struct_ref.entity_id                  1 
_struct_ref.pdbx_seq_one_letter_code   ? 
_struct_ref.pdbx_align_begin           ? 
_struct_ref.pdbx_db_accession          P43683 
_struct_ref.pdbx_db_isoform            ? 
# 
loop_
_struct_ref_seq.align_id 
_struct_ref_seq.ref_id 
_struct_ref_seq.pdbx_PDB_id_code 
_struct_ref_seq.pdbx_strand_id 
_struct_ref_seq.seq_align_beg 
_struct_ref_seq.pdbx_seq_align_beg_ins_code 
_struct_ref_seq.seq_align_end 
_struct_ref_seq.pdbx_seq_align_end_ins_code 
_struct_ref_seq.pdbx_db_accession 
_struct_ref_seq.db_align_beg 
_struct_ref_seq.pdbx_db_align_beg_ins_code 
_struct_ref_seq.db_align_end 
_struct_ref_seq.pdbx_db_align_end_ins_code 
_struct_ref_seq.pdbx_auth_seq_align_beg 
_struct_ref_seq.pdbx_auth_seq_align_end 
1 1 1QOW A 1 ? 20 ? P43683 49 ? 68 ? 1 20 
2 1 1QOW B 1 ? 20 ? P43683 49 ? 68 ? 1 20 
3 1 1QOW C 1 ? 20 ? P43683 49 ? 68 ? 1 20 
4 1 1QOW D 1 ? 20 ? P43683 49 ? 68 ? 1 20 
5 1 1QOW E 1 ? 20 ? P43683 49 ? 68 ? 1 20 
6 1 1QOW F 1 ? 20 ? P43683 49 ? 68 ? 1 20 
# 
_pdbx_struct_assembly.id                   1 
_pdbx_struct_assembly.details              software_defined_assembly 
_pdbx_struct_assembly.method_details       PISA 
_pdbx_struct_assembly.oligomeric_details   hexameric 
_pdbx_struct_assembly.oligomeric_count     6 
# 
loop_
_pdbx_struct_assembly_prop.biol_id 
_pdbx_struct_assembly_prop.type 
_pdbx_struct_assembly_prop.value 
_pdbx_struct_assembly_prop.details 
1 'ABSA (A^2)' 6730  ? 
1 MORE         -70.4 ? 
1 'SSA (A^2)'  6040  ? 
# 
_pdbx_struct_assembly_gen.assembly_id       1 
_pdbx_struct_assembly_gen.oper_expression   1 
_pdbx_struct_assembly_gen.asym_id_list      A,B,C,D,E,F,G,H,I,J,K,L,M,N,O,P,Q,R,S,T,U 
# 
_pdbx_struct_oper_list.id                   1 
_pdbx_struct_oper_list.type                 'identity operation' 
_pdbx_struct_oper_list.name                 1_555 
_pdbx_struct_oper_list.symmetry_operation   x,y,z 
_pdbx_struct_oper_list.matrix[1][1]         1.0000000000 
_pdbx_struct_oper_list.matrix[1][2]         0.0000000000 
_pdbx_struct_oper_list.matrix[1][3]         0.0000000000 
_pdbx_struct_oper_list.vector[1]            0.0000000000 
_pdbx_struct_oper_list.matrix[2][1]         0.0000000000 
_pdbx_struct_oper_list.matrix[2][2]         1.0000000000 
_pdbx_struct_oper_list.matrix[2][3]         0.0000000000 
_pdbx_struct_oper_list.vector[2]            0.0000000000 
_pdbx_struct_oper_list.matrix[3][1]         0.0000000000 
_pdbx_struct_oper_list.matrix[3][2]         0.0000000000 
_pdbx_struct_oper_list.matrix[3][3]         1.0000000000 
_pdbx_struct_oper_list.vector[3]            0.0000000000 
# 
loop_
_struct_conn.id 
_struct_conn.conn_type_id 
_struct_conn.pdbx_leaving_atom_flag 
_struct_conn.pdbx_PDB_id 
_struct_conn.ptnr1_label_asym_id 
_struct_conn.ptnr1_label_comp_id 
_struct_conn.ptnr1_label_seq_id 
_struct_conn.ptnr1_label_atom_id 
_struct_conn.pdbx_ptnr1_label_alt_id 
_struct_conn.pdbx_ptnr1_PDB_ins_code 
_struct_conn.pdbx_ptnr1_standard_comp_id 
_struct_conn.ptnr1_symmetry 
_struct_conn.ptnr2_label_asym_id 
_struct_conn.ptnr2_label_comp_id 
_struct_conn.ptnr2_label_seq_id 
_struct_conn.ptnr2_label_atom_id 
_struct_conn.pdbx_ptnr2_label_alt_id 
_struct_conn.pdbx_ptnr2_PDB_ins_code 
_struct_conn.ptnr1_auth_asym_id 
_struct_conn.ptnr1_auth_comp_id 
_struct_conn.ptnr1_auth_seq_id 
_struct_conn.ptnr2_auth_asym_id 
_struct_conn.ptnr2_auth_comp_id 
_struct_conn.ptnr2_auth_seq_id 
_struct_conn.ptnr2_symmetry 
_struct_conn.pdbx_ptnr3_label_atom_id 
_struct_conn.pdbx_ptnr3_label_seq_id 
_struct_conn.pdbx_ptnr3_label_comp_id 
_struct_conn.pdbx_ptnr3_label_asym_id 
_struct_conn.pdbx_ptnr3_label_alt_id 
_struct_conn.pdbx_ptnr3_PDB_ins_code 
_struct_conn.details 
_struct_conn.pdbx_dist_value 
_struct_conn.pdbx_value_order 
_struct_conn.pdbx_role 
covale1  covale both ? A CYS 1  C  ? ? ? 1_555 A DBB 2  N  ? ? A CYS 1  A DBB 2  1_555 ? ? ? ? ? ? ? 1.317 ? ? 
covale2  covale one  ? A CYS 1  SG ? ? ? 1_555 A DBB 2  CB ? ? A CYS 1  A DBB 2  1_555 ? ? ? ? ? ? ? 1.792 ? ? 
covale3  covale both ? A DBB 2  C  ? ? ? 1_555 A PHE 3  N  ? ? A DBB 2  A PHE 3  1_555 ? ? ? ? ? ? ? 1.344 ? ? 
covale4  covale both ? A PHE 3  C  ? ? ? 1_555 A DBB 4  N  ? ? A PHE 3  A DBB 4  1_555 ? ? ? ? ? ? ? 1.321 ? ? 
covale5  covale both ? A DBB 4  C  ? ? ? 1_555 A LEU 5  N  ? ? A DBB 4  A LEU 5  1_555 ? ? ? ? ? ? ? 1.344 ? ? 
covale6  covale one  ? A DBB 4  CB ? ? ? 1_555 A CYS 12 SG ? ? A DBB 4  A CYS 12 1_555 ? ? ? ? ? ? ? 1.810 ? ? 
covale7  covale both ? A CYS 12 C  ? ? ? 1_555 A DBB 13 N  ? ? A CYS 12 A DBB 13 1_555 ? ? ? ? ? ? ? 1.324 ? ? 
covale8  covale both ? A DBB 13 C  ? ? ? 1_555 A LEU 14 N  ? ? A DBB 13 A LEU 14 1_555 ? ? ? ? ? ? ? 1.334 ? ? 
covale9  covale one  ? A DBB 13 CB ? ? ? 1_555 A CYS 18 SG ? ? A DBB 13 A CYS 18 1_555 ? ? ? ? ? ? ? 1.805 ? ? 
covale10 covale both ? A LEU 14 C  ? ? ? 1_555 A DBB 15 N  ? ? A LEU 14 A DBB 15 1_555 ? ? ? ? ? ? ? 1.326 ? ? 
covale11 covale both ? A DBB 15 C  ? ? ? 1_555 A DHA 16 N  ? ? A DBB 15 A DHA 16 1_555 ? ? ? ? ? ? ? 1.326 ? ? 
covale12 covale both ? A DBB 15 CB ? ? ? 1_555 A TEE 20 SG ? ? A DBB 15 A TEE 20 1_555 ? ? ? ? ? ? ? 1.828 ? ? 
covale13 covale both ? A DHA 16 C  ? ? ? 1_555 A GLU 17 N  ? ? A DHA 16 A GLU 17 1_555 ? ? ? ? ? ? ? 1.355 ? ? 
covale14 covale both ? A ILE 19 C  ? ? ? 1_555 A TEE 20 N  ? ? A ILE 19 A TEE 20 1_555 ? ? ? ? ? ? ? 1.339 ? ? 
covale15 covale both ? B CYS 1  C  ? ? ? 1_555 B DBB 2  N  ? ? B CYS 1  B DBB 2  1_555 ? ? ? ? ? ? ? 1.312 ? ? 
covale16 covale one  ? B CYS 1  SG ? ? ? 1_555 B DBB 2  CB ? ? B CYS 1  B DBB 2  1_555 ? ? ? ? ? ? ? 1.818 ? ? 
covale17 covale both ? B DBB 2  C  ? ? ? 1_555 B PHE 3  N  ? ? B DBB 2  B PHE 3  1_555 ? ? ? ? ? ? ? 1.330 ? ? 
covale18 covale both ? B PHE 3  C  ? ? ? 1_555 B DBB 4  N  ? ? B PHE 3  B DBB 4  1_555 ? ? ? ? ? ? ? 1.341 ? ? 
covale19 covale both ? B DBB 4  C  ? ? ? 1_555 B LEU 5  N  ? ? B DBB 4  B LEU 5  1_555 ? ? ? ? ? ? ? 1.327 ? ? 
covale20 covale one  ? B DBB 4  CB ? ? ? 1_555 B CYS 12 SG ? ? B DBB 4  B CYS 12 1_555 ? ? ? ? ? ? ? 1.810 ? ? 
covale21 covale both ? B CYS 12 C  ? ? ? 1_555 B DBB 13 N  ? ? B CYS 12 B DBB 13 1_555 ? ? ? ? ? ? ? 1.328 ? ? 
covale22 covale both ? B DBB 13 C  ? ? ? 1_555 B LEU 14 N  ? ? B DBB 13 B LEU 14 1_555 ? ? ? ? ? ? ? 1.322 ? ? 
covale23 covale one  ? B DBB 13 CB ? ? ? 1_555 B CYS 18 SG ? ? B DBB 13 B CYS 18 1_555 ? ? ? ? ? ? ? 1.798 ? ? 
covale24 covale both ? B LEU 14 C  ? ? ? 1_555 B DBB 15 N  ? ? B LEU 14 B DBB 15 1_555 ? ? ? ? ? ? ? 1.331 ? ? 
covale25 covale both ? B DBB 15 C  ? ? ? 1_555 B DHA 16 N  ? ? B DBB 15 B DHA 16 1_555 ? ? ? ? ? ? ? 1.332 ? ? 
covale26 covale both ? B DBB 15 CB ? ? ? 1_555 B TEE 20 SG ? ? B DBB 15 B TEE 20 1_555 ? ? ? ? ? ? ? 1.828 ? ? 
covale27 covale both ? B DHA 16 C  ? ? ? 1_555 B GLU 17 N  ? ? B DHA 16 B GLU 17 1_555 ? ? ? ? ? ? ? 1.348 ? ? 
covale28 covale both ? B ILE 19 C  ? ? ? 1_555 B TEE 20 N  ? ? B ILE 19 B TEE 20 1_555 ? ? ? ? ? ? ? 1.338 ? ? 
covale29 covale both ? C CYS 1  C  ? ? ? 1_555 C DBB 2  N  ? ? C CYS 1  C DBB 2  1_555 ? ? ? ? ? ? ? 1.314 ? ? 
covale30 covale one  ? C CYS 1  SG ? ? ? 1_555 C DBB 2  CB ? ? C CYS 1  C DBB 2  1_555 ? ? ? ? ? ? ? 1.807 ? ? 
covale31 covale both ? C DBB 2  C  ? ? ? 1_555 C PHE 3  N  ? ? C DBB 2  C PHE 3  1_555 ? ? ? ? ? ? ? 1.327 ? ? 
covale32 covale both ? C PHE 3  C  ? ? ? 1_555 C DBB 4  N  ? ? C PHE 3  C DBB 4  1_555 ? ? ? ? ? ? ? 1.322 ? ? 
covale33 covale both ? C DBB 4  C  ? ? ? 1_555 C LEU 5  N  ? ? C DBB 4  C LEU 5  1_555 ? ? ? ? ? ? ? 1.331 ? ? 
covale34 covale one  ? C DBB 4  CB ? ? ? 1_555 C CYS 12 SG ? ? C DBB 4  C CYS 12 1_555 ? ? ? ? ? ? ? 1.814 ? ? 
covale35 covale both ? C CYS 12 C  ? ? ? 1_555 C DBB 13 N  ? ? C CYS 12 C DBB 13 1_555 ? ? ? ? ? ? ? 1.337 ? ? 
covale36 covale both ? C DBB 13 C  ? ? ? 1_555 C LEU 14 N  ? ? C DBB 13 C LEU 14 1_555 ? ? ? ? ? ? ? 1.324 ? ? 
covale37 covale one  ? C DBB 13 CB ? ? ? 1_555 C CYS 18 SG ? ? C DBB 13 C CYS 18 1_555 ? ? ? ? ? ? ? 1.809 ? ? 
covale38 covale both ? C LEU 14 C  ? ? ? 1_555 C DBB 15 N  ? ? C LEU 14 C DBB 15 1_555 ? ? ? ? ? ? ? 1.330 ? ? 
covale39 covale both ? C DBB 15 C  ? ? ? 1_555 C DHA 16 N  ? ? C DBB 15 C DHA 16 1_555 ? ? ? ? ? ? ? 1.327 ? ? 
covale40 covale both ? C DBB 15 CB ? ? ? 1_555 C TEE 20 SG ? ? C DBB 15 C TEE 20 1_555 ? ? ? ? ? ? ? 1.826 ? ? 
covale41 covale both ? C DHA 16 C  ? ? ? 1_555 C GLU 17 N  ? ? C DHA 16 C GLU 17 1_555 ? ? ? ? ? ? ? 1.336 ? ? 
covale42 covale both ? C ILE 19 C  ? ? ? 1_555 C TEE 20 N  ? ? C ILE 19 C TEE 20 1_555 ? ? ? ? ? ? ? 1.337 ? ? 
covale43 covale both ? D CYS 1  C  ? ? ? 1_555 D DBB 2  N  ? ? D CYS 1  D DBB 2  1_555 ? ? ? ? ? ? ? 1.314 ? ? 
covale44 covale one  ? D CYS 1  SG ? ? ? 1_555 D DBB 2  CB ? ? D CYS 1  D DBB 2  1_555 ? ? ? ? ? ? ? 1.801 ? ? 
covale45 covale both ? D DBB 2  C  ? ? ? 1_555 D PHE 3  N  ? ? D DBB 2  D PHE 3  1_555 ? ? ? ? ? ? ? 1.326 ? ? 
covale46 covale both ? D PHE 3  C  ? ? ? 1_555 D DBB 4  N  ? ? D PHE 3  D DBB 4  1_555 ? ? ? ? ? ? ? 1.328 ? ? 
covale47 covale both ? D DBB 4  C  ? ? ? 1_555 D LEU 5  N  ? ? D DBB 4  D LEU 5  1_555 ? ? ? ? ? ? ? 1.336 ? ? 
covale48 covale one  ? D DBB 4  CB ? ? ? 1_555 D CYS 12 SG ? ? D DBB 4  D CYS 12 1_555 ? ? ? ? ? ? ? 1.797 ? ? 
covale49 covale both ? D CYS 12 C  ? ? ? 1_555 D DBB 13 N  ? ? D CYS 12 D DBB 13 1_555 ? ? ? ? ? ? ? 1.330 ? ? 
covale50 covale both ? D DBB 13 C  ? ? ? 1_555 D LEU 14 N  ? ? D DBB 13 D LEU 14 1_555 ? ? ? ? ? ? ? 1.349 ? ? 
covale51 covale one  ? D DBB 13 CB ? ? ? 1_555 D CYS 18 SG ? ? D DBB 13 D CYS 18 1_555 ? ? ? ? ? ? ? 1.816 ? ? 
covale52 covale both ? D LEU 14 C  ? ? ? 1_555 D DBB 15 N  ? ? D LEU 14 D DBB 15 1_555 ? ? ? ? ? ? ? 1.329 ? ? 
covale53 covale both ? D DBB 15 C  ? ? ? 1_555 D DHA 16 N  ? ? D DBB 15 D DHA 16 1_555 ? ? ? ? ? ? ? 1.329 ? ? 
covale54 covale both ? D DBB 15 CB ? ? ? 1_555 D TEE 20 SG ? ? D DBB 15 D TEE 20 1_555 ? ? ? ? ? ? ? 1.823 ? ? 
covale55 covale both ? D DHA 16 C  ? ? ? 1_555 D GLU 17 N  ? ? D DHA 16 D GLU 17 1_555 ? ? ? ? ? ? ? 1.305 ? ? 
covale56 covale both ? D ILE 19 C  ? ? ? 1_555 D TEE 20 N  ? ? D ILE 19 D TEE 20 1_555 ? ? ? ? ? ? ? 1.337 ? ? 
covale57 covale both ? E CYS 1  C  ? ? ? 1_555 E DBB 2  N  ? ? E CYS 1  E DBB 2  1_555 ? ? ? ? ? ? ? 1.321 ? ? 
covale58 covale one  ? E CYS 1  SG ? ? ? 1_555 E DBB 2  CB ? ? E CYS 1  E DBB 2  1_555 ? ? ? ? ? ? ? 1.803 ? ? 
covale59 covale both ? E DBB 2  C  ? ? ? 1_555 E PHE 3  N  ? ? E DBB 2  E PHE 3  1_555 ? ? ? ? ? ? ? 1.363 ? ? 
covale60 covale both ? E PHE 3  C  ? ? ? 1_555 E DBB 4  N  ? ? E PHE 3  E DBB 4  1_555 ? ? ? ? ? ? ? 1.325 ? ? 
covale61 covale both ? E DBB 4  C  ? ? ? 1_555 E LEU 5  N  ? ? E DBB 4  E LEU 5  1_555 ? ? ? ? ? ? ? 1.338 ? ? 
covale62 covale one  ? E DBB 4  CB ? ? ? 1_555 E CYS 12 SG ? ? E DBB 4  E CYS 12 1_555 ? ? ? ? ? ? ? 1.823 ? ? 
covale63 covale both ? E CYS 12 C  ? ? ? 1_555 E DBB 13 N  ? ? E CYS 12 E DBB 13 1_555 ? ? ? ? ? ? ? 1.351 ? ? 
covale64 covale both ? E DBB 13 C  ? ? ? 1_555 E LEU 14 N  ? ? E DBB 13 E LEU 14 1_555 ? ? ? ? ? ? ? 1.329 ? ? 
covale65 covale one  ? E DBB 13 CB ? ? ? 1_555 E CYS 18 SG ? ? E DBB 13 E CYS 18 1_555 ? ? ? ? ? ? ? 1.804 ? ? 
covale66 covale both ? E LEU 14 C  ? ? ? 1_555 E DBB 15 N  ? ? E LEU 14 E DBB 15 1_555 ? ? ? ? ? ? ? 1.310 ? ? 
covale67 covale both ? E DBB 15 C  ? ? ? 1_555 E DHA 16 N  ? ? E DBB 15 E DHA 16 1_555 ? ? ? ? ? ? ? 1.336 ? ? 
covale68 covale both ? E DBB 15 CB ? ? ? 1_555 E TEE 20 SG ? ? E DBB 15 E TEE 20 1_555 ? ? ? ? ? ? ? 1.824 ? ? 
covale69 covale both ? E DHA 16 C  ? ? ? 1_555 E GLU 17 N  ? ? E DHA 16 E GLU 17 1_555 ? ? ? ? ? ? ? 1.328 ? ? 
covale70 covale both ? E ILE 19 C  ? ? ? 1_555 E TEE 20 N  ? ? E ILE 19 E TEE 20 1_555 ? ? ? ? ? ? ? 1.334 ? ? 
covale71 covale one  ? F CYS 1  SG ? ? ? 1_555 F DBB 2  CB ? ? F CYS 1  F DBB 2  1_555 ? ? ? ? ? ? ? 1.790 ? ? 
covale72 covale both ? F CYS 1  C  ? ? ? 1_555 F DBB 2  N  ? ? F CYS 1  F DBB 2  1_555 ? ? ? ? ? ? ? 1.309 ? ? 
covale73 covale both ? F DBB 2  C  ? ? ? 1_555 F PHE 3  N  ? ? F DBB 2  F PHE 3  1_555 ? ? ? ? ? ? ? 1.326 ? ? 
covale74 covale both ? F PHE 3  C  ? ? ? 1_555 F DBB 4  N  ? ? F PHE 3  F DBB 4  1_555 ? ? ? ? ? ? ? 1.320 ? ? 
covale75 covale both ? F DBB 4  C  ? ? ? 1_555 F LEU 5  N  ? ? F DBB 4  F LEU 5  1_555 ? ? ? ? ? ? ? 1.333 ? ? 
covale76 covale one  ? F DBB 4  CB ? ? ? 1_555 F CYS 12 SG ? ? F DBB 4  F CYS 12 1_555 ? ? ? ? ? ? ? 1.827 ? ? 
covale77 covale both ? F CYS 12 C  ? ? ? 1_555 F DBB 13 N  ? ? F CYS 12 F DBB 13 1_555 ? ? ? ? ? ? ? 1.338 ? ? 
covale78 covale both ? F DBB 13 C  ? ? ? 1_555 F LEU 14 N  ? ? F DBB 13 F LEU 14 1_555 ? ? ? ? ? ? ? 1.321 ? ? 
covale79 covale one  ? F DBB 13 CB ? ? ? 1_555 F CYS 18 SG ? ? F DBB 13 F CYS 18 1_555 ? ? ? ? ? ? ? 1.808 ? ? 
covale80 covale both ? F LEU 14 C  ? ? ? 1_555 F DBB 15 N  ? ? F LEU 14 F DBB 15 1_555 ? ? ? ? ? ? ? 1.333 ? ? 
covale81 covale both ? F DBB 15 C  ? ? ? 1_555 F DHA 16 N  ? ? F DBB 15 F DHA 16 1_555 ? ? ? ? ? ? ? 1.342 ? ? 
covale82 covale both ? F DBB 15 CB ? ? ? 1_555 F TEE 20 SG ? ? F DBB 15 F TEE 20 1_555 ? ? ? ? ? ? ? 1.828 ? ? 
covale83 covale both ? F DHA 16 C  ? ? ? 1_555 F GLU 17 N  ? ? F DHA 16 F GLU 17 1_555 ? ? ? ? ? ? ? 1.333 ? ? 
covale84 covale both ? F ILE 19 C  ? ? ? 1_555 F TEE 20 N  ? ? F ILE 19 F TEE 20 1_555 ? ? ? ? ? ? ? 1.340 ? ? 
# 
_struct_conn_type.id          covale 
_struct_conn_type.criteria    ? 
_struct_conn_type.reference   ? 
# 
loop_
_struct_mon_prot_cis.pdbx_id 
_struct_mon_prot_cis.label_comp_id 
_struct_mon_prot_cis.label_seq_id 
_struct_mon_prot_cis.label_asym_id 
_struct_mon_prot_cis.label_alt_id 
_struct_mon_prot_cis.pdbx_PDB_ins_code 
_struct_mon_prot_cis.auth_comp_id 
_struct_mon_prot_cis.auth_seq_id 
_struct_mon_prot_cis.auth_asym_id 
_struct_mon_prot_cis.pdbx_label_comp_id_2 
_struct_mon_prot_cis.pdbx_label_seq_id_2 
_struct_mon_prot_cis.pdbx_label_asym_id_2 
_struct_mon_prot_cis.pdbx_PDB_ins_code_2 
_struct_mon_prot_cis.pdbx_auth_comp_id_2 
_struct_mon_prot_cis.pdbx_auth_seq_id_2 
_struct_mon_prot_cis.pdbx_auth_asym_id_2 
_struct_mon_prot_cis.pdbx_PDB_model_num 
_struct_mon_prot_cis.pdbx_omega_angle 
1 CYS 1 A . ? CYS 1 A DBB 2 A ? DBB 2 A 1 2.72 
2 CYS 1 B . ? CYS 1 B DBB 2 B ? DBB 2 B 1 1.38 
3 CYS 1 C . ? CYS 1 C DBB 2 C ? DBB 2 C 1 1.08 
4 CYS 1 D . ? CYS 1 D DBB 2 D ? DBB 2 D 1 3.20 
5 CYS 1 E . ? CYS 1 E DBB 2 E ? DBB 2 E 1 1.56 
6 CYS 1 F . ? CYS 1 F DBB 2 F ? DBB 2 F 1 2.60 
# 
loop_
_struct_site.id 
_struct_site.pdbx_evidence_code 
_struct_site.pdbx_auth_asym_id 
_struct_site.pdbx_auth_comp_id 
_struct_site.pdbx_auth_seq_id 
_struct_site.pdbx_auth_ins_code 
_struct_site.pdbx_num_residues 
_struct_site.details 
AC1 Software ? ? ? ? 35 'BINDING SITE FOR CHAIN A OF MERSACIDIN' 
AC2 Software ? ? ? ? 35 'BINDING SITE FOR CHAIN B OF MERSACIDIN' 
AC3 Software ? ? ? ? 20 'BINDING SITE FOR CHAIN C OF MERSACIDIN' 
AC4 Software ? ? ? ? 27 'BINDING SITE FOR CHAIN D OF MERSACIDIN' 
AC5 Software ? ? ? ? 30 'BINDING SITE FOR CHAIN E OF MERSACIDIN' 
AC6 Software ? ? ? ? 38 'BINDING SITE FOR CHAIN F OF MERSACIDIN' 
# 
loop_
_struct_site_gen.id 
_struct_site_gen.site_id 
_struct_site_gen.pdbx_num_res 
_struct_site_gen.label_comp_id 
_struct_site_gen.label_asym_id 
_struct_site_gen.label_seq_id 
_struct_site_gen.pdbx_auth_ins_code 
_struct_site_gen.auth_comp_id 
_struct_site_gen.auth_asym_id 
_struct_site_gen.auth_seq_id 
_struct_site_gen.label_atom_id 
_struct_site_gen.label_alt_id 
_struct_site_gen.symmetry 
_struct_site_gen.details 
1   AC1 35 HOH P .  ? HOH A 2001 . ? 1_555 ? 
2   AC1 35 HOH P .  ? HOH A 2002 . ? 1_555 ? 
3   AC1 35 HOH P .  ? HOH A 2003 . ? 1_555 ? 
4   AC1 35 HOH P .  ? HOH A 2004 . ? 1_555 ? 
5   AC1 35 HOH P .  ? HOH A 2005 . ? 1_555 ? 
6   AC1 35 HOH P .  ? HOH A 2006 . ? 1_555 ? 
7   AC1 35 HOH P .  ? HOH A 2007 . ? 1_555 ? 
8   AC1 35 HOH P .  ? HOH A 2008 . ? 1_555 ? 
9   AC1 35 HOH P .  ? HOH A 2009 . ? 1_555 ? 
10  AC1 35 HOH P .  ? HOH A 2010 . ? 1_555 ? 
11  AC1 35 HOH P .  ? HOH A 2011 . ? 1_555 ? 
12  AC1 35 HOH P .  ? HOH A 2014 . ? 1_555 ? 
13  AC1 35 GLY B 7  ? GLY B 7    . ? 2_665 ? 
14  AC1 35 GLY B 8  ? GLY B 8    . ? 2_665 ? 
15  AC1 35 GLY B 10 ? GLY B 10   . ? 2_665 ? 
16  AC1 35 VAL B 11 ? VAL B 11   . ? 2_665 ? 
17  AC1 35 DHA B 16 ? DHA B 16   . ? 1_555 ? 
18  AC1 35 GLU B 17 ? GLU B 17   . ? 1_555 ? 
19  AC1 35 CYS B 18 ? CYS B 18   . ? 1_555 ? 
20  AC1 35 ILE B 19 ? ILE B 19   . ? 1_555 ? 
21  AC1 35 HOH Q .  ? HOH B 2013 . ? 1_555 ? 
22  AC1 35 CYS C 1  ? CYS C 1    . ? 2_664 ? 
23  AC1 35 DBB C 2  ? DBB C 2    . ? 1_555 ? 
24  AC1 35 PHE C 3  ? PHE C 3    . ? 1_555 ? 
25  AC1 35 DBB C 4  ? DBB C 4    . ? 1_555 ? 
26  AC1 35 LEU C 5  ? LEU C 5    . ? 1_555 ? 
27  AC1 35 GLY C 7  ? GLY C 7    . ? 2_664 ? 
28  AC1 35 DHA D 16 ? DHA D 16   . ? 3_665 ? 
29  AC1 35 PHE E 3  ? PHE E 3    . ? 1_555 ? 
30  AC1 35 DBB E 4  ? DBB E 4    . ? 1_555 ? 
31  AC1 35 CYS E 12 ? CYS E 12   . ? 1_555 ? 
32  AC1 35 HOH T .  ? HOH E 2002 . ? 1_555 ? 
33  AC1 35 VAL F 11 ? VAL F 11   . ? 1_555 ? 
34  AC1 35 CYS F 12 ? CYS F 12   . ? 1_555 ? 
35  AC1 35 ILE F 19 ? ILE F 19   . ? 1_555 ? 
36  AC2 35 DBB A 2  ? DBB A 2    . ? 1_555 ? 
37  AC2 35 PHE A 3  ? PHE A 3    . ? 1_555 ? 
38  AC2 35 LEU A 5  ? LEU A 5    . ? 1_555 ? 
39  AC2 35 GLY A 8  ? GLY A 8    . ? 3_564 ? 
40  AC2 35 GLY A 10 ? GLY A 10   . ? 3_564 ? 
41  AC2 35 VAL A 11 ? VAL A 11   . ? 3_564 ? 
42  AC2 35 LEU A 14 ? LEU A 14   . ? 3_564 ? 
43  AC2 35 DBB A 15 ? DBB A 15   . ? 3_564 ? 
44  AC2 35 HOH Q .  ? HOH B 2001 . ? 1_555 ? 
45  AC2 35 HOH Q .  ? HOH B 2002 . ? 1_555 ? 
46  AC2 35 HOH Q .  ? HOH B 2003 . ? 1_555 ? 
47  AC2 35 HOH Q .  ? HOH B 2004 . ? 1_555 ? 
48  AC2 35 HOH Q .  ? HOH B 2006 . ? 1_555 ? 
49  AC2 35 HOH Q .  ? HOH B 2007 . ? 1_555 ? 
50  AC2 35 HOH Q .  ? HOH B 2008 . ? 1_555 ? 
51  AC2 35 HOH Q .  ? HOH B 2009 . ? 1_555 ? 
52  AC2 35 HOH Q .  ? HOH B 2010 . ? 1_555 ? 
53  AC2 35 HOH Q .  ? HOH B 2011 . ? 1_555 ? 
54  AC2 35 HOH Q .  ? HOH B 2012 . ? 1_555 ? 
55  AC2 35 HOH Q .  ? HOH B 2013 . ? 1_555 ? 
56  AC2 35 HOH Q .  ? HOH B 2014 . ? 1_555 ? 
57  AC2 35 PHE C 3  ? PHE C 3    . ? 1_555 ? 
58  AC2 35 DHA C 16 ? DHA C 16   . ? 1_555 ? 
59  AC2 35 GLU C 17 ? GLU C 17   . ? 1_555 ? 
60  AC2 35 CYS C 18 ? CYS C 18   . ? 1_555 ? 
61  AC2 35 ILE C 19 ? ILE C 19   . ? 1_555 ? 
62  AC2 35 HOH R .  ? HOH C 2003 . ? 1_555 ? 
63  AC2 35 DBB D 4  ? DBB D 4    . ? 1_555 ? 
64  AC2 35 CYS D 12 ? CYS D 12   . ? 1_555 ? 
65  AC2 35 DHA D 16 ? DHA D 16   . ? 2_554 ? 
66  AC2 35 HOH S .  ? HOH D 2005 . ? 2_554 ? 
67  AC2 35 CYS F 1  ? CYS F 1    . ? 2_554 ? 
68  AC2 35 LEU F 5  ? LEU F 5    . ? 2_554 ? 
69  AC2 35 GLY F 7  ? GLY F 7    . ? 2_554 ? 
70  AC2 35 GLY F 8  ? GLY F 8    . ? 2_554 ? 
71  AC3 20 PHE A 3  ? PHE A 3    . ? 1_555 ? 
72  AC3 20 GLY A 9  ? GLY A 9    . ? 3_565 ? 
73  AC3 20 GLY A 10 ? GLY A 10   . ? 3_565 ? 
74  AC3 20 GLU A 17 ? GLU A 17   . ? 1_555 ? 
75  AC3 20 CYS A 18 ? CYS A 18   . ? 1_555 ? 
76  AC3 20 ILE A 19 ? ILE A 19   . ? 1_555 ? 
77  AC3 20 HOH P .  ? HOH A 2005 . ? 3_565 ? 
78  AC3 20 HOH P .  ? HOH A 2011 . ? 1_555 ? 
79  AC3 20 DBB B 2  ? DBB B 2    . ? 1_555 ? 
80  AC3 20 PHE B 3  ? PHE B 3    . ? 1_555 ? 
81  AC3 20 LEU B 5  ? LEU B 5    . ? 1_555 ? 
82  AC3 20 HOH R .  ? HOH C 2001 . ? 1_555 ? 
83  AC3 20 HOH R .  ? HOH C 2002 . ? 1_555 ? 
84  AC3 20 HOH R .  ? HOH C 2003 . ? 1_555 ? 
85  AC3 20 GLY D 8  ? GLY D 8    . ? 2_555 ? 
86  AC3 20 DBB D 15 ? DBB D 15   . ? 2_555 ? 
87  AC3 20 DHA D 16 ? DHA D 16   . ? 2_555 ? 
88  AC3 20 PHE F 3  ? PHE F 3    . ? 1_555 ? 
89  AC3 20 GLY F 9  ? GLY F 9    . ? 2_554 ? 
90  AC3 20 CYS F 12 ? CYS F 12   . ? 1_555 ? 
91  AC4 27 VAL A 11 ? VAL A 11   . ? 2_654 ? 
92  AC4 27 HOH P .  ? HOH A 2012 . ? 2_654 ? 
93  AC4 27 DBB B 4  ? DBB B 4    . ? 1_555 ? 
94  AC4 27 GLY B 8  ? GLY B 8    . ? 3_555 ? 
95  AC4 27 GLY B 9  ? GLY B 9    . ? 3_555 ? 
96  AC4 27 CYS B 12 ? CYS B 12   . ? 1_555 ? 
97  AC4 27 HOH Q .  ? HOH B 2004 . ? 1_555 ? 
98  AC4 27 HOH Q .  ? HOH B 2006 . ? 3_555 ? 
99  AC4 27 GLY C 8  ? GLY C 8    . ? 3_554 ? 
100 AC4 27 GLY C 10 ? GLY C 10   . ? 3_554 ? 
101 AC4 27 DHA C 16 ? DHA C 16   . ? 3_554 ? 
102 AC4 27 HOH S .  ? HOH D 2001 . ? 1_555 ? 
103 AC4 27 HOH S .  ? HOH D 2002 . ? 1_555 ? 
104 AC4 27 HOH S .  ? HOH D 2003 . ? 1_555 ? 
105 AC4 27 HOH S .  ? HOH D 2004 . ? 1_555 ? 
106 AC4 27 HOH S .  ? HOH D 2005 . ? 1_555 ? 
107 AC4 27 PRO E 6  ? PRO E 6    . ? 2_654 ? 
108 AC4 27 GLY E 10 ? GLY E 10   . ? 2_654 ? 
109 AC4 27 GLU E 17 ? GLU E 17   . ? 1_555 ? 
110 AC4 27 CYS E 18 ? CYS E 18   . ? 1_555 ? 
111 AC4 27 ILE E 19 ? ILE E 19   . ? 1_555 ? 
112 AC4 27 HOH T .  ? HOH E 2008 . ? 1_555 ? 
113 AC4 27 DBB F 2  ? DBB F 2    . ? 1_555 ? 
114 AC4 27 PHE F 3  ? PHE F 3    . ? 1_555 ? 
115 AC4 27 LEU F 5  ? LEU F 5    . ? 1_555 ? 
116 AC4 27 LEU F 14 ? LEU F 14   . ? 1_554 ? 
117 AC4 27 HOH U .  ? HOH F 2003 . ? 1_554 ? 
118 AC5 30 PHE A 3  ? PHE A 3    . ? 1_555 ? 
119 AC5 30 DBB A 4  ? DBB A 4    . ? 1_555 ? 
120 AC5 30 CYS A 12 ? CYS A 12   . ? 1_555 ? 
121 AC5 30 HOH P .  ? HOH A 2003 . ? 1_555 ? 
122 AC5 30 HOH P .  ? HOH A 2008 . ? 1_555 ? 
123 AC5 30 HOH P .  ? HOH A 2012 . ? 1_555 ? 
124 AC5 30 CYS D 1  ? CYS D 1    . ? 3_665 ? 
125 AC5 30 DBB D 2  ? DBB D 2    . ? 1_555 ? 
126 AC5 30 PHE D 3  ? PHE D 3    . ? 1_555 ? 
127 AC5 30 GLY D 7  ? GLY D 7    . ? 3_665 ? 
128 AC5 30 HOH S .  ? HOH D 2001 . ? 3_665 ? 
129 AC5 30 HOH T .  ? HOH E 2001 . ? 1_555 ? 
130 AC5 30 HOH T .  ? HOH E 2002 . ? 1_555 ? 
131 AC5 30 HOH T .  ? HOH E 2003 . ? 1_555 ? 
132 AC5 30 HOH T .  ? HOH E 2004 . ? 1_555 ? 
133 AC5 30 HOH T .  ? HOH E 2005 . ? 1_555 ? 
134 AC5 30 HOH T .  ? HOH E 2007 . ? 1_555 ? 
135 AC5 30 HOH T .  ? HOH E 2008 . ? 1_555 ? 
136 AC5 30 PHE F 3  ? PHE F 3    . ? 1_555 ? 
137 AC5 30 PRO F 6  ? PRO F 6    . ? 3_664 ? 
138 AC5 30 GLY F 7  ? GLY F 7    . ? 3_664 ? 
139 AC5 30 GLY F 8  ? GLY F 8    . ? 3_664 ? 
140 AC5 30 GLY F 10 ? GLY F 10   . ? 3_664 ? 
141 AC5 30 VAL F 11 ? VAL F 11   . ? 3_664 ? 
142 AC5 30 LEU F 14 ? LEU F 14   . ? 3_664 ? 
143 AC5 30 DHA F 16 ? DHA F 16   . ? 1_555 ? 
144 AC5 30 GLU F 17 ? GLU F 17   . ? 1_555 ? 
145 AC5 30 CYS F 18 ? CYS F 18   . ? 1_555 ? 
146 AC5 30 ILE F 19 ? ILE F 19   . ? 1_555 ? 
147 AC5 30 HOH U .  ? HOH F 2011 . ? 1_555 ? 
148 AC6 38 DBB A 13 ? DBB A 13   . ? 1_555 ? 
149 AC6 38 ILE A 19 ? ILE A 19   . ? 1_555 ? 
150 AC6 38 HOH P .  ? HOH A 2009 . ? 1_555 ? 
151 AC6 38 HOH P .  ? HOH A 2013 . ? 1_555 ? 
152 AC6 38 CYS B 1  ? CYS B 1    . ? 3_555 ? 
153 AC6 38 DBB B 2  ? DBB B 2    . ? 3_555 ? 
154 AC6 38 PRO B 6  ? PRO B 6    . ? 3_555 ? 
155 AC6 38 GLY B 8  ? GLY B 8    . ? 3_555 ? 
156 AC6 38 HOH Q .  ? HOH B 2001 . ? 3_555 ? 
157 AC6 38 PHE C 3  ? PHE C 3    . ? 1_555 ? 
158 AC6 38 DBB C 4  ? DBB C 4    . ? 1_555 ? 
159 AC6 38 DHA C 16 ? DHA C 16   . ? 3_555 ? 
160 AC6 38 HOH R .  ? HOH C 2002 . ? 1_555 ? 
161 AC6 38 PHE D 3  ? PHE D 3    . ? 1_555 ? 
162 AC6 38 LEU D 5  ? LEU D 5    . ? 1_556 ? 
163 AC6 38 GLU D 17 ? GLU D 17   . ? 1_555 ? 
164 AC6 38 CYS D 18 ? CYS D 18   . ? 1_555 ? 
165 AC6 38 ILE D 19 ? ILE D 19   . ? 1_555 ? 
166 AC6 38 HOH S .  ? HOH D 2005 . ? 1_555 ? 
167 AC6 38 DBB E 2  ? DBB E 2    . ? 1_555 ? 
168 AC6 38 PHE E 3  ? PHE E 3    . ? 1_555 ? 
169 AC6 38 LEU E 5  ? LEU E 5    . ? 1_555 ? 
170 AC6 38 GLY E 8  ? GLY E 8    . ? 2_655 ? 
171 AC6 38 GLY E 10 ? GLY E 10   . ? 2_655 ? 
172 AC6 38 VAL E 11 ? VAL E 11   . ? 2_655 ? 
173 AC6 38 LEU E 14 ? LEU E 14   . ? 2_655 ? 
174 AC6 38 DBB E 15 ? DBB E 15   . ? 2_655 ? 
175 AC6 38 HOH U .  ? HOH F 2002 . ? 1_555 ? 
176 AC6 38 HOH U .  ? HOH F 2003 . ? 1_555 ? 
177 AC6 38 HOH U .  ? HOH F 2004 . ? 1_555 ? 
178 AC6 38 HOH U .  ? HOH F 2005 . ? 1_555 ? 
179 AC6 38 HOH U .  ? HOH F 2006 . ? 1_555 ? 
180 AC6 38 HOH U .  ? HOH F 2007 . ? 1_555 ? 
181 AC6 38 HOH U .  ? HOH F 2008 . ? 1_555 ? 
182 AC6 38 HOH U .  ? HOH F 2009 . ? 1_555 ? 
183 AC6 38 HOH U .  ? HOH F 2010 . ? 1_555 ? 
184 AC6 38 HOH U .  ? HOH F 2011 . ? 1_555 ? 
185 AC6 38 HOH U .  ? HOH F 2012 . ? 1_555 ? 
# 
loop_
_pdbx_validate_rmsd_angle.id 
_pdbx_validate_rmsd_angle.PDB_model_num 
_pdbx_validate_rmsd_angle.auth_atom_id_1 
_pdbx_validate_rmsd_angle.auth_asym_id_1 
_pdbx_validate_rmsd_angle.auth_comp_id_1 
_pdbx_validate_rmsd_angle.auth_seq_id_1 
_pdbx_validate_rmsd_angle.PDB_ins_code_1 
_pdbx_validate_rmsd_angle.label_alt_id_1 
_pdbx_validate_rmsd_angle.auth_atom_id_2 
_pdbx_validate_rmsd_angle.auth_asym_id_2 
_pdbx_validate_rmsd_angle.auth_comp_id_2 
_pdbx_validate_rmsd_angle.auth_seq_id_2 
_pdbx_validate_rmsd_angle.PDB_ins_code_2 
_pdbx_validate_rmsd_angle.label_alt_id_2 
_pdbx_validate_rmsd_angle.auth_atom_id_3 
_pdbx_validate_rmsd_angle.auth_asym_id_3 
_pdbx_validate_rmsd_angle.auth_comp_id_3 
_pdbx_validate_rmsd_angle.auth_seq_id_3 
_pdbx_validate_rmsd_angle.PDB_ins_code_3 
_pdbx_validate_rmsd_angle.label_alt_id_3 
_pdbx_validate_rmsd_angle.angle_value 
_pdbx_validate_rmsd_angle.angle_target_value 
_pdbx_validate_rmsd_angle.angle_deviation 
_pdbx_validate_rmsd_angle.angle_standard_deviation 
_pdbx_validate_rmsd_angle.linker_flag 
1 1 CB  A CYS 18 ? ? CA A CYS 18 ? ? C   A CYS 18 ? ? 118.83 111.50 7.33  1.20 N 
2 1 CA  D LEU 5  ? ? CB D LEU 5  ? ? CG  D LEU 5  ? ? 130.12 115.30 14.82 2.30 N 
3 1 OE1 E GLU 17 ? ? CD E GLU 17 ? ? OE2 E GLU 17 ? ? 113.68 123.30 -9.62 1.20 N 
4 1 CA  E ILE 19 ? ? CB E ILE 19 ? ? CG1 E ILE 19 ? ? 129.61 111.00 18.61 1.90 N 
# 
loop_
_pdbx_validate_torsion.id 
_pdbx_validate_torsion.PDB_model_num 
_pdbx_validate_torsion.auth_comp_id 
_pdbx_validate_torsion.auth_asym_id 
_pdbx_validate_torsion.auth_seq_id 
_pdbx_validate_torsion.PDB_ins_code 
_pdbx_validate_torsion.label_alt_id 
_pdbx_validate_torsion.phi 
_pdbx_validate_torsion.psi 
1  1 DBB A 2  ? ? -68.23  -168.61 
2  1 LEU A 5  ? ? -119.50 71.05   
3  1 CYS A 18 ? ? -110.67 -132.24 
4  1 DBB B 2  ? ? -66.75  -169.43 
5  1 CYS B 18 ? ? -112.08 -125.88 
6  1 DBB C 2  ? ? -69.77  -168.56 
7  1 CYS C 18 ? ? -112.91 -124.66 
8  1 DBB D 2  ? ? -69.10  -166.43 
9  1 CYS D 18 ? ? -105.27 -127.38 
10 1 DBB E 2  ? ? -71.21  -168.89 
11 1 CYS E 18 ? ? -109.87 -127.25 
12 1 DBB F 2  ? ? -68.11  -167.18 
13 1 CYS F 18 ? ? -110.27 -122.16 
# 
_pdbx_molecule_features.prd_id    PRD_000199 
_pdbx_molecule_features.name      Mersacidin 
_pdbx_molecule_features.type      Oligopeptide 
_pdbx_molecule_features.class     Antibiotic 
_pdbx_molecule_features.details   
;MERSACIDIN IS A TETRACYCLIC PEPTIDE. POST TRANSLATIONAL MATURATION
 OF LANTIBIOTICS INVOLVES THE ENZYMIC CONVERSION OF THR, AND SER INTO
 DEHYDRATED AA AND THE FORMATION OF THIOETHER BONDS WITH CYSTEINE. THE
 CARBOXY-TERMINAL BETA-METHYLLANTHIONINE UNDERGOES
 DECARBOXYLATION. THIOETHER BONDS WITH CYSTEINE RESULT IN FOUR
 RINGS. THIS IS FOLLOWED BY MEMBRANE TRANSLOCATION AND CLEAVAGE OF THE
 MODIFIED PRECURSOR.
;
# 
loop_
_pdbx_molecule.instance_id 
_pdbx_molecule.prd_id 
_pdbx_molecule.asym_id 
1 PRD_000199 A 
2 PRD_000199 B 
3 PRD_000199 C 
4 PRD_000199 D 
5 PRD_000199 E 
6 PRD_000199 F 
# 
loop_
_pdbx_struct_mod_residue.id 
_pdbx_struct_mod_residue.label_asym_id 
_pdbx_struct_mod_residue.label_comp_id 
_pdbx_struct_mod_residue.label_seq_id 
_pdbx_struct_mod_residue.auth_asym_id 
_pdbx_struct_mod_residue.auth_comp_id 
_pdbx_struct_mod_residue.auth_seq_id 
_pdbx_struct_mod_residue.PDB_ins_code 
_pdbx_struct_mod_residue.parent_comp_id 
_pdbx_struct_mod_residue.details 
1 A DHA 16 A DHA 16 ? SER '2-AMINO-ACRYLIC ACID' 
2 B DHA 16 B DHA 16 ? SER '2-AMINO-ACRYLIC ACID' 
3 C DHA 16 C DHA 16 ? SER '2-AMINO-ACRYLIC ACID' 
4 D DHA 16 D DHA 16 ? SER '2-AMINO-ACRYLIC ACID' 
5 E DHA 16 E DHA 16 ? SER '2-AMINO-ACRYLIC ACID' 
6 F DHA 16 F DHA 16 ? SER '2-AMINO-ACRYLIC ACID' 
# 
_pdbx_entry_details.entry_id                 1QOW 
_pdbx_entry_details.compound_details         
;MERSACIDIN IS A GLOBULAR TYPE B LANTIBIOTIC. THE LANTIBIOTICS
ARE CHARACTERIZED BY LANTHIONINE AND/OR METHYLLANTHIONINE
NONPROTEINOGENIC AMINO ACIDS.
HERE, MERSACIDIN IS REPRESENTED BY THE SEQUENCE (SEQRES)

 GROUP: 1
  NAME: MERSACIDIN
  CHAIN: A, B, C, D, E, F
  COMPONENT_1: PEPTIDE LIKE SEQUENCE RESIDUES 1 TO 20
  DESCRIPTION: MERSACIDIN IS A TETRACYCLIC PEPTIDE. THIOETHER
               BONDS WITH CYSTEINE RESULT IN FOUR RINGS.
               CROSSLINK  1-4   BETA-METHYLLANTHIONINE (CYS-DBB)
               CROSSLINK  4-12  BETA-METHYLLANTHIONINE (DBB-CYS)
               CROSSLINK 13-18  BETA-METHYLLANTHIONINE (DBB-CYS)
               CROSSLINK 15-20  S-(2-AMINOVINYL)-3-METHYL-D-
                                              CYSTEINE (DBB-TEE)
;
_pdbx_entry_details.source_details           ? 
_pdbx_entry_details.nonpolymer_details       ? 
_pdbx_entry_details.sequence_details         ? 
_pdbx_entry_details.has_ligand_of_interest   ? 
# 
loop_
_chem_comp_atom.comp_id 
_chem_comp_atom.atom_id 
_chem_comp_atom.type_symbol 
_chem_comp_atom.pdbx_aromatic_flag 
_chem_comp_atom.pdbx_stereo_config 
_chem_comp_atom.pdbx_ordinal 
CYS N    N N N 1   
CYS CA   C N R 2   
CYS C    C N N 3   
CYS O    O N N 4   
CYS CB   C N N 5   
CYS SG   S N N 6   
CYS OXT  O N N 7   
CYS H    H N N 8   
CYS H2   H N N 9   
CYS HA   H N N 10  
CYS HB2  H N N 11  
CYS HB3  H N N 12  
CYS HG   H N N 13  
CYS HXT  H N N 14  
DBB N    N N N 15  
DBB CA   C N R 16  
DBB C    C N N 17  
DBB O    O N N 18  
DBB CB   C N N 19  
DBB CG   C N N 20  
DBB OXT  O N N 21  
DBB H    H N N 22  
DBB H2   H N N 23  
DBB HA   H N N 24  
DBB HB2  H N N 25  
DBB HB3  H N N 26  
DBB HG1  H N N 27  
DBB HG2  H N N 28  
DBB HG3  H N N 29  
DBB HXT  H N N 30  
DHA N    N N N 31  
DHA CA   C N N 32  
DHA CB   C N N 33  
DHA C    C N N 34  
DHA O    O N N 35  
DHA OXT  O N N 36  
DHA H    H N N 37  
DHA H2   H N N 38  
DHA HB1  H N N 39  
DHA HB2  H N N 40  
DHA HXT  H N N 41  
GLU N    N N N 42  
GLU CA   C N S 43  
GLU C    C N N 44  
GLU O    O N N 45  
GLU CB   C N N 46  
GLU CG   C N N 47  
GLU CD   C N N 48  
GLU OE1  O N N 49  
GLU OE2  O N N 50  
GLU OXT  O N N 51  
GLU H    H N N 52  
GLU H2   H N N 53  
GLU HA   H N N 54  
GLU HB2  H N N 55  
GLU HB3  H N N 56  
GLU HG2  H N N 57  
GLU HG3  H N N 58  
GLU HE2  H N N 59  
GLU HXT  H N N 60  
GLY N    N N N 61  
GLY CA   C N N 62  
GLY C    C N N 63  
GLY O    O N N 64  
GLY OXT  O N N 65  
GLY H    H N N 66  
GLY H2   H N N 67  
GLY HA2  H N N 68  
GLY HA3  H N N 69  
GLY HXT  H N N 70  
HOH O    O N N 71  
HOH H1   H N N 72  
HOH H2   H N N 73  
ILE N    N N N 74  
ILE CA   C N S 75  
ILE C    C N N 76  
ILE O    O N N 77  
ILE CB   C N S 78  
ILE CG1  C N N 79  
ILE CG2  C N N 80  
ILE CD1  C N N 81  
ILE OXT  O N N 82  
ILE H    H N N 83  
ILE H2   H N N 84  
ILE HA   H N N 85  
ILE HB   H N N 86  
ILE HG12 H N N 87  
ILE HG13 H N N 88  
ILE HG21 H N N 89  
ILE HG22 H N N 90  
ILE HG23 H N N 91  
ILE HD11 H N N 92  
ILE HD12 H N N 93  
ILE HD13 H N N 94  
ILE HXT  H N N 95  
LEU N    N N N 96  
LEU CA   C N S 97  
LEU C    C N N 98  
LEU O    O N N 99  
LEU CB   C N N 100 
LEU CG   C N N 101 
LEU CD1  C N N 102 
LEU CD2  C N N 103 
LEU OXT  O N N 104 
LEU H    H N N 105 
LEU H2   H N N 106 
LEU HA   H N N 107 
LEU HB2  H N N 108 
LEU HB3  H N N 109 
LEU HG   H N N 110 
LEU HD11 H N N 111 
LEU HD12 H N N 112 
LEU HD13 H N N 113 
LEU HD21 H N N 114 
LEU HD22 H N N 115 
LEU HD23 H N N 116 
LEU HXT  H N N 117 
MOH C    C N N 118 
MOH O    O N N 119 
MOH H1   H N N 120 
MOH H2   H N N 121 
MOH H3   H N N 122 
MOH HO   H N N 123 
PHE N    N N N 124 
PHE CA   C N S 125 
PHE C    C N N 126 
PHE O    O N N 127 
PHE CB   C N N 128 
PHE CG   C Y N 129 
PHE CD1  C Y N 130 
PHE CD2  C Y N 131 
PHE CE1  C Y N 132 
PHE CE2  C Y N 133 
PHE CZ   C Y N 134 
PHE OXT  O N N 135 
PHE H    H N N 136 
PHE H2   H N N 137 
PHE HA   H N N 138 
PHE HB2  H N N 139 
PHE HB3  H N N 140 
PHE HD1  H N N 141 
PHE HD2  H N N 142 
PHE HE1  H N N 143 
PHE HE2  H N N 144 
PHE HZ   H N N 145 
PHE HXT  H N N 146 
PRO N    N N N 147 
PRO CA   C N S 148 
PRO C    C N N 149 
PRO O    O N N 150 
PRO CB   C N N 151 
PRO CG   C N N 152 
PRO CD   C N N 153 
PRO OXT  O N N 154 
PRO H    H N N 155 
PRO HA   H N N 156 
PRO HB2  H N N 157 
PRO HB3  H N N 158 
PRO HG2  H N N 159 
PRO HG3  H N N 160 
PRO HD2  H N N 161 
PRO HD3  H N N 162 
PRO HXT  H N N 163 
TEE N    N N N 164 
TEE CB   C N N 165 
TEE CA   C N N 166 
TEE SG   S N N 167 
TEE HN1  H N N 168 
TEE HN2  H N N 169 
TEE HB2  H N N 170 
TEE HA   H N N 171 
TEE HS   H N N 172 
VAL N    N N N 173 
VAL CA   C N S 174 
VAL C    C N N 175 
VAL O    O N N 176 
VAL CB   C N N 177 
VAL CG1  C N N 178 
VAL CG2  C N N 179 
VAL OXT  O N N 180 
VAL H    H N N 181 
VAL H2   H N N 182 
VAL HA   H N N 183 
VAL HB   H N N 184 
VAL HG11 H N N 185 
VAL HG12 H N N 186 
VAL HG13 H N N 187 
VAL HG21 H N N 188 
VAL HG22 H N N 189 
VAL HG23 H N N 190 
VAL HXT  H N N 191 
# 
loop_
_chem_comp_bond.comp_id 
_chem_comp_bond.atom_id_1 
_chem_comp_bond.atom_id_2 
_chem_comp_bond.value_order 
_chem_comp_bond.pdbx_aromatic_flag 
_chem_comp_bond.pdbx_stereo_config 
_chem_comp_bond.pdbx_ordinal 
CYS N   CA   sing N N 1   
CYS N   H    sing N N 2   
CYS N   H2   sing N N 3   
CYS CA  C    sing N N 4   
CYS CA  CB   sing N N 5   
CYS CA  HA   sing N N 6   
CYS C   O    doub N N 7   
CYS C   OXT  sing N N 8   
CYS CB  SG   sing N N 9   
CYS CB  HB2  sing N N 10  
CYS CB  HB3  sing N N 11  
CYS SG  HG   sing N N 12  
CYS OXT HXT  sing N N 13  
DBB N   CA   sing N N 14  
DBB CA  C    sing N N 15  
DBB CA  CB   sing N N 16  
DBB C   O    doub N N 17  
DBB CB  CG   sing N N 18  
DBB C   OXT  sing N N 19  
DBB N   H    sing N N 20  
DBB N   H2   sing N N 21  
DBB CA  HA   sing N N 22  
DBB CB  HB2  sing N N 23  
DBB CB  HB3  sing N N 24  
DBB CG  HG1  sing N N 25  
DBB CG  HG2  sing N N 26  
DBB CG  HG3  sing N N 27  
DBB OXT HXT  sing N N 28  
DHA N   CA   sing N N 29  
DHA N   H    sing N N 30  
DHA N   H2   sing N N 31  
DHA CA  CB   doub N N 32  
DHA CA  C    sing N N 33  
DHA CB  HB1  sing N N 34  
DHA CB  HB2  sing N N 35  
DHA C   O    doub N N 36  
DHA C   OXT  sing N N 37  
DHA OXT HXT  sing N N 38  
GLU N   CA   sing N N 39  
GLU N   H    sing N N 40  
GLU N   H2   sing N N 41  
GLU CA  C    sing N N 42  
GLU CA  CB   sing N N 43  
GLU CA  HA   sing N N 44  
GLU C   O    doub N N 45  
GLU C   OXT  sing N N 46  
GLU CB  CG   sing N N 47  
GLU CB  HB2  sing N N 48  
GLU CB  HB3  sing N N 49  
GLU CG  CD   sing N N 50  
GLU CG  HG2  sing N N 51  
GLU CG  HG3  sing N N 52  
GLU CD  OE1  doub N N 53  
GLU CD  OE2  sing N N 54  
GLU OE2 HE2  sing N N 55  
GLU OXT HXT  sing N N 56  
GLY N   CA   sing N N 57  
GLY N   H    sing N N 58  
GLY N   H2   sing N N 59  
GLY CA  C    sing N N 60  
GLY CA  HA2  sing N N 61  
GLY CA  HA3  sing N N 62  
GLY C   O    doub N N 63  
GLY C   OXT  sing N N 64  
GLY OXT HXT  sing N N 65  
HOH O   H1   sing N N 66  
HOH O   H2   sing N N 67  
ILE N   CA   sing N N 68  
ILE N   H    sing N N 69  
ILE N   H2   sing N N 70  
ILE CA  C    sing N N 71  
ILE CA  CB   sing N N 72  
ILE CA  HA   sing N N 73  
ILE C   O    doub N N 74  
ILE C   OXT  sing N N 75  
ILE CB  CG1  sing N N 76  
ILE CB  CG2  sing N N 77  
ILE CB  HB   sing N N 78  
ILE CG1 CD1  sing N N 79  
ILE CG1 HG12 sing N N 80  
ILE CG1 HG13 sing N N 81  
ILE CG2 HG21 sing N N 82  
ILE CG2 HG22 sing N N 83  
ILE CG2 HG23 sing N N 84  
ILE CD1 HD11 sing N N 85  
ILE CD1 HD12 sing N N 86  
ILE CD1 HD13 sing N N 87  
ILE OXT HXT  sing N N 88  
LEU N   CA   sing N N 89  
LEU N   H    sing N N 90  
LEU N   H2   sing N N 91  
LEU CA  C    sing N N 92  
LEU CA  CB   sing N N 93  
LEU CA  HA   sing N N 94  
LEU C   O    doub N N 95  
LEU C   OXT  sing N N 96  
LEU CB  CG   sing N N 97  
LEU CB  HB2  sing N N 98  
LEU CB  HB3  sing N N 99  
LEU CG  CD1  sing N N 100 
LEU CG  CD2  sing N N 101 
LEU CG  HG   sing N N 102 
LEU CD1 HD11 sing N N 103 
LEU CD1 HD12 sing N N 104 
LEU CD1 HD13 sing N N 105 
LEU CD2 HD21 sing N N 106 
LEU CD2 HD22 sing N N 107 
LEU CD2 HD23 sing N N 108 
LEU OXT HXT  sing N N 109 
MOH C   O    sing N N 110 
MOH C   H1   sing N N 111 
MOH C   H2   sing N N 112 
MOH C   H3   sing N N 113 
MOH O   HO   sing N N 114 
PHE N   CA   sing N N 115 
PHE N   H    sing N N 116 
PHE N   H2   sing N N 117 
PHE CA  C    sing N N 118 
PHE CA  CB   sing N N 119 
PHE CA  HA   sing N N 120 
PHE C   O    doub N N 121 
PHE C   OXT  sing N N 122 
PHE CB  CG   sing N N 123 
PHE CB  HB2  sing N N 124 
PHE CB  HB3  sing N N 125 
PHE CG  CD1  doub Y N 126 
PHE CG  CD2  sing Y N 127 
PHE CD1 CE1  sing Y N 128 
PHE CD1 HD1  sing N N 129 
PHE CD2 CE2  doub Y N 130 
PHE CD2 HD2  sing N N 131 
PHE CE1 CZ   doub Y N 132 
PHE CE1 HE1  sing N N 133 
PHE CE2 CZ   sing Y N 134 
PHE CE2 HE2  sing N N 135 
PHE CZ  HZ   sing N N 136 
PHE OXT HXT  sing N N 137 
PRO N   CA   sing N N 138 
PRO N   CD   sing N N 139 
PRO N   H    sing N N 140 
PRO CA  C    sing N N 141 
PRO CA  CB   sing N N 142 
PRO CA  HA   sing N N 143 
PRO C   O    doub N N 144 
PRO C   OXT  sing N N 145 
PRO CB  CG   sing N N 146 
PRO CB  HB2  sing N N 147 
PRO CB  HB3  sing N N 148 
PRO CG  CD   sing N N 149 
PRO CG  HG2  sing N N 150 
PRO CG  HG3  sing N N 151 
PRO CD  HD2  sing N N 152 
PRO CD  HD3  sing N N 153 
PRO OXT HXT  sing N N 154 
TEE N   CA   sing N N 155 
TEE N   HN1  sing N N 156 
TEE N   HN2  sing N N 157 
TEE CB  CA   doub N N 158 
TEE CB  SG   sing N N 159 
TEE CB  HB2  sing N N 160 
TEE CA  HA   sing N N 161 
TEE SG  HS   sing N N 162 
VAL N   CA   sing N N 163 
VAL N   H    sing N N 164 
VAL N   H2   sing N N 165 
VAL CA  C    sing N N 166 
VAL CA  CB   sing N N 167 
VAL CA  HA   sing N N 168 
VAL C   O    doub N N 169 
VAL C   OXT  sing N N 170 
VAL CB  CG1  sing N N 171 
VAL CB  CG2  sing N N 172 
VAL CB  HB   sing N N 173 
VAL CG1 HG11 sing N N 174 
VAL CG1 HG12 sing N N 175 
VAL CG1 HG13 sing N N 176 
VAL CG2 HG21 sing N N 177 
VAL CG2 HG22 sing N N 178 
VAL CG2 HG23 sing N N 179 
VAL OXT HXT  sing N N 180 
# 
_atom_sites.entry_id                    1QOW 
_atom_sites.fract_transf_matrix[1][1]   0.01854674 
_atom_sites.fract_transf_matrix[1][2]   -0.01663308 
_atom_sites.fract_transf_matrix[1][3]   -0.00265413 
_atom_sites.fract_transf_matrix[2][1]   0.00462389 
_atom_sites.fract_transf_matrix[2][2]   -0.01013149 
_atom_sites.fract_transf_matrix[2][3]   -0.02244160 
_atom_sites.fract_transf_matrix[3][1]   0.02054241 
_atom_sites.fract_transf_matrix[3][2]   0.02395624 
_atom_sites.fract_transf_matrix[3][3]   -0.00658270 
_atom_sites.fract_transf_vector[1]      0.352566 
_atom_sites.fract_transf_vector[2]      0.349542 
_atom_sites.fract_transf_vector[3]      -0.032410 
# 
loop_
_atom_type.symbol 
C 
N 
O 
S 
# 
loop_
_atom_site.group_PDB 
_atom_site.id 
_atom_site.type_symbol 
_atom_site.label_atom_id 
_atom_site.label_alt_id 
_atom_site.label_comp_id 
_atom_site.label_asym_id 
_atom_site.label_entity_id 
_atom_site.label_seq_id 
_atom_site.pdbx_PDB_ins_code 
_atom_site.Cartn_x 
_atom_site.Cartn_y 
_atom_site.Cartn_z 
_atom_site.occupancy 
_atom_site.B_iso_or_equiv 
_atom_site.pdbx_formal_charge 
_atom_site.auth_seq_id 
_atom_site.auth_comp_id 
_atom_site.auth_asym_id 
_atom_site.auth_atom_id 
_atom_site.pdbx_PDB_model_num 
ATOM   1   N N   . CYS A 1 1  ? -0.545  -1.142  -13.723 1.00 22.75 ? 1    CYS A N   1 
ATOM   2   C CA  . CYS A 1 1  ? -1.614  -1.237  -12.714 1.00 17.63 ? 1    CYS A CA  1 
ATOM   3   C C   . CYS A 1 1  ? -2.380  -2.562  -12.906 1.00 16.80 ? 1    CYS A C   1 
ATOM   4   O O   . CYS A 1 1  ? -2.167  -3.228  -13.931 1.00 21.80 ? 1    CYS A O   1 
ATOM   5   C CB  . CYS A 1 1  ? -2.526  -0.020  -12.774 1.00 20.29 ? 1    CYS A CB  1 
ATOM   6   S SG  . CYS A 1 1  ? -3.249  0.383   -11.189 1.00 17.39 ? 1    CYS A SG  1 
HETATM 7   N N   . DBB A 1 2  ? -3.205  -2.964  -11.962 1.00 14.68 ? 2    DBB A N   1 
HETATM 8   C CA  . DBB A 1 2  ? -3.608  -2.344  -10.700 1.00 12.76 ? 2    DBB A CA  1 
HETATM 9   C C   . DBB A 1 2  ? -2.431  -2.306  -9.708  1.00 11.85 ? 2    DBB A C   1 
HETATM 10  O O   . DBB A 1 2  ? -1.308  -2.606  -10.099 1.00 11.00 ? 2    DBB A O   1 
HETATM 11  C CB  . DBB A 1 2  ? -4.319  -1.011  -10.839 1.00 14.20 ? 2    DBB A CB  1 
HETATM 12  C CG  . DBB A 1 2  ? -5.525  -1.065  -11.763 1.00 15.72 ? 2    DBB A CG  1 
ATOM   13  N N   . PHE A 1 3  ? -2.753  -1.978  -8.445  1.00 10.36 ? 3    PHE A N   1 
ATOM   14  C CA  . PHE A 1 3  ? -1.732  -1.849  -7.412  1.00 10.49 ? 3    PHE A CA  1 
ATOM   15  C C   . PHE A 1 3  ? -1.021  -3.202  -7.189  1.00 9.04  ? 3    PHE A C   1 
ATOM   16  O O   . PHE A 1 3  ? -1.711  -4.176  -6.841  1.00 10.50 ? 3    PHE A O   1 
ATOM   17  C CB  . PHE A 1 3  ? -2.396  -1.332  -6.146  1.00 12.16 ? 3    PHE A CB  1 
ATOM   18  C CG  . PHE A 1 3  ? -1.396  -1.107  -5.019  1.00 11.92 ? 3    PHE A CG  1 
ATOM   19  C CD1 . PHE A 1 3  ? -0.473  -0.053  -5.084  1.00 15.70 ? 3    PHE A CD1 1 
ATOM   20  C CD2 . PHE A 1 3  ? -1.357  -1.939  -3.913  1.00 14.71 ? 3    PHE A CD2 1 
ATOM   21  C CE1 . PHE A 1 3  ? 0.423   0.159   -4.077  1.00 17.95 ? 3    PHE A CE1 1 
ATOM   22  C CE2 . PHE A 1 3  ? -0.443  -1.743  -2.890  1.00 17.12 ? 3    PHE A CE2 1 
ATOM   23  C CZ  . PHE A 1 3  ? 0.429   -0.685  -2.977  1.00 20.02 ? 3    PHE A CZ  1 
HETATM 24  N N   . DBB A 1 4  ? 0.285   -3.227  -7.385  1.00 8.68  ? 4    DBB A N   1 
HETATM 25  C CA  . DBB A 1 4  ? 1.083   -4.441  -7.334  1.00 9.13  ? 4    DBB A CA  1 
HETATM 26  C C   . DBB A 1 4  ? 1.633   -4.895  -8.690  1.00 10.90 ? 4    DBB A C   1 
HETATM 27  O O   . DBB A 1 4  ? 2.533   -5.730  -8.767  1.00 12.26 ? 4    DBB A O   1 
HETATM 28  C CB  . DBB A 1 4  ? 2.178   -4.362  -6.263  1.00 9.31  ? 4    DBB A CB  1 
HETATM 29  C CG  . DBB A 1 4  ? 1.528   -4.075  -4.892  1.00 11.50 ? 4    DBB A CG  1 
ATOM   30  N N   . LEU A 1 5  ? 1.010   -4.354  -9.750  1.00 11.88 ? 5    LEU A N   1 
ATOM   31  C CA  . LEU A 1 5  ? 1.347   -4.695  -11.143 1.00 11.92 ? 5    LEU A CA  1 
ATOM   32  C C   . LEU A 1 5  ? 1.812   -3.478  -11.917 1.00 11.20 ? 5    LEU A C   1 
ATOM   33  O O   . LEU A 1 5  ? 1.100   -2.990  -12.804 1.00 15.09 ? 5    LEU A O   1 
ATOM   34  C CB  . LEU A 1 5  ? 0.119   -5.322  -11.818 1.00 14.23 ? 5    LEU A CB  1 
ATOM   35  C CG  . LEU A 1 5  ? -0.498  -6.538  -11.147 1.00 15.02 ? 5    LEU A CG  1 
ATOM   36  C CD1 . LEU A 1 5  ? -1.702  -7.068  -11.903 1.00 20.08 ? 5    LEU A CD1 1 
ATOM   37  C CD2 . LEU A 1 5  ? 0.501   -7.668  -10.953 1.00 19.27 ? 5    LEU A CD2 1 
ATOM   38  N N   . PRO A 1 6  ? 2.986   -2.952  -11.647 1.00 10.91 ? 6    PRO A N   1 
ATOM   39  C CA  . PRO A 1 6  ? 3.451   -1.743  -12.377 1.00 11.02 ? 6    PRO A CA  1 
ATOM   40  C C   . PRO A 1 6  ? 3.518   -1.995  -13.882 1.00 9.77  ? 6    PRO A C   1 
ATOM   41  O O   . PRO A 1 6  ? 3.917   -3.071  -14.362 1.00 10.62 ? 6    PRO A O   1 
ATOM   42  C CB  . PRO A 1 6  ? 4.815   -1.492  -11.777 1.00 12.46 ? 6    PRO A CB  1 
ATOM   43  C CG  . PRO A 1 6  ? 5.225   -2.796  -11.204 1.00 11.22 ? 6    PRO A CG  1 
ATOM   44  C CD  . PRO A 1 6  ? 3.989   -3.490  -10.710 1.00 11.17 ? 6    PRO A CD  1 
ATOM   45  N N   . GLY A 1 7  ? 3.188   -0.933  -14.609 1.00 12.49 ? 7    GLY A N   1 
ATOM   46  C CA  . GLY A 1 7  ? 3.392   -0.898  -16.036 1.00 12.66 ? 7    GLY A CA  1 
ATOM   47  C C   . GLY A 1 7  ? 4.865   -1.127  -16.350 1.00 11.91 ? 7    GLY A C   1 
ATOM   48  O O   . GLY A 1 7  ? 5.717   -0.505  -15.702 1.00 16.77 ? 7    GLY A O   1 
ATOM   49  N N   . GLY A 1 8  ? 5.101   -1.955  -17.341 1.00 13.81 ? 8    GLY A N   1 
ATOM   50  C CA  . GLY A 1 8  ? 6.445   -2.348  -17.719 1.00 15.01 ? 8    GLY A CA  1 
ATOM   51  C C   . GLY A 1 8  ? 7.024   -3.480  -16.927 1.00 12.92 ? 8    GLY A C   1 
ATOM   52  O O   . GLY A 1 8  ? 8.086   -3.987  -17.203 1.00 13.88 ? 8    GLY A O   1 
ATOM   53  N N   . GLY A 1 9  ? 6.271   -3.956  -15.933 1.00 12.21 ? 9    GLY A N   1 
ATOM   54  C CA  . GLY A 1 9  ? 6.830   -4.919  -15.036 1.00 17.49 ? 9    GLY A CA  1 
ATOM   55  C C   . GLY A 1 9  ? 7.725   -4.126  -14.079 1.00 19.93 ? 9    GLY A C   1 
ATOM   56  O O   . GLY A 1 9  ? 7.735   -2.916  -13.836 1.00 23.19 ? 9    GLY A O   1 
ATOM   57  N N   . GLY A 1 10 ? 8.565   -4.933  -13.516 1.00 20.00 ? 10   GLY A N   1 
ATOM   58  C CA  . GLY A 1 10 ? 9.521   -4.490  -12.556 1.00 12.79 ? 10   GLY A CA  1 
ATOM   59  C C   . GLY A 1 10 ? 8.963   -4.663  -11.158 1.00 11.79 ? 10   GLY A C   1 
ATOM   60  O O   . GLY A 1 10 ? 7.856   -5.137  -10.871 1.00 11.62 ? 10   GLY A O   1 
ATOM   61  N N   . VAL A 1 11 ? 9.802   -4.281  -10.210 1.00 9.63  ? 11   VAL A N   1 
ATOM   62  C CA  . VAL A 1 11 ? 9.388   -4.372  -8.820  1.00 8.57  ? 11   VAL A CA  1 
ATOM   63  C C   . VAL A 1 11 ? 8.195   -3.476  -8.548  1.00 7.68  ? 11   VAL A C   1 
ATOM   64  O O   . VAL A 1 11 ? 8.126   -2.300  -8.984  1.00 10.82 ? 11   VAL A O   1 
ATOM   65  C CB  . VAL A 1 11 ? 10.598  -3.977  -7.950  1.00 9.03  ? 11   VAL A CB  1 
ATOM   66  C CG1 . VAL A 1 11 ? 10.204  -3.803  -6.523  1.00 10.99 ? 11   VAL A CG1 1 
ATOM   67  C CG2 . VAL A 1 11 ? 11.742  -4.989  -8.099  1.00 11.61 ? 11   VAL A CG2 1 
ATOM   68  N N   . CYS A 1 12 ? 7.214   -3.986  -7.807  1.00 7.85  ? 12   CYS A N   1 
ATOM   69  C CA  . CYS A 1 12 ? 6.071   -3.162  -7.351  1.00 7.64  ? 12   CYS A CA  1 
ATOM   70  C C   . CYS A 1 12 ? 6.523   -2.368  -6.127  1.00 7.94  ? 12   CYS A C   1 
ATOM   71  O O   . CYS A 1 12 ? 7.075   -2.944  -5.204  1.00 9.47  ? 12   CYS A O   1 
ATOM   72  C CB  . CYS A 1 12 ? 4.881   -4.091  -7.027  1.00 8.00  ? 12   CYS A CB  1 
ATOM   73  S SG  . CYS A 1 12 ? 3.423   -3.103  -6.639  1.00 8.36  ? 12   CYS A SG  1 
HETATM 74  N N   . DBB A 1 13 ? 6.238   -1.076  -6.163  1.00 9.15  ? 13   DBB A N   1 
HETATM 75  C CA  . DBB A 1 13 ? 6.650   -0.237  -5.040  1.00 9.89  ? 13   DBB A CA  1 
HETATM 76  C C   . DBB A 1 13 ? 7.964   0.497   -5.235  1.00 10.38 ? 13   DBB A C   1 
HETATM 77  O O   . DBB A 1 13 ? 8.526   0.983   -4.241  1.00 12.30 ? 13   DBB A O   1 
HETATM 78  C CB  . DBB A 1 13 ? 5.534   0.729   -4.638  1.00 10.57 ? 13   DBB A CB  1 
HETATM 79  C CG  . DBB A 1 13 ? 4.329   -0.029  -4.095  1.00 13.45 ? 13   DBB A CG  1 
ATOM   80  N N   . LEU A 1 14 ? 8.409   0.600   -6.488  1.00 10.74 ? 14   LEU A N   1 
ATOM   81  C CA  . LEU A 1 14 ? 9.697   1.264   -6.784  1.00 9.79  ? 14   LEU A CA  1 
ATOM   82  C C   . LEU A 1 14 ? 9.617   1.868   -8.169  1.00 10.07 ? 14   LEU A C   1 
ATOM   83  O O   . LEU A 1 14 ? 9.181   1.204   -9.120  1.00 12.42 ? 14   LEU A O   1 
ATOM   84  C CB  . LEU A 1 14 ? 10.768  0.149   -6.768  1.00 12.54 ? 14   LEU A CB  1 
ATOM   85  C CG  . LEU A 1 14 ? 12.168  0.628   -7.114  1.00 11.19 ? 14   LEU A CG  1 
ATOM   86  C CD1 . LEU A 1 14 ? 12.594  1.766   -6.204  1.00 14.91 ? 14   LEU A CD1 1 
ATOM   87  C CD2 . LEU A 1 14 ? 13.130  -0.540  -7.116  1.00 11.63 ? 14   LEU A CD2 1 
HETATM 88  N N   . DBB A 1 15 ? 10.019  3.129   -8.258  1.00 10.21 ? 15   DBB A N   1 
HETATM 89  C CA  . DBB A 1 15 ? 10.005  3.861   -9.497  1.00 11.44 ? 15   DBB A CA  1 
HETATM 90  C C   . DBB A 1 15 ? 8.694   4.661   -9.640  1.00 12.21 ? 15   DBB A C   1 
HETATM 91  O O   . DBB A 1 15 ? 8.004   4.891   -8.663  1.00 13.13 ? 15   DBB A O   1 
HETATM 92  C CB  . DBB A 1 15 ? 11.263  4.671   -9.727  1.00 13.59 ? 15   DBB A CB  1 
HETATM 93  C CG  . DBB A 1 15 ? 12.525  3.798   -9.778  1.00 16.46 ? 15   DBB A CG  1 
HETATM 94  N N   . DHA A 1 16 ? 8.427   5.068   -10.874 1.00 13.84 ? 16   DHA A N   1 
HETATM 95  C CA  . DHA A 1 16 ? 7.389   6.049   -11.083 1.00 15.20 ? 16   DHA A CA  1 
HETATM 96  C CB  . DHA A 1 16 ? 7.638   7.154   -11.777 1.00 26.48 ? 16   DHA A CB  1 
HETATM 97  C C   . DHA A 1 16 ? 6.065   5.737   -10.594 1.00 13.74 ? 16   DHA A C   1 
HETATM 98  O O   . DHA A 1 16 ? 5.291   6.657   -10.274 1.00 16.77 ? 16   DHA A O   1 
ATOM   99  N N   . GLU A 1 17 ? 5.664   4.447   -10.480 1.00 13.93 ? 17   GLU A N   1 
ATOM   100 C CA  . GLU A 1 17 ? 4.346   4.086   -10.021 1.00 13.92 ? 17   GLU A CA  1 
ATOM   101 C C   . GLU A 1 17 ? 4.193   4.126   -8.507  1.00 12.94 ? 17   GLU A C   1 
ATOM   102 O O   . GLU A 1 17 ? 3.069   4.090   -8.038  1.00 13.90 ? 17   GLU A O   1 
ATOM   103 C CB  . GLU A 1 17 ? 3.767   2.828   -10.619 1.00 16.70 ? 17   GLU A CB  1 
ATOM   104 C CG  . GLU A 1 17 ? 3.714   2.777   -12.113 1.00 21.32 ? 17   GLU A CG  1 
ATOM   105 C CD  . GLU A 1 17 ? 2.675   1.878   -12.737 1.00 17.83 ? 17   GLU A CD  1 
ATOM   106 O OE1 . GLU A 1 17 ? 1.647   1.449   -12.189 1.00 23.75 ? 17   GLU A OE1 1 
ATOM   107 O OE2 . GLU A 1 17 ? 2.956   1.569   -13.902 1.00 23.45 ? 17   GLU A OE2 1 
ATOM   108 N N   . CYS A 1 18 ? 5.296   4.218   -7.783  1.00 11.34 ? 18   CYS A N   1 
ATOM   109 C CA  . CYS A 1 18 ? 5.454   4.479   -6.380  1.00 11.76 ? 18   CYS A CA  1 
ATOM   110 C C   . CYS A 1 18 ? 6.054   5.826   -6.177  1.00 11.90 ? 18   CYS A C   1 
ATOM   111 O O   . CYS A 1 18 ? 5.483   6.771   -6.826  1.00 14.55 ? 18   CYS A O   1 
ATOM   112 C CB  . CYS A 1 18 ? 6.056   3.291   -5.649  1.00 10.33 ? 18   CYS A CB  1 
ATOM   113 S SG  . CYS A 1 18 ? 5.020   1.828   -5.974  1.00 12.04 ? 18   CYS A SG  1 
ATOM   114 N N   . ILE A 1 19 ? 7.065   6.081   -5.379  1.00 13.38 ? 19   ILE A N   1 
ATOM   115 C CA  . ILE A 1 19 ? 7.600   7.426   -5.151  1.00 15.13 ? 19   ILE A CA  1 
ATOM   116 C C   . ILE A 1 19 ? 8.084   8.032   -6.445  1.00 13.40 ? 19   ILE A C   1 
ATOM   117 O O   . ILE A 1 19 ? 7.759   9.171   -6.826  1.00 17.69 ? 19   ILE A O   1 
ATOM   118 C CB  . ILE A 1 19 ? 8.566   7.506   -3.976  1.00 17.27 ? 19   ILE A CB  1 
ATOM   119 C CG1 . ILE A 1 19 ? 8.004   7.042   -2.625  1.00 18.33 ? 19   ILE A CG1 1 
ATOM   120 C CG2 . ILE A 1 19 ? 9.128   8.920   -3.899  1.00 21.52 ? 19   ILE A CG2 1 
ATOM   121 C CD1 . ILE A 1 19 ? 7.192   8.034   -1.872  1.00 18.23 ? 19   ILE A CD1 1 
HETATM 122 N N   . TEE A 1 20 ? 8.918   7.277   -7.171  1.00 15.55 ? 20   TEE A N   1 
HETATM 123 C CB  . TEE A 1 20 ? 10.544  7.278   -8.960  1.00 16.14 ? 20   TEE A CB  1 
HETATM 124 C CA  . TEE A 1 20 ? 9.416   7.660   -8.441  1.00 17.68 ? 20   TEE A CA  1 
HETATM 125 S SG  . TEE A 1 20 ? 11.491  5.959   -8.451  1.00 14.65 ? 20   TEE A SG  1 
ATOM   126 N N   . CYS B 1 1  ? -12.239 4.718   -4.695  1.00 11.86 ? 1    CYS B N   1 
ATOM   127 C CA  . CYS B 1 1  ? -11.003 5.350   -4.232  1.00 11.78 ? 1    CYS B CA  1 
ATOM   128 C C   . CYS B 1 1  ? -11.416 6.393   -3.164  1.00 10.19 ? 1    CYS B C   1 
ATOM   129 O O   . CYS B 1 1  ? -12.633 6.644   -3.028  1.00 10.62 ? 1    CYS B O   1 
ATOM   130 C CB  . CYS B 1 1  ? -10.258 5.968   -5.404  1.00 12.16 ? 1    CYS B CB  1 
ATOM   131 S SG  . CYS B 1 1  ? -8.489  6.086   -5.124  1.00 13.67 ? 1    CYS B SG  1 
HETATM 132 N N   . DBB B 1 2  ? -10.505 7.005   -2.444  1.00 9.83  ? 2    DBB B N   1 
HETATM 133 C CA  . DBB B 1 2  ? -9.032  6.870   -2.509  1.00 10.59 ? 2    DBB B CA  1 
HETATM 134 C C   . DBB B 1 2  ? -8.486  5.534   -2.090  1.00 10.86 ? 2    DBB B C   1 
HETATM 135 O O   . DBB B 1 2  ? -9.236  4.577   -1.884  1.00 11.74 ? 2    DBB B O   1 
HETATM 136 C CB  . DBB B 1 2  ? -8.418  7.352   -3.821  1.00 12.50 ? 2    DBB B CB  1 
HETATM 137 C CG  . DBB B 1 2  ? -9.019  8.669   -4.278  1.00 15.76 ? 2    DBB B CG  1 
ATOM   138 N N   . PHE B 1 3  ? -7.170  5.436   -1.925  1.00 11.14 ? 3    PHE B N   1 
ATOM   139 C CA  . PHE B 1 3  ? -6.515  4.134   -1.668  1.00 10.82 ? 3    PHE B CA  1 
ATOM   140 C C   . PHE B 1 3  ? -6.947  3.595   -0.341  1.00 8.99  ? 3    PHE B C   1 
ATOM   141 O O   . PHE B 1 3  ? -6.746  4.205   0.699   1.00 11.44 ? 3    PHE B O   1 
ATOM   142 C CB  . PHE B 1 3  ? -5.011  4.402   -1.652  1.00 12.51 ? 3    PHE B CB  1 
ATOM   143 C CG  . PHE B 1 3  ? -4.184  3.133   -1.470  1.00 15.53 ? 3    PHE B CG  1 
ATOM   144 C CD1 . PHE B 1 3  ? -4.010  2.285   -2.553  1.00 23.50 ? 3    PHE B CD1 1 
ATOM   145 C CD2 . PHE B 1 3  ? -3.587  2.815   -0.257  1.00 16.81 ? 3    PHE B CD2 1 
ATOM   146 C CE1 . PHE B 1 3  ? -3.233  1.139   -2.405  1.00 27.57 ? 3    PHE B CE1 1 
ATOM   147 C CE2 . PHE B 1 3  ? -2.812  1.682   -0.071  1.00 21.07 ? 3    PHE B CE2 1 
ATOM   148 C CZ  . PHE B 1 3  ? -2.653  0.902   -1.198  1.00 25.46 ? 3    PHE B CZ  1 
HETATM 149 N N   . DBB B 1 4  ? -7.567  2.406   -0.356  1.00 10.56 ? 4    DBB B N   1 
HETATM 150 C CA  . DBB B 1 4  ? -8.157  1.782   0.803   1.00 10.08 ? 4    DBB B CA  1 
HETATM 151 C C   . DBB B 1 4  ? -9.669  1.707   0.756   1.00 11.92 ? 4    DBB B C   1 
HETATM 152 O O   . DBB B 1 4  ? -10.281 0.942   1.521   1.00 11.89 ? 4    DBB B O   1 
HETATM 153 C CB  . DBB B 1 4  ? -7.498  0.434   1.094   1.00 10.64 ? 4    DBB B CB  1 
HETATM 154 C CG  . DBB B 1 4  ? -6.022  0.583   1.428   1.00 10.75 ? 4    DBB B CG  1 
ATOM   155 N N   . LEU B 1 5  ? -10.326 2.472   -0.106  1.00 11.66 ? 5    LEU B N   1 
ATOM   156 C CA  . LEU B 1 5  ? -11.786 2.586   -0.165  1.00 11.26 ? 5    LEU B CA  1 
ATOM   157 C C   . LEU B 1 5  ? -12.276 2.395   -1.597  1.00 13.32 ? 5    LEU B C   1 
ATOM   158 O O   . LEU B 1 5  ? -12.657 3.361   -2.283  1.00 13.03 ? 5    LEU B O   1 
ATOM   159 C CB  . LEU B 1 5  ? -12.255 3.965   0.373   1.00 15.85 ? 5    LEU B CB  1 
ATOM   160 C CG  . LEU B 1 5  ? -12.058 4.133   1.900   1.00 22.60 ? 5    LEU B CG  1 
ATOM   161 C CD1 . LEU B 1 5  ? -12.385 5.596   2.239   1.00 27.65 ? 5    LEU B CD1 1 
ATOM   162 C CD2 . LEU B 1 5  ? -12.959 3.164   2.652   1.00 24.79 ? 5    LEU B CD2 1 
ATOM   163 N N   . PRO B 1 6  ? -12.299 1.151   -2.061  1.00 12.03 ? 6    PRO B N   1 
ATOM   164 C CA  . PRO B 1 6  ? -12.886 0.985   -3.387  1.00 12.59 ? 6    PRO B CA  1 
ATOM   165 C C   . PRO B 1 6  ? -14.341 1.452   -3.472  1.00 13.28 ? 6    PRO B C   1 
ATOM   166 O O   . PRO B 1 6  ? -15.155 1.306   -2.580  1.00 12.64 ? 6    PRO B O   1 
ATOM   167 C CB  . PRO B 1 6  ? -12.794 -0.537  -3.589  1.00 16.92 ? 6    PRO B CB  1 
ATOM   168 C CG  . PRO B 1 6  ? -12.133 -1.144  -2.424  1.00 15.97 ? 6    PRO B CG  1 
ATOM   169 C CD  . PRO B 1 6  ? -11.867 -0.092  -1.423  1.00 11.88 ? 6    PRO B CD  1 
ATOM   170 N N   . GLY B 1 7  ? -14.671 2.086   -4.610  1.00 12.59 ? 7    GLY B N   1 
ATOM   171 C CA  . GLY B 1 7  ? -16.053 2.391   -4.959  1.00 10.53 ? 7    GLY B CA  1 
ATOM   172 C C   . GLY B 1 7  ? -16.922 1.148   -4.826  1.00 9.98  ? 7    GLY B C   1 
ATOM   173 O O   . GLY B 1 7  ? -16.600 0.063   -5.298  1.00 11.31 ? 7    GLY B O   1 
ATOM   174 N N   . GLY B 1 8  ? -18.081 1.307   -4.197  1.00 11.83 ? 8    GLY B N   1 
ATOM   175 C CA  . GLY B 1 8  ? -18.964 0.161   -3.990  1.00 12.08 ? 8    GLY B CA  1 
ATOM   176 C C   . GLY B 1 8  ? -18.612 -0.692  -2.795  1.00 12.62 ? 8    GLY B C   1 
ATOM   177 O O   . GLY B 1 8  ? -19.331 -1.671  -2.531  1.00 13.47 ? 8    GLY B O   1 
ATOM   178 N N   . GLY B 1 9  ? -17.515 -0.426  -2.088  1.00 14.20 ? 9    GLY B N   1 
ATOM   179 C CA  . GLY B 1 9  ? -17.331 -1.083  -0.836  1.00 13.23 ? 9    GLY B CA  1 
ATOM   180 C C   . GLY B 1 9  ? -16.797 -2.451  -0.695  1.00 12.84 ? 9    GLY B C   1 
ATOM   181 O O   . GLY B 1 9  ? -16.924 -3.036  0.408   1.00 15.71 ? 9    GLY B O   1 
ATOM   182 N N   . GLY B 1 10 ? -16.136 -2.999  -1.706  1.00 12.18 ? 10   GLY B N   1 
ATOM   183 C CA  . GLY B 1 10 ? -15.445 -4.273  -1.518  1.00 11.61 ? 10   GLY B CA  1 
ATOM   184 C C   . GLY B 1 10 ? -14.180 -4.162  -0.673  1.00 11.55 ? 10   GLY B C   1 
ATOM   185 O O   . GLY B 1 10 ? -13.736 -3.091  -0.228  1.00 12.94 ? 10   GLY B O   1 
ATOM   186 N N   . VAL B 1 11 ? -13.534 -5.321  -0.439  1.00 10.56 ? 11   VAL B N   1 
ATOM   187 C CA  . VAL B 1 11 ? -12.265 -5.367  0.302   1.00 10.40 ? 11   VAL B CA  1 
ATOM   188 C C   . VAL B 1 11 ? -11.155 -4.676  -0.435  1.00 10.80 ? 11   VAL B C   1 
ATOM   189 O O   . VAL B 1 11 ? -10.852 -4.950  -1.598  1.00 12.23 ? 11   VAL B O   1 
ATOM   190 C CB  . VAL B 1 11 ? -11.887 -6.831  0.581   1.00 11.67 ? 11   VAL B CB  1 
ATOM   191 C CG1 . VAL B 1 11 ? -10.478 -6.891  1.146   1.00 14.49 ? 11   VAL B CG1 1 
ATOM   192 C CG2 . VAL B 1 11 ? -12.851 -7.464  1.554   1.00 14.87 ? 11   VAL B CG2 1 
ATOM   193 N N   . CYS B 1 12 ? -10.480 -3.759  0.241   1.00 9.45  ? 12   CYS B N   1 
ATOM   194 C CA  . CYS B 1 12 ? -9.359  -3.017  -0.409  1.00 10.05 ? 12   CYS B CA  1 
ATOM   195 C C   . CYS B 1 12 ? -8.219  -4.043  -0.582  1.00 10.61 ? 12   CYS B C   1 
ATOM   196 O O   . CYS B 1 12 ? -7.830  -4.704  0.339   1.00 14.26 ? 12   CYS B O   1 
ATOM   197 C CB  . CYS B 1 12 ? -8.946  -1.882  0.538   1.00 10.69 ? 12   CYS B CB  1 
ATOM   198 S SG  . CYS B 1 12 ? -7.756  -0.789  -0.216  1.00 10.58 ? 12   CYS B SG  1 
HETATM 199 N N   . DBB B 1 13 ? -7.701  -4.080  -1.805  1.00 12.11 ? 13   DBB B N   1 
HETATM 200 C CA  . DBB B 1 13 ? -6.581  -4.933  -2.117  1.00 13.10 ? 13   DBB B CA  1 
HETATM 201 C C   . DBB B 1 13 ? -7.018  -6.204  -2.821  1.00 12.99 ? 13   DBB B C   1 
HETATM 202 O O   . DBB B 1 13 ? -6.231  -7.072  -3.209  1.00 17.46 ? 13   DBB B O   1 
HETATM 203 C CB  . DBB B 1 13 ? -5.446  -4.212  -2.855  1.00 15.07 ? 13   DBB B CB  1 
HETATM 204 C CG  . DBB B 1 13 ? -4.968  -3.003  -2.026  1.00 17.80 ? 13   DBB B CG  1 
ATOM   205 N N   . LEU B 1 14 ? -8.314  -6.379  -3.015  1.00 11.24 ? 14   LEU B N   1 
ATOM   206 C CA  . LEU B 1 14 ? -8.823  -7.638  -3.559  1.00 12.74 ? 14   LEU B CA  1 
ATOM   207 C C   . LEU B 1 14 ? -9.757  -7.375  -4.731  1.00 12.38 ? 14   LEU B C   1 
ATOM   208 O O   . LEU B 1 14 ? -10.912 -7.008  -4.517  1.00 14.07 ? 14   LEU B O   1 
ATOM   209 C CB  . LEU B 1 14 ? -9.540  -8.345  -2.413  1.00 15.47 ? 14   LEU B CB  1 
ATOM   210 C CG  . LEU B 1 14 ? -10.063 -9.725  -2.721  1.00 15.82 ? 14   LEU B CG  1 
ATOM   211 C CD1 . LEU B 1 14 ? -8.986  -10.613 -3.317  1.00 22.94 ? 14   LEU B CD1 1 
ATOM   212 C CD2 . LEU B 1 14 ? -10.700 -10.360 -1.495  1.00 16.58 ? 14   LEU B CD2 1 
HETATM 213 N N   . DBB B 1 15 ? -9.181  -7.563  -5.916  1.00 11.82 ? 15   DBB B N   1 
HETATM 214 C CA  . DBB B 1 15 ? -9.879  -7.376  -7.161  1.00 12.49 ? 15   DBB B CA  1 
HETATM 215 C C   . DBB B 1 15 ? -9.093  -6.482  -8.127  1.00 12.18 ? 15   DBB B C   1 
HETATM 216 O O   . DBB B 1 15 ? -7.889  -6.321  -7.907  1.00 11.09 ? 15   DBB B O   1 
HETATM 217 C CB  . DBB B 1 15 ? -10.287 -8.701  -7.812  1.00 13.29 ? 15   DBB B CB  1 
HETATM 218 C CG  . DBB B 1 15 ? -11.236 -9.524  -6.939  1.00 18.33 ? 15   DBB B CG  1 
HETATM 219 N N   . DHA B 1 16 ? -9.769  -6.022  -9.178  1.00 12.83 ? 16   DHA B N   1 
HETATM 220 C CA  . DHA B 1 16 ? -9.161  -5.322  -10.287 1.00 13.71 ? 16   DHA B CA  1 
HETATM 221 C CB  . DHA B 1 16 ? -9.229  -5.837  -11.517 1.00 18.86 ? 16   DHA B CB  1 
HETATM 222 C C   . DHA B 1 16 ? -8.341  -4.153  -10.019 1.00 12.24 ? 16   DHA B C   1 
HETATM 223 O O   . DHA B 1 16 ? -7.448  -3.803  -10.776 1.00 14.06 ? 16   DHA B O   1 
ATOM   224 N N   . GLU B 1 17 ? -8.623  -3.449  -8.905  1.00 11.20 ? 17   GLU B N   1 
ATOM   225 C CA  . GLU B 1 17 ? -7.803  -2.301  -8.565  1.00 10.66 ? 17   GLU B CA  1 
ATOM   226 C C   . GLU B 1 17 ? -6.465  -2.705  -7.926  1.00 10.52 ? 17   GLU B C   1 
ATOM   227 O O   . GLU B 1 17 ? -5.582  -1.878  -7.772  1.00 11.22 ? 17   GLU B O   1 
ATOM   228 C CB  . GLU B 1 17 ? -8.559  -1.353  -7.635  1.00 11.71 ? 17   GLU B CB  1 
ATOM   229 C CG  . GLU B 1 17 ? -9.801  -0.763  -8.310  1.00 15.39 ? 17   GLU B CG  1 
ATOM   230 C CD  . GLU B 1 17 ? -10.592 0.212   -7.475  1.00 23.59 ? 17   GLU B CD  1 
ATOM   231 O OE1 . GLU B 1 17 ? -10.360 0.411   -6.275  1.00 28.96 ? 17   GLU B OE1 1 
ATOM   232 O OE2 . GLU B 1 17 ? -11.539 0.802   -8.025  1.00 39.04 ? 17   GLU B OE2 1 
ATOM   233 N N   . CYS B 1 18 ? -6.356  -3.967  -7.543  1.00 10.63 ? 18   CYS B N   1 
ATOM   234 C CA  . CYS B 1 18 ? -5.141  -4.563  -6.975  1.00 10.29 ? 18   CYS B CA  1 
ATOM   235 C C   . CYS B 1 18 ? -4.587  -5.556  -7.938  1.00 10.18 ? 18   CYS B C   1 
ATOM   236 O O   . CYS B 1 18 ? -4.321  -5.193  -9.090  1.00 12.78 ? 18   CYS B O   1 
ATOM   237 C CB  . CYS B 1 18 ? -5.429  -5.059  -5.555  1.00 10.87 ? 18   CYS B CB  1 
ATOM   238 S SG  . CYS B 1 18 ? -5.908  -3.676  -4.509  1.00 13.88 ? 18   CYS B SG  1 
ATOM   239 N N   . ILE B 1 19 ? -4.331  -6.807  -7.603  1.00 11.74 ? 19   ILE B N   1 
ATOM   240 C CA  . ILE B 1 19 ? -3.822  -7.806  -8.529  1.00 11.83 ? 19   ILE B CA  1 
ATOM   241 C C   . ILE B 1 19 ? -4.865  -8.248  -9.549  1.00 12.44 ? 19   ILE B C   1 
ATOM   242 O O   . ILE B 1 19 ? -4.502  -8.356  -10.734 1.00 16.38 ? 19   ILE B O   1 
ATOM   243 C CB  . ILE B 1 19 ? -3.193  -8.981  -7.793  1.00 13.27 ? 19   ILE B CB  1 
ATOM   244 C CG1 . ILE B 1 19 ? -2.203  -8.570  -6.713  1.00 15.69 ? 19   ILE B CG1 1 
ATOM   245 C CG2 . ILE B 1 19 ? -2.741  -10.078 -8.704  1.00 13.81 ? 19   ILE B CG2 1 
ATOM   246 C CD1 . ILE B 1 19 ? -1.006  -7.788  -7.273  1.00 13.59 ? 19   ILE B CD1 1 
HETATM 247 N N   . TEE B 1 20 ? -6.131  -8.463  -9.176  1.00 13.47 ? 20   TEE B N   1 
HETATM 248 C CB  . TEE B 1 20 ? -8.342  -9.194  -9.789  1.00 14.63 ? 20   TEE B CB  1 
HETATM 249 C CA  . TEE B 1 20 ? -7.189  -8.682  -10.085 1.00 16.26 ? 20   TEE B CA  1 
HETATM 250 S SG  . TEE B 1 20 ? -8.821  -9.708  -8.236  1.00 13.83 ? 20   TEE B SG  1 
ATOM   251 N N   . CYS C 1 1  ? -0.025  11.135  -7.393  1.00 11.48 ? 1    CYS C N   1 
ATOM   252 C CA  . CYS C 1 1  ? 0.471   9.731   -7.550  1.00 10.13 ? 1    CYS C CA  1 
ATOM   253 C C   . CYS C 1 1  ? 1.924   9.837   -8.017  1.00 12.70 ? 1    CYS C C   1 
ATOM   254 O O   . CYS C 1 1  ? 2.363   10.973  -8.295  1.00 14.32 ? 1    CYS C O   1 
ATOM   255 C CB  . CYS C 1 1  ? -0.442  8.989   -8.517  1.00 14.38 ? 1    CYS C CB  1 
ATOM   256 S SG  . CYS C 1 1  ? -0.420  7.210   -8.211  1.00 13.39 ? 1    CYS C SG  1 
HETATM 257 N N   . DBB C 1 2  ? 2.671   8.760   -8.113  1.00 12.07 ? 2    DBB C N   1 
HETATM 258 C CA  . DBB C 1 2  ? 2.347   7.358   -7.855  1.00 12.11 ? 2    DBB C CA  1 
HETATM 259 C C   . DBB C 1 2  ? 2.139   7.081   -6.388  1.00 12.02 ? 2    DBB C C   1 
HETATM 260 O O   . DBB C 1 2  ? 2.023   7.995   -5.574  1.00 13.02 ? 2    DBB C O   1 
HETATM 261 C CB  . DBB C 1 2  ? 1.257   6.782   -8.734  1.00 13.18 ? 2    DBB C CB  1 
HETATM 262 C CG  . DBB C 1 2  ? 1.491   7.087   -10.202 1.00 16.63 ? 2    DBB C CG  1 
ATOM   263 N N   . PHE C 1 3  ? 2.071   5.811   -6.012  1.00 12.55 ? 3    PHE C N   1 
ATOM   264 C CA  . PHE C 1 3  ? 1.806   5.419   -4.656  1.00 13.23 ? 3    PHE C CA  1 
ATOM   265 C C   . PHE C 1 3  ? 2.923   5.918   -3.733  1.00 12.93 ? 3    PHE C C   1 
ATOM   266 O O   . PHE C 1 3  ? 4.104   5.597   -3.941  1.00 13.12 ? 3    PHE C O   1 
ATOM   267 C CB  . PHE C 1 3  ? 1.684   3.894   -4.522  1.00 12.68 ? 3    PHE C CB  1 
ATOM   268 C CG  . PHE C 1 3  ? 1.410   3.486   -3.069  1.00 13.50 ? 3    PHE C CG  1 
ATOM   269 C CD1 . PHE C 1 3  ? 0.173   3.739   -2.507  1.00 15.37 ? 3    PHE C CD1 1 
ATOM   270 C CD2 . PHE C 1 3  ? 2.385   2.875   -2.288  1.00 13.35 ? 3    PHE C CD2 1 
ATOM   271 C CE1 . PHE C 1 3  ? -0.127  3.389   -1.211  1.00 19.13 ? 3    PHE C CE1 1 
ATOM   272 C CE2 . PHE C 1 3  ? 2.097   2.482   -0.995  1.00 15.47 ? 3    PHE C CE2 1 
ATOM   273 C CZ  . PHE C 1 3  ? 0.849   2.758   -0.456  1.00 17.23 ? 3    PHE C CZ  1 
HETATM 274 N N   . DBB C 1 4  ? 2.591   6.729   -2.743  1.00 13.36 ? 4    DBB C N   1 
HETATM 275 C CA  . DBB C 1 4  ? 3.587   7.359   -1.893  1.00 13.68 ? 4    DBB C CA  1 
HETATM 276 C C   . DBB C 1 4  ? 3.699   8.854   -2.096  1.00 16.29 ? 4    DBB C C   1 
HETATM 277 O O   . DBB C 1 4  ? 4.281   9.534   -1.243  1.00 21.30 ? 4    DBB C O   1 
HETATM 278 C CB  . DBB C 1 4  ? 3.398   7.041   -0.404  1.00 14.03 ? 4    DBB C CB  1 
HETATM 279 C CG  . DBB C 1 4  ? 3.462   5.546   -0.155  1.00 15.03 ? 4    DBB C CG  1 
ATOM   280 N N   . LEU C 1 5  ? 3.170   9.309   -3.230  1.00 15.31 ? 5    LEU C N   1 
ATOM   281 C CA  . LEU C 1 5  ? 3.260   10.713  -3.602  1.00 19.32 ? 5    LEU C CA  1 
ATOM   282 C C   . LEU C 1 5  ? 1.873   11.264  -3.938  1.00 21.06 ? 5    LEU C C   1 
ATOM   283 O O   . LEU C 1 5  ? 1.446   11.345  -5.094  1.00 20.08 ? 5    LEU C O   1 
ATOM   284 C CB  . LEU C 1 5  ? 4.113   10.754  -4.888  1.00 21.19 ? 5    LEU C CB  1 
ATOM   285 C CG  . LEU C 1 5  ? 5.041   11.950  -5.075  1.00 27.62 ? 5    LEU C CG  1 
ATOM   286 C CD1 . LEU C 1 5  ? 6.312   11.722  -4.241  1.00 40.90 ? 5    LEU C CD1 1 
ATOM   287 C CD2 . LEU C 1 5  ? 5.462   11.998  -6.538  1.00 32.46 ? 5    LEU C CD2 1 
ATOM   288 N N   . PRO C 1 6  ? 1.078   11.650  -2.929  1.00 20.71 ? 6    PRO C N   1 
ATOM   289 C CA  . PRO C 1 6  ? -0.271  12.161  -3.167  1.00 20.50 ? 6    PRO C CA  1 
ATOM   290 C C   . PRO C 1 6  ? -0.221  13.360  -4.094  1.00 18.41 ? 6    PRO C C   1 
ATOM   291 O O   . PRO C 1 6  ? 0.641   14.233  -3.907  1.00 22.05 ? 6    PRO C O   1 
ATOM   292 C CB  . PRO C 1 6  ? -0.703  12.675  -1.784  1.00 26.41 ? 6    PRO C CB  1 
ATOM   293 C CG  . PRO C 1 6  ? 0.538   12.738  -0.961  1.00 27.53 ? 6    PRO C CG  1 
ATOM   294 C CD  . PRO C 1 6  ? 1.416   11.639  -1.507  1.00 21.44 ? 6    PRO C CD  1 
ATOM   295 N N   . GLY C 1 7  ? -1.142  13.380  -5.051  1.00 20.22 ? 7    GLY C N   1 
ATOM   296 C CA  . GLY C 1 7  ? -1.177  14.400  -6.080  1.00 17.38 ? 7    GLY C CA  1 
ATOM   297 C C   . GLY C 1 7  ? -1.225  15.805  -5.581  1.00 19.64 ? 7    GLY C C   1 
ATOM   298 O O   . GLY C 1 7  ? -0.619  16.801  -5.973  1.00 27.55 ? 7    GLY C O   1 
ATOM   299 N N   . GLY C 1 8  ? -2.041  16.038  -4.535  1.00 20.92 ? 8    GLY C N   1 
ATOM   300 C CA  . GLY C 1 8  ? -1.964  17.425  -4.088  1.00 28.05 ? 8    GLY C CA  1 
ATOM   301 C C   . GLY C 1 8  ? -0.970  17.674  -2.986  1.00 26.07 ? 8    GLY C C   1 
ATOM   302 O O   . GLY C 1 8  ? -1.073  18.701  -2.310  1.00 21.97 ? 8    GLY C O   1 
ATOM   303 N N   . GLY C 1 9  ? -0.006  16.787  -2.733  1.00 28.24 ? 9    GLY C N   1 
ATOM   304 C CA  . GLY C 1 9  ? 0.952   17.085  -1.685  1.00 27.75 ? 9    GLY C CA  1 
ATOM   305 C C   . GLY C 1 9  ? 0.564   16.627  -0.303  1.00 25.08 ? 9    GLY C C   1 
ATOM   306 O O   . GLY C 1 9  ? -0.465  15.979  -0.074  1.00 33.71 ? 9    GLY C O   1 
ATOM   307 N N   . GLY C 1 10 ? 1.408   16.948  0.678   1.00 27.81 ? 10   GLY C N   1 
ATOM   308 C CA  . GLY C 1 10 ? 1.118   16.536  2.033   1.00 36.62 ? 10   GLY C CA  1 
ATOM   309 C C   . GLY C 1 10 ? 1.724   15.174  2.311   1.00 41.95 ? 10   GLY C C   1 
ATOM   310 O O   . GLY C 1 10 ? 2.821   14.832  1.872   1.00 40.24 ? 10   GLY C O   1 
ATOM   311 N N   . VAL C 1 11 ? 0.972   14.386  3.069   1.00 35.16 ? 11   VAL C N   1 
ATOM   312 C CA  . VAL C 1 11 ? 1.504   13.182  3.667   1.00 27.04 ? 11   VAL C CA  1 
ATOM   313 C C   . VAL C 1 11 ? 0.916   11.945  3.015   1.00 25.55 ? 11   VAL C C   1 
ATOM   314 O O   . VAL C 1 11 ? -0.289  11.717  2.981   1.00 26.22 ? 11   VAL C O   1 
ATOM   315 C CB  . VAL C 1 11 ? 1.198   13.201  5.181   1.00 28.62 ? 11   VAL C CB  1 
ATOM   316 C CG1 . VAL C 1 11 ? -0.215  13.705  5.446   1.00 39.26 ? 11   VAL C CG1 1 
ATOM   317 C CG2 . VAL C 1 11 ? 1.423   11.832  5.797   1.00 28.33 ? 11   VAL C CG2 1 
ATOM   318 N N   . CYS C 1 12 ? 1.779   11.106  2.471   1.00 22.32 ? 12   CYS C N   1 
ATOM   319 C CA  . CYS C 1 12 ? 1.269   9.887   1.802   1.00 18.16 ? 12   CYS C CA  1 
ATOM   320 C C   . CYS C 1 12 ? 0.514   8.966   2.767   1.00 17.22 ? 12   CYS C C   1 
ATOM   321 O O   . CYS C 1 12 ? 1.005   8.624   3.838   1.00 18.38 ? 12   CYS C O   1 
ATOM   322 C CB  . CYS C 1 12 ? 2.462   9.172   1.140   1.00 17.99 ? 12   CYS C CB  1 
ATOM   323 S SG  . CYS C 1 12 ? 1.846   7.712   0.254   1.00 15.27 ? 12   CYS C SG  1 
HETATM 324 N N   . DBB C 1 13 ? -0.689  8.571   2.336   1.00 17.76 ? 13   DBB C N   1 
HETATM 325 C CA  . DBB C 1 13 ? -1.524  7.687   3.144   1.00 19.11 ? 13   DBB C CA  1 
HETATM 326 C C   . DBB C 1 13 ? -2.474  8.433   4.061   1.00 22.88 ? 13   DBB C C   1 
HETATM 327 O O   . DBB C 1 13 ? -3.290  7.788   4.723   1.00 25.53 ? 13   DBB C O   1 
HETATM 328 C CB  . DBB C 1 13 ? -2.290  6.647   2.302   1.00 19.02 ? 13   DBB C CB  1 
HETATM 329 C CG  . DBB C 1 13 ? -1.310  5.679   1.641   1.00 20.71 ? 13   DBB C CG  1 
ATOM   330 N N   . LEU C 1 14 ? -2.431  9.755   4.118   1.00 24.53 ? 14   LEU C N   1 
ATOM   331 C CA  . LEU C 1 14 ? -3.215  10.636  4.963   1.00 31.83 ? 14   LEU C CA  1 
ATOM   332 C C   . LEU C 1 14 ? -3.851  11.789  4.194   1.00 31.37 ? 14   LEU C C   1 
ATOM   333 O O   . LEU C 1 14 ? -3.218  12.793  3.872   1.00 39.91 ? 14   LEU C O   1 
ATOM   334 C CB  . LEU C 1 14 ? -2.298  11.216  6.034   1.00 39.26 ? 14   LEU C CB  1 
ATOM   335 C CG  . LEU C 1 14 ? -2.480  10.900  7.496   1.00 42.26 ? 14   LEU C CG  1 
ATOM   336 C CD1 . LEU C 1 14 ? -1.635  11.785  8.393   1.00 44.59 ? 14   LEU C CD1 1 
ATOM   337 C CD2 . LEU C 1 14 ? -3.905  10.775  7.981   1.00 35.46 ? 14   LEU C CD2 1 
HETATM 338 N N   . DBB C 1 15 ? -5.139  11.689  3.877   1.00 30.40 ? 15   DBB C N   1 
HETATM 339 C CA  . DBB C 1 15 ? -5.867  12.720  3.125   1.00 31.51 ? 15   DBB C CA  1 
HETATM 340 C C   . DBB C 1 15 ? -6.658  12.052  1.985   1.00 27.00 ? 15   DBB C C   1 
HETATM 341 O O   . DBB C 1 15 ? -6.694  10.822  1.901   1.00 25.94 ? 15   DBB C O   1 
HETATM 342 C CB  . DBB C 1 15 ? -6.844  13.436  4.059   1.00 37.89 ? 15   DBB C CB  1 
HETATM 343 C CG  . DBB C 1 15 ? -6.174  14.363  5.053   1.00 37.02 ? 15   DBB C CG  1 
HETATM 344 N N   . DHA C 1 16 ? -7.280  12.856  1.132   1.00 27.75 ? 16   DHA C N   1 
HETATM 345 C CA  . DHA C 1 16 ? -8.190  12.364  0.107   1.00 27.32 ? 16   DHA C CA  1 
HETATM 346 C CB  . DHA C 1 16 ? -9.437  12.851  0.076   1.00 30.63 ? 16   DHA C CB  1 
HETATM 347 C C   . DHA C 1 16 ? -7.787  11.307  -0.784  1.00 25.05 ? 16   DHA C C   1 
HETATM 348 O O   . DHA C 1 16 ? -8.569  10.525  -1.305  1.00 19.84 ? 16   DHA C O   1 
ATOM   349 N N   . GLU C 1 17 ? -6.486  11.148  -1.041  1.00 25.57 ? 17   GLU C N   1 
ATOM   350 C CA  . GLU C 1 17 ? -6.009  10.136  -1.968  1.00 20.41 ? 17   GLU C CA  1 
ATOM   351 C C   . GLU C 1 17 ? -5.828  8.786   -1.297  1.00 16.01 ? 17   GLU C C   1 
ATOM   352 O O   . GLU C 1 17 ? -5.589  7.778   -1.967  1.00 14.22 ? 17   GLU C O   1 
ATOM   353 C CB  . GLU C 1 17 ? -4.702  10.611  -2.611  1.00 25.18 ? 17   GLU C CB  1 
ATOM   354 C CG  . GLU C 1 17 ? -5.027  11.661  -3.689  1.00 34.71 ? 17   GLU C CG  1 
ATOM   355 C CD  . GLU C 1 17 ? -3.791  12.127  -4.423  1.00 34.95 ? 17   GLU C CD  1 
ATOM   356 O OE1 . GLU C 1 17 ? -2.974  11.247  -4.760  1.00 39.37 ? 17   GLU C OE1 1 
ATOM   357 O OE2 . GLU C 1 17 ? -3.663  13.354  -4.643  1.00 51.23 ? 17   GLU C OE2 1 
ATOM   358 N N   . CYS C 1 18 ? -5.971  8.767   0.018   1.00 17.42 ? 18   CYS C N   1 
ATOM   359 C CA  . CYS C 1 18 ? -6.037  7.556   0.839   1.00 15.72 ? 18   CYS C CA  1 
ATOM   360 C C   . CYS C 1 18 ? -7.438  7.482   1.405   1.00 18.46 ? 18   CYS C C   1 
ATOM   361 O O   . CYS C 1 18 ? -8.359  7.549   0.617   1.00 18.71 ? 18   CYS C O   1 
ATOM   362 C CB  . CYS C 1 18 ? -4.925  7.522   1.877   1.00 15.38 ? 18   CYS C CB  1 
ATOM   363 S SG  . CYS C 1 18 ? -3.327  7.433   1.046   1.00 16.36 ? 18   CYS C SG  1 
ATOM   364 N N   . ILE C 1 19 ? -7.569  7.392   2.708   1.00 21.54 ? 19   ILE C N   1 
ATOM   365 C CA  . ILE C 1 19 ? -8.935  7.275   3.241   1.00 22.69 ? 19   ILE C CA  1 
ATOM   366 C C   . ILE C 1 19 ? -9.677  8.597   3.092   1.00 27.74 ? 19   ILE C C   1 
ATOM   367 O O   . ILE C 1 19 ? -10.861 8.589   2.724   1.00 30.27 ? 19   ILE C O   1 
ATOM   368 C CB  . ILE C 1 19 ? -8.807  6.906   4.729   1.00 27.70 ? 19   ILE C CB  1 
ATOM   369 C CG1 . ILE C 1 19 ? -7.977  5.621   4.896   1.00 28.23 ? 19   ILE C CG1 1 
ATOM   370 C CG2 . ILE C 1 19 ? -10.163 6.804   5.394   1.00 34.92 ? 19   ILE C CG2 1 
ATOM   371 C CD1 . ILE C 1 19 ? -8.566  4.434   4.163   1.00 24.47 ? 19   ILE C CD1 1 
HETATM 372 N N   . TEE C 1 20 ? -9.030  9.738   3.351   1.00 29.18 ? 20   TEE C N   1 
HETATM 373 C CB  . TEE C 1 20 ? -9.304  12.065  3.950   1.00 38.04 ? 20   TEE C CB  1 
HETATM 374 C CA  . TEE C 1 20 ? -9.624  11.019  3.249   1.00 31.65 ? 20   TEE C CA  1 
HETATM 375 S SG  . TEE C 1 20 ? -7.916  12.236  4.923   1.00 42.33 ? 20   TEE C SG  1 
ATOM   376 N N   . CYS D 1 1  ? -3.280  -8.159  9.985   1.00 15.84 ? 1    CYS D N   1 
ATOM   377 C CA  . CYS D 1 1  ? -2.374  -8.259  8.817   1.00 13.83 ? 1    CYS D CA  1 
ATOM   378 C C   . CYS D 1 1  ? -2.599  -9.618  8.157   1.00 17.31 ? 1    CYS D C   1 
ATOM   379 O O   . CYS D 1 1  ? -3.258  -10.491 8.743   1.00 18.68 ? 1    CYS D O   1 
ATOM   380 C CB  . CYS D 1 1  ? -0.935  -8.043  9.281   1.00 15.50 ? 1    CYS D CB  1 
ATOM   381 S SG  . CYS D 1 1  ? 0.095   -7.378  7.979   1.00 16.79 ? 1    CYS D SG  1 
HETATM 382 N N   . DBB D 1 2  ? -2.069  -9.856  6.978   1.00 18.82 ? 2    DBB D N   1 
HETATM 383 C CA  . DBB D 1 2  ? -1.209  -9.034  6.165   1.00 18.24 ? 2    DBB D CA  1 
HETATM 384 C C   . DBB D 1 2  ? -1.909  -7.810  5.596   1.00 14.55 ? 2    DBB D C   1 
HETATM 385 O O   . DBB D 1 2  ? -3.000  -7.380  5.995   1.00 15.61 ? 2    DBB D O   1 
HETATM 386 C CB  . DBB D 1 2  ? 0.155   -8.728  6.789   1.00 19.71 ? 2    DBB D CB  1 
HETATM 387 C CG  . DBB D 1 2  ? 0.785   -9.977  7.394   1.00 23.79 ? 2    DBB D CG  1 
ATOM   388 N N   . PHE D 1 3  ? -1.220  -7.215  4.633   1.00 13.97 ? 3    PHE D N   1 
ATOM   389 C CA  . PHE D 1 3  ? -1.723  -6.001  3.989   1.00 12.17 ? 3    PHE D CA  1 
ATOM   390 C C   . PHE D 1 3  ? -3.101  -6.211  3.365   1.00 12.31 ? 3    PHE D C   1 
ATOM   391 O O   . PHE D 1 3  ? -3.219  -7.034  2.461   1.00 15.57 ? 3    PHE D O   1 
ATOM   392 C CB  . PHE D 1 3  ? -0.651  -5.532  3.015   1.00 13.34 ? 3    PHE D CB  1 
ATOM   393 C CG  . PHE D 1 3  ? -1.102  -4.330  2.196   1.00 15.28 ? 3    PHE D CG  1 
ATOM   394 C CD1 . PHE D 1 3  ? -1.012  -3.047  2.747   1.00 20.81 ? 3    PHE D CD1 1 
ATOM   395 C CD2 . PHE D 1 3  ? -1.572  -4.526  0.908   1.00 17.88 ? 3    PHE D CD2 1 
ATOM   396 C CE1 . PHE D 1 3  ? -1.432  -1.991  1.955   1.00 27.75 ? 3    PHE D CE1 1 
ATOM   397 C CE2 . PHE D 1 3  ? -1.930  -3.463  0.113   1.00 24.56 ? 3    PHE D CE2 1 
ATOM   398 C CZ  . PHE D 1 3  ? -1.903  -2.219  0.685   1.00 27.55 ? 3    PHE D CZ  1 
HETATM 399 N N   . DBB D 1 4  ? -4.120  -5.470  3.783   1.00 14.84 ? 4    DBB D N   1 
HETATM 400 C CA  . DBB D 1 4  ? -5.485  -5.402  3.308   1.00 17.39 ? 4    DBB D CA  1 
HETATM 401 C C   . DBB D 1 4  ? -6.434  -6.137  4.247   1.00 21.35 ? 4    DBB D C   1 
HETATM 402 O O   . DBB D 1 4  ? -7.624  -6.118  3.993   1.00 26.09 ? 4    DBB D O   1 
HETATM 403 C CB  . DBB D 1 4  ? -5.948  -3.963  2.998   1.00 15.60 ? 4    DBB D CB  1 
HETATM 404 C CG  . DBB D 1 4  ? -5.122  -3.374  1.870   1.00 17.44 ? 4    DBB D CG  1 
ATOM   405 N N   . LEU D 1 5  ? -5.878  -6.771  5.283   1.00 21.38 ? 5    LEU D N   1 
ATOM   406 C CA  . LEU D 1 5  ? -6.740  -7.440  6.301   1.00 23.87 ? 5    LEU D CA  1 
ATOM   407 C C   . LEU D 1 5  ? -6.391  -6.876  7.696   1.00 24.32 ? 5    LEU D C   1 
ATOM   408 O O   . LEU D 1 5  ? -5.633  -7.533  8.435   1.00 27.50 ? 5    LEU D O   1 
ATOM   409 C CB  . LEU D 1 5  ? -6.195  -8.858  6.405   1.00 23.77 ? 5    LEU D CB  1 
ATOM   410 C CG  . LEU D 1 5  ? -6.612  -10.106 5.691   1.00 34.87 ? 5    LEU D CG  1 
ATOM   411 C CD1 . LEU D 1 5  ? -6.381  -11.230 6.710   1.00 45.49 ? 5    LEU D CD1 1 
ATOM   412 C CD2 . LEU D 1 5  ? -8.018  -10.160 5.131   1.00 45.18 ? 5    LEU D CD2 1 
ATOM   413 N N   . PRO D 1 6  ? -6.879  -5.731  8.142   1.00 25.94 ? 6    PRO D N   1 
ATOM   414 C CA  . PRO D 1 6  ? -6.561  -5.207  9.495   1.00 21.12 ? 6    PRO D CA  1 
ATOM   415 C C   . PRO D 1 6  ? -6.966  -6.154  10.619  1.00 26.18 ? 6    PRO D C   1 
ATOM   416 O O   . PRO D 1 6  ? -8.075  -6.676  10.657  1.00 20.83 ? 6    PRO D O   1 
ATOM   417 C CB  . PRO D 1 6  ? -7.519  -3.997  9.566   1.00 26.88 ? 6    PRO D CB  1 
ATOM   418 C CG  . PRO D 1 6  ? -8.580  -4.300  8.562   1.00 30.22 ? 6    PRO D CG  1 
ATOM   419 C CD  . PRO D 1 6  ? -7.777  -4.837  7.393   1.00 31.85 ? 6    PRO D CD  1 
ATOM   420 N N   . GLY D 1 7  ? -6.046  -6.344  11.561  1.00 27.95 ? 7    GLY D N   1 
ATOM   421 C CA  . GLY D 1 7  ? -6.265  -7.239  12.662  1.00 25.45 ? 7    GLY D CA  1 
ATOM   422 C C   . GLY D 1 7  ? -7.562  -7.021  13.395  1.00 26.97 ? 7    GLY D C   1 
ATOM   423 O O   . GLY D 1 7  ? -8.183  -7.987  13.907  1.00 27.93 ? 7    GLY D O   1 
ATOM   424 N N   . GLY D 1 8  ? -8.019  -5.765  13.472  1.00 29.03 ? 8    GLY D N   1 
ATOM   425 C CA  . GLY D 1 8  ? -9.240  -5.486  14.243  1.00 32.74 ? 8    GLY D CA  1 
ATOM   426 C C   . GLY D 1 8  ? -10.430 -5.212  13.333  1.00 26.76 ? 8    GLY D C   1 
ATOM   427 O O   . GLY D 1 8  ? -11.422 -4.640  13.784  1.00 35.90 ? 8    GLY D O   1 
ATOM   428 N N   . GLY D 1 9  ? -10.260 -5.645  12.085  1.00 23.37 ? 9    GLY D N   1 
ATOM   429 C CA  . GLY D 1 9  ? -11.211 -5.431  11.023  1.00 24.68 ? 9    GLY D CA  1 
ATOM   430 C C   . GLY D 1 9  ? -11.366 -3.967  10.670  1.00 24.89 ? 9    GLY D C   1 
ATOM   431 O O   . GLY D 1 9  ? -10.482 -3.129  10.836  1.00 24.36 ? 9    GLY D O   1 
ATOM   432 N N   . GLY D 1 10 ? -12.546 -3.624  10.185  1.00 24.13 ? 10   GLY D N   1 
ATOM   433 C CA  . GLY D 1 10 ? -12.929 -2.326  9.717   1.00 26.89 ? 10   GLY D CA  1 
ATOM   434 C C   . GLY D 1 10 ? -12.259 -2.016  8.393   1.00 29.37 ? 10   GLY D C   1 
ATOM   435 O O   . GLY D 1 10 ? -12.188 -2.830  7.475   1.00 38.19 ? 10   GLY D O   1 
ATOM   436 N N   . VAL D 1 11 ? -11.752 -0.789  8.284   1.00 27.64 ? 11   VAL D N   1 
ATOM   437 C CA  . VAL D 1 11 ? -11.230 -0.322  7.025   1.00 29.86 ? 11   VAL D CA  1 
ATOM   438 C C   . VAL D 1 11 ? -9.728  -0.623  7.006   1.00 29.66 ? 11   VAL D C   1 
ATOM   439 O O   . VAL D 1 11 ? -8.966  -0.234  7.884   1.00 23.87 ? 11   VAL D O   1 
ATOM   440 C CB  . VAL D 1 11 ? -11.500 1.170   6.809   1.00 35.22 ? 11   VAL D CB  1 
ATOM   441 C CG1 . VAL D 1 11 ? -10.746 1.636   5.569   1.00 39.14 ? 11   VAL D CG1 1 
ATOM   442 C CG2 . VAL D 1 11 ? -12.992 1.453   6.717   1.00 38.14 ? 11   VAL D CG2 1 
ATOM   443 N N   . CYS D 1 12 ? -9.349  -1.350  5.970   1.00 28.48 ? 12   CYS D N   1 
ATOM   444 C CA  . CYS D 1 12 ? -7.966  -1.574  5.713   1.00 26.44 ? 12   CYS D CA  1 
ATOM   445 C C   . CYS D 1 12 ? -7.280  -0.268  5.341   1.00 23.60 ? 12   CYS D C   1 
ATOM   446 O O   . CYS D 1 12 ? -7.692  0.403   4.423   1.00 25.66 ? 12   CYS D O   1 
ATOM   447 C CB  . CYS D 1 12 ? -7.758  -2.650  4.635   1.00 25.13 ? 12   CYS D CB  1 
ATOM   448 S SG  . CYS D 1 12 ? -5.978  -2.898  4.444   1.00 20.78 ? 12   CYS D SG  1 
HETATM 449 N N   . DBB D 1 13 ? -6.187  -0.055  6.068   1.00 24.64 ? 13   DBB D N   1 
HETATM 450 C CA  . DBB D 1 13 ? -5.507  1.224   5.824   1.00 24.75 ? 13   DBB D CA  1 
HETATM 451 C C   . DBB D 1 13 ? -5.899  2.204   6.917   1.00 25.96 ? 13   DBB D C   1 
HETATM 452 O O   . DBB D 1 13 ? -5.399  3.310   6.959   1.00 28.28 ? 13   DBB D O   1 
HETATM 453 C CB  . DBB D 1 13 ? -3.984  0.989   5.738   1.00 24.22 ? 13   DBB D CB  1 
HETATM 454 C CG  . DBB D 1 13 ? -3.692  0.049   4.565   1.00 27.51 ? 13   DBB D CG  1 
ATOM   455 N N   . LEU D 1 14 ? -6.847  1.717   7.744   1.00 27.59 ? 14   LEU D N   1 
ATOM   456 C CA  . LEU D 1 14 ? -7.422  2.528   8.778   1.00 25.67 ? 14   LEU D CA  1 
ATOM   457 C C   . LEU D 1 14 ? -7.254  1.896   10.149  1.00 26.70 ? 14   LEU D C   1 
ATOM   458 O O   . LEU D 1 14 ? -7.950  0.943   10.489  1.00 33.61 ? 14   LEU D O   1 
ATOM   459 C CB  . LEU D 1 14 ? -8.779  3.088   8.505   1.00 27.83 ? 14   LEU D CB  1 
ATOM   460 C CG  . LEU D 1 14 ? -9.338  4.259   9.332   1.00 29.96 ? 14   LEU D CG  1 
ATOM   461 C CD1 . LEU D 1 14 ? -8.544  5.515   8.965   1.00 36.00 ? 14   LEU D CD1 1 
ATOM   462 C CD2 . LEU D 1 14 ? -10.829 4.462   9.050   1.00 29.84 ? 14   LEU D CD2 1 
HETATM 463 N N   . DBB D 1 15 ? -6.323  2.435   10.930  1.00 22.77 ? 15   DBB D N   1 
HETATM 464 C CA  . DBB D 1 15 ? -6.116  1.970   12.318  1.00 19.90 ? 15   DBB D CA  1 
HETATM 465 C C   . DBB D 1 15 ? -4.670  1.553   12.534  1.00 17.24 ? 15   DBB D C   1 
HETATM 466 O O   . DBB D 1 15 ? -3.797  1.799   11.698  1.00 19.09 ? 15   DBB D O   1 
HETATM 467 C CB  . DBB D 1 15 ? -6.516  3.075   13.296  1.00 22.98 ? 15   DBB D CB  1 
HETATM 468 C CG  . DBB D 1 15 ? -8.022  3.344   13.295  1.00 23.38 ? 15   DBB D CG  1 
HETATM 469 N N   . DHA D 1 16 ? -4.423  0.886   13.656  1.00 16.63 ? 16   DHA D N   1 
HETATM 470 C CA  . DHA D 1 16 ? -3.118  0.512   14.157  1.00 12.69 ? 16   DHA D CA  1 
HETATM 471 C CB  . DHA D 1 16 ? -2.871  0.630   15.457  1.00 15.52 ? 16   DHA D CB  1 
HETATM 472 C C   . DHA D 1 16 ? -2.156  -0.035  13.246  1.00 13.30 ? 16   DHA D C   1 
HETATM 473 O O   . DHA D 1 16 ? -0.933  0.237   13.353  1.00 12.85 ? 16   DHA D O   1 
ATOM   474 N N   . GLU D 1 17 ? -2.601  -0.870  12.347  1.00 14.15 ? 17   GLU D N   1 
ATOM   475 C CA  . GLU D 1 17 ? -1.725  -1.534  11.412  1.00 13.62 ? 17   GLU D CA  1 
ATOM   476 C C   . GLU D 1 17 ? -1.315  -0.678  10.217  1.00 13.73 ? 17   GLU D C   1 
ATOM   477 O O   . GLU D 1 17 ? -0.374  -1.028  9.491   1.00 13.68 ? 17   GLU D O   1 
ATOM   478 C CB  . GLU D 1 17 ? -2.277  -2.903  11.019  1.00 14.49 ? 17   GLU D CB  1 
ATOM   479 C CG  . GLU D 1 17 ? -2.363  -3.863  12.214  1.00 22.66 ? 17   GLU D CG  1 
ATOM   480 C CD  . GLU D 1 17 ? -3.037  -5.176  11.851  1.00 26.82 ? 17   GLU D CD  1 
ATOM   481 O OE1 . GLU D 1 17 ? -2.792  -5.712  10.758  1.00 29.67 ? 17   GLU D OE1 1 
ATOM   482 O OE2 . GLU D 1 17 ? -3.828  -5.758  12.633  1.00 41.00 ? 17   GLU D OE2 1 
ATOM   483 N N   . CYS D 1 18 ? -2.007  0.448   10.053  1.00 14.09 ? 18   CYS D N   1 
ATOM   484 C CA  . CYS D 1 18 ? -1.660  1.479   9.084   1.00 15.46 ? 18   CYS D CA  1 
ATOM   485 C C   . CYS D 1 18 ? -1.052  2.649   9.818   1.00 15.10 ? 18   CYS D C   1 
ATOM   486 O O   . CYS D 1 18 ? -0.084  2.497   10.555  1.00 14.45 ? 18   CYS D O   1 
ATOM   487 C CB  . CYS D 1 18 ? -2.811  1.797   8.158   1.00 18.10 ? 18   CYS D CB  1 
ATOM   488 S SG  . CYS D 1 18 ? -3.314  0.298   7.278   1.00 21.30 ? 18   CYS D SG  1 
ATOM   489 N N   . ILE D 1 19 ? -1.542  3.851   9.622   1.00 17.32 ? 19   ILE D N   1 
ATOM   490 C CA  . ILE D 1 19 ? -0.948  5.027   10.235  1.00 20.07 ? 19   ILE D CA  1 
ATOM   491 C C   . ILE D 1 19 ? -1.304  5.129   11.705  1.00 22.59 ? 19   ILE D C   1 
ATOM   492 O O   . ILE D 1 19 ? -0.429  5.494   12.477  1.00 21.28 ? 19   ILE D O   1 
ATOM   493 C CB  . ILE D 1 19 ? -1.123  6.305   9.399   1.00 21.12 ? 19   ILE D CB  1 
ATOM   494 C CG1 . ILE D 1 19 ? -0.315  6.410   8.093   1.00 23.41 ? 19   ILE D CG1 1 
ATOM   495 C CG2 . ILE D 1 19 ? -1.008  7.531   10.269  1.00 22.14 ? 19   ILE D CG2 1 
ATOM   496 C CD1 . ILE D 1 19 ? -0.661  7.678   7.329   1.00 33.18 ? 19   ILE D CD1 1 
HETATM 497 N N   . TEE D 1 20 ? -2.539  4.793   12.091  1.00 22.71 ? 20   TEE D N   1 
HETATM 498 C CB  . TEE D 1 20 ? -4.203  4.596   13.850  1.00 28.37 ? 20   TEE D CB  1 
HETATM 499 C CA  . TEE D 1 20 ? -2.981  4.644   13.413  1.00 22.37 ? 20   TEE D CA  1 
HETATM 500 S SG  . TEE D 1 20 ? -5.627  4.625   12.932  1.00 22.90 ? 20   TEE D SG  1 
ATOM   501 N N   . CYS E 1 1  ? 9.581   -9.126  3.562   1.00 13.72 ? 1    CYS E N   1 
ATOM   502 C CA  . CYS E 1 1  ? 9.497   -7.672  3.802   1.00 12.44 ? 1    CYS E CA  1 
ATOM   503 C C   . CYS E 1 1  ? 10.799  -7.048  3.374   1.00 10.89 ? 1    CYS E C   1 
ATOM   504 O O   . CYS E 1 1  ? 11.776  -7.803  3.218   1.00 14.01 ? 1    CYS E O   1 
ATOM   505 C CB  . CYS E 1 1  ? 9.058   -7.396  5.222   1.00 16.02 ? 1    CYS E CB  1 
ATOM   506 S SG  . CYS E 1 1  ? 8.134   -5.866  5.362   1.00 15.39 ? 1    CYS E SG  1 
HETATM 507 N N   . DBB E 1 2  ? 10.902  -5.738  3.230   1.00 10.26 ? 2    DBB E N   1 
HETATM 508 C CA  . DBB E 1 2  ? 9.881   -4.747  3.469   1.00 9.71  ? 2    DBB E CA  1 
HETATM 509 C C   . DBB E 1 2  ? 8.765   -4.766  2.425   1.00 9.68  ? 2    DBB E C   1 
HETATM 510 O O   . DBB E 1 2  ? 8.674   -5.673  1.597   1.00 10.17 ? 2    DBB E O   1 
HETATM 511 C CB  . DBB E 1 2  ? 9.374   -4.641  4.900   1.00 12.14 ? 2    DBB E CB  1 
HETATM 512 C CG  . DBB E 1 2  ? 10.532  -4.629  5.891   1.00 14.61 ? 2    DBB E CG  1 
ATOM   513 N N   . PHE E 1 3  ? 7.891   -3.720  2.441   1.00 9.79  ? 3    PHE E N   1 
ATOM   514 C CA  . PHE E 1 3  ? 6.713   -3.729  1.563   1.00 10.30 ? 3    PHE E CA  1 
ATOM   515 C C   . PHE E 1 3  ? 7.118   -3.681  0.100   1.00 9.76  ? 3    PHE E C   1 
ATOM   516 O O   . PHE E 1 3  ? 7.786   -2.755  -0.346  1.00 10.83 ? 3    PHE E O   1 
ATOM   517 C CB  . PHE E 1 3  ? 5.885   -2.480  1.857   1.00 12.99 ? 3    PHE E CB  1 
ATOM   518 C CG  . PHE E 1 3  ? 4.572   -2.483  1.074   1.00 13.32 ? 3    PHE E CG  1 
ATOM   519 C CD1 . PHE E 1 3  ? 3.603   -3.440  1.392   1.00 15.35 ? 3    PHE E CD1 1 
ATOM   520 C CD2 . PHE E 1 3  ? 4.314   -1.591  0.058   1.00 12.82 ? 3    PHE E CD2 1 
ATOM   521 C CE1 . PHE E 1 3  ? 2.415   -3.457  0.698   1.00 17.70 ? 3    PHE E CE1 1 
ATOM   522 C CE2 . PHE E 1 3  ? 3.112   -1.589  -0.658  1.00 13.53 ? 3    PHE E CE2 1 
ATOM   523 C CZ  . PHE E 1 3  ? 2.187   -2.558  -0.325  1.00 17.29 ? 3    PHE E CZ  1 
HETATM 524 N N   . DBB E 1 4  ? 6.665   -4.678  -0.646  1.00 9.71  ? 4    DBB E N   1 
HETATM 525 C CA  . DBB E 1 4  ? 7.001   -4.870  -2.046  1.00 10.35 ? 4    DBB E CA  1 
HETATM 526 C C   . DBB E 1 4  ? 7.918   -6.065  -2.291  1.00 9.91  ? 4    DBB E C   1 
HETATM 527 O O   . DBB E 1 4  ? 8.072   -6.559  -3.413  1.00 11.20 ? 4    DBB E O   1 
HETATM 528 C CB  . DBB E 1 4  ? 5.755   -4.892  -2.952  1.00 10.37 ? 4    DBB E CB  1 
HETATM 529 C CG  . DBB E 1 4  ? 4.981   -3.592  -2.805  1.00 10.47 ? 4    DBB E CG  1 
ATOM   530 N N   . LEU E 1 5  ? 8.523   -6.533  -1.193  1.00 9.83  ? 5    LEU E N   1 
ATOM   531 C CA  . LEU E 1 5  ? 9.471   -7.639  -1.206  1.00 11.77 ? 5    LEU E CA  1 
ATOM   532 C C   . LEU E 1 5  ? 9.020   -8.734  -0.241  1.00 10.50 ? 5    LEU E C   1 
ATOM   533 O O   . LEU E 1 5  ? 9.630   -8.936  0.820   1.00 14.11 ? 5    LEU E O   1 
ATOM   534 C CB  . LEU E 1 5  ? 10.873  -7.119  -0.783  1.00 15.08 ? 5    LEU E CB  1 
ATOM   535 C CG  . LEU E 1 5  ? 11.431  -6.026  -1.706  1.00 18.51 ? 5    LEU E CG  1 
ATOM   536 C CD1 . LEU E 1 5  ? 12.791  -5.536  -1.223  1.00 21.86 ? 5    LEU E CD1 1 
ATOM   537 C CD2 . LEU E 1 5  ? 11.533  -6.520  -3.141  1.00 18.75 ? 5    LEU E CD2 1 
ATOM   538 N N   . PRO E 1 6  ? 7.937   -9.434  -0.564  1.00 10.51 ? 6    PRO E N   1 
ATOM   539 C CA  . PRO E 1 6  ? 7.382   -10.426 0.363   1.00 10.90 ? 6    PRO E CA  1 
ATOM   540 C C   . PRO E 1 6  ? 8.349   -11.530 0.741   1.00 11.37 ? 6    PRO E C   1 
ATOM   541 O O   . PRO E 1 6  ? 9.096   -12.007 -0.127  1.00 10.35 ? 6    PRO E O   1 
ATOM   542 C CB  . PRO E 1 6  ? 6.146   -10.993 -0.327  1.00 12.88 ? 6    PRO E CB  1 
ATOM   543 C CG  . PRO E 1 6  ? 6.466   -10.760 -1.778  1.00 9.22  ? 6    PRO E CG  1 
ATOM   544 C CD  . PRO E 1 6  ? 7.127   -9.402  -1.772  1.00 8.85  ? 6    PRO E CD  1 
ATOM   545 N N   . GLY E 1 7  ? 8.267   -11.957 2.008   1.00 13.12 ? 7    GLY E N   1 
ATOM   546 C CA  . GLY E 1 7  ? 9.018   -13.115 2.444   1.00 14.73 ? 7    GLY E CA  1 
ATOM   547 C C   . GLY E 1 7  ? 8.610   -14.338 1.626   1.00 14.44 ? 7    GLY E C   1 
ATOM   548 O O   . GLY E 1 7  ? 7.398   -14.553 1.465   1.00 16.71 ? 7    GLY E O   1 
ATOM   549 N N   . GLY E 1 8  ? 9.578   -15.076 1.109   1.00 15.85 ? 8    GLY E N   1 
ATOM   550 C CA  . GLY E 1 8  ? 9.363   -16.213 0.207   1.00 17.71 ? 8    GLY E CA  1 
ATOM   551 C C   . GLY E 1 8  ? 9.263   -15.862 -1.253  1.00 14.54 ? 8    GLY E C   1 
ATOM   552 O O   . GLY E 1 8  ? 9.131   -16.735 -2.117  1.00 18.44 ? 8    GLY E O   1 
ATOM   553 N N   . GLY E 1 9  ? 9.269   -14.568 -1.588  1.00 13.45 ? 9    GLY E N   1 
ATOM   554 C CA  . GLY E 1 9  ? 9.191   -14.150 -2.967  1.00 13.62 ? 9    GLY E CA  1 
ATOM   555 C C   . GLY E 1 9  ? 7.792   -14.133 -3.545  1.00 12.47 ? 9    GLY E C   1 
ATOM   556 O O   . GLY E 1 9  ? 6.776   -14.104 -2.892  1.00 10.87 ? 9    GLY E O   1 
ATOM   557 N N   . GLY E 1 10 ? 7.773   -14.176 -4.868  1.00 17.80 ? 10   GLY E N   1 
ATOM   558 C CA  . GLY E 1 10 ? 6.540   -14.170 -5.636  1.00 17.51 ? 10   GLY E CA  1 
ATOM   559 C C   . GLY E 1 10 ? 5.963   -12.780 -5.803  1.00 14.47 ? 10   GLY E C   1 
ATOM   560 O O   . GLY E 1 10 ? 6.671   -11.787 -5.546  1.00 15.67 ? 10   GLY E O   1 
ATOM   561 N N   . VAL E 1 11 ? 4.738   -12.663 -6.220  1.00 12.22 ? 11   VAL E N   1 
ATOM   562 C CA  . VAL E 1 11 ? 4.096   -11.391 -6.457  1.00 10.58 ? 11   VAL E CA  1 
ATOM   563 C C   . VAL E 1 11 ? 3.814   -10.662 -5.154  1.00 9.16  ? 11   VAL E C   1 
ATOM   564 O O   . VAL E 1 11 ? 3.235   -11.175 -4.215  1.00 9.82  ? 11   VAL E O   1 
ATOM   565 C CB  . VAL E 1 11 ? 2.775   -11.673 -7.231  1.00 10.98 ? 11   VAL E CB  1 
ATOM   566 C CG1 . VAL E 1 11 ? 1.964   -10.403 -7.373  1.00 13.29 ? 11   VAL E CG1 1 
ATOM   567 C CG2 . VAL E 1 11 ? 3.046   -12.327 -8.581  1.00 13.17 ? 11   VAL E CG2 1 
ATOM   568 N N   . CYS E 1 12 ? 4.243   -9.433  -5.093  1.00 10.45 ? 12   CYS E N   1 
ATOM   569 C CA  . CYS E 1 12 ? 4.016   -8.555  -3.971  1.00 9.82  ? 12   CYS E CA  1 
ATOM   570 C C   . CYS E 1 12 ? 2.521   -8.139  -4.030  1.00 9.86  ? 12   CYS E C   1 
ATOM   571 O O   . CYS E 1 12 ? 2.039   -7.627  -5.025  1.00 11.96 ? 12   CYS E O   1 
ATOM   572 C CB  . CYS E 1 12 ? 4.935   -7.334  -4.045  1.00 10.44 ? 12   CYS E CB  1 
ATOM   573 S SG  . CYS E 1 12 ? 4.661   -6.305  -2.591  1.00 10.30 ? 12   CYS E SG  1 
HETATM 574 N N   . DBB E 1 13 ? 1.751   -8.441  -2.962  1.00 10.48 ? 13   DBB E N   1 
HETATM 575 C CA  . DBB E 1 13 ? 0.326   -8.209  -2.908  1.00 9.88  ? 13   DBB E CA  1 
HETATM 576 C C   . DBB E 1 13 ? -0.508  -9.483  -3.016  1.00 10.22 ? 13   DBB E C   1 
HETATM 577 O O   . DBB E 1 13 ? -1.744  -9.410  -2.942  1.00 13.35 ? 13   DBB E O   1 
HETATM 578 C CB  . DBB E 1 13 ? -0.021  -7.419  -1.628  1.00 10.42 ? 13   DBB E CB  1 
HETATM 579 C CG  . DBB E 1 13 ? 0.722   -6.076  -1.674  1.00 11.43 ? 13   DBB E CG  1 
ATOM   580 N N   . LEU E 1 14 ? 0.147   -10.622 -3.216  1.00 10.12 ? 14   LEU E N   1 
ATOM   581 C CA  . LEU E 1 14 ? -0.586  -11.845 -3.527  1.00 11.48 ? 14   LEU E CA  1 
ATOM   582 C C   . LEU E 1 14 ? -0.022  -12.930 -2.620  1.00 13.14 ? 14   LEU E C   1 
ATOM   583 O O   . LEU E 1 14 ? 1.055   -13.438 -2.872  1.00 18.78 ? 14   LEU E O   1 
ATOM   584 C CB  . LEU E 1 14 ? -0.469  -12.221 -4.972  1.00 12.71 ? 14   LEU E CB  1 
ATOM   585 C CG  . LEU E 1 14 ? -1.241  -13.428 -5.444  1.00 13.85 ? 14   LEU E CG  1 
ATOM   586 C CD1 . LEU E 1 14 ? -2.728  -13.099 -5.352  1.00 18.52 ? 14   LEU E CD1 1 
ATOM   587 C CD2 . LEU E 1 14 ? -0.879  -13.520 -6.939  1.00 15.31 ? 14   LEU E CD2 1 
HETATM 588 N N   . DBB E 1 15 ? -0.751  -13.279 -1.589  1.00 18.05 ? 15   DBB E N   1 
HETATM 589 C CA  . DBB E 1 15 ? -0.360  -14.335 -0.698  1.00 19.71 ? 15   DBB E CA  1 
HETATM 590 C C   . DBB E 1 15 ? -0.236  -13.831 0.733   1.00 20.87 ? 15   DBB E C   1 
HETATM 591 O O   . DBB E 1 15 ? -0.752  -12.759 1.092   1.00 17.64 ? 15   DBB E O   1 
HETATM 592 C CB  . DBB E 1 15 ? -1.241  -15.558 -0.887  1.00 24.26 ? 15   DBB E CB  1 
HETATM 593 C CG  . DBB E 1 15 ? -1.137  -16.192 -2.247  1.00 31.52 ? 15   DBB E CG  1 
HETATM 594 N N   . DHA E 1 16 ? 0.397   -14.604 1.621   1.00 25.53 ? 16   DHA E N   1 
HETATM 595 C CA  . DHA E 1 16 ? 0.494   -14.387 3.050   1.00 24.72 ? 16   DHA E CA  1 
HETATM 596 C CB  . DHA E 1 16 ? 0.302   -15.438 3.872   1.00 30.80 ? 16   DHA E CB  1 
HETATM 597 C C   . DHA E 1 16 ? 0.860   -13.101 3.594   1.00 23.19 ? 16   DHA E C   1 
HETATM 598 O O   . DHA E 1 16 ? 0.370   -12.716 4.676   1.00 23.52 ? 16   DHA E O   1 
ATOM   599 N N   . GLU E 1 17 ? 1.735   -12.301 2.995   1.00 20.57 ? 17   GLU E N   1 
ATOM   600 C CA  . GLU E 1 17 ? 2.124   -10.953 3.339   1.00 20.27 ? 17   GLU E CA  1 
ATOM   601 C C   . GLU E 1 17 ? 0.991   -9.955  3.044   1.00 17.45 ? 17   GLU E C   1 
ATOM   602 O O   . GLU E 1 17 ? 0.964   -8.812  3.555   1.00 16.70 ? 17   GLU E O   1 
ATOM   603 C CB  . GLU E 1 17 ? 3.486   -10.462 2.883   1.00 24.50 ? 17   GLU E CB  1 
ATOM   604 C CG  . GLU E 1 17 ? 4.773   -10.821 3.590   1.00 26.46 ? 17   GLU E CG  1 
ATOM   605 C CD  . GLU E 1 17 ? 6.026   -10.014 3.483   1.00 29.28 ? 17   GLU E CD  1 
ATOM   606 O OE1 . GLU E 1 17 ? 6.180   -8.819  3.055   1.00 21.21 ? 17   GLU E OE1 1 
ATOM   607 O OE2 . GLU E 1 17 ? 7.117   -10.575 3.838   1.00 26.34 ? 17   GLU E OE2 1 
ATOM   608 N N   . CYS E 1 18 ? 0.060   -10.302 2.163   1.00 17.29 ? 18   CYS E N   1 
ATOM   609 C CA  . CYS E 1 18 ? -1.112  -9.519  1.761   1.00 14.90 ? 18   CYS E CA  1 
ATOM   610 C C   . CYS E 1 18 ? -2.372  -10.152 2.287   1.00 16.02 ? 18   CYS E C   1 
ATOM   611 O O   . CYS E 1 18 ? -2.456  -10.407 3.505   1.00 19.79 ? 18   CYS E O   1 
ATOM   612 C CB  . CYS E 1 18 ? -1.073  -9.243  0.254   1.00 12.73 ? 18   CYS E CB  1 
ATOM   613 S SG  . CYS E 1 18 ? 0.410   -8.289  -0.107  1.00 11.46 ? 18   CYS E SG  1 
ATOM   614 N N   . ILE E 1 19 ? -3.410  -10.457 1.559   1.00 16.47 ? 19   ILE E N   1 
ATOM   615 C CA  . ILE E 1 19 ? -4.651  -11.005 2.107   1.00 20.02 ? 19   ILE E CA  1 
ATOM   616 C C   . ILE E 1 19 ? -4.460  -12.420 2.608   1.00 20.98 ? 19   ILE E C   1 
ATOM   617 O O   . ILE E 1 19 ? -4.882  -12.808 3.705   1.00 29.50 ? 19   ILE E O   1 
ATOM   618 C CB  . ILE E 1 19 ? -5.855  -10.810 1.243   1.00 25.13 ? 19   ILE E CB  1 
ATOM   619 C CG1 . ILE E 1 19 ? -6.232  -9.640  0.370   1.00 31.69 ? 19   ILE E CG1 1 
ATOM   620 C CG2 . ILE E 1 19 ? -7.089  -11.634 1.628   1.00 26.49 ? 19   ILE E CG2 1 
ATOM   621 C CD1 . ILE E 1 19 ? -6.861  -8.387  0.872   1.00 31.57 ? 19   ILE E CD1 1 
HETATM 622 N N   . TEE E 1 20 ? -3.800  -13.244 1.794   1.00 21.16 ? 20   TEE E N   1 
HETATM 623 C CB  . TEE E 1 20 ? -3.095  -15.477 1.223   1.00 28.43 ? 20   TEE E CB  1 
HETATM 624 C CA  . TEE E 1 20 ? -3.446  -14.576 2.102   1.00 23.21 ? 20   TEE E CA  1 
HETATM 625 S SG  . TEE E 1 20 ? -2.984  -15.229 -0.461  1.00 26.24 ? 20   TEE E SG  1 
ATOM   626 N N   . CYS F 1 1  ? 6.732   1.515   11.231  1.00 9.10  ? 1    CYS F N   1 
ATOM   627 C CA  . CYS F 1 1  ? 5.416   0.890   10.890  1.00 8.86  ? 1    CYS F CA  1 
ATOM   628 C C   . CYS F 1 1  ? 4.379   1.496   11.839  1.00 8.99  ? 1    CYS F C   1 
ATOM   629 O O   . CYS F 1 1  ? 4.758   2.096   12.843  1.00 10.03 ? 1    CYS F O   1 
ATOM   630 C CB  . CYS F 1 1  ? 5.537   -0.623  11.026  1.00 9.31  ? 1    CYS F CB  1 
ATOM   631 S SG  . CYS F 1 1  ? 4.347   -1.508  10.022  1.00 10.56 ? 1    CYS F SG  1 
HETATM 632 N N   . DBB F 1 2  ? 3.113   1.271   11.596  1.00 9.27  ? 2    DBB F N   1 
HETATM 633 C CA  . DBB F 1 2  ? 2.448   0.487   10.583  1.00 9.69  ? 2    DBB F CA  1 
HETATM 634 C C   . DBB F 1 2  ? 2.561   1.003   9.171   1.00 10.09 ? 2    DBB F C   1 
HETATM 635 O O   . DBB F 1 2  ? 3.390   1.865   8.843   1.00 10.79 ? 2    DBB F O   1 
HETATM 636 C CB  . DBB F 1 2  ? 2.766   -1.001  10.689  1.00 10.84 ? 2    DBB F CB  1 
HETATM 637 C CG  . DBB F 1 2  ? 2.538   -1.521  12.104  1.00 12.30 ? 2    DBB F CG  1 
ATOM   638 N N   . PHE F 1 3  ? 1.749   0.452   8.279   1.00 10.83 ? 3    PHE F N   1 
ATOM   639 C CA  . PHE F 1 3  ? 1.781   0.795   6.853   1.00 11.89 ? 3    PHE F CA  1 
ATOM   640 C C   . PHE F 1 3  ? 1.468   2.268   6.653   1.00 12.77 ? 3    PHE F C   1 
ATOM   641 O O   . PHE F 1 3  ? 0.403   2.751   7.040   1.00 13.37 ? 3    PHE F O   1 
ATOM   642 C CB  . PHE F 1 3  ? 0.762   -0.042  6.079   1.00 16.86 ? 3    PHE F CB  1 
ATOM   643 C CG  . PHE F 1 3  ? 0.767   0.132   4.593   1.00 21.78 ? 3    PHE F CG  1 
ATOM   644 C CD1 . PHE F 1 3  ? 1.654   -0.653  3.856   1.00 27.62 ? 3    PHE F CD1 1 
ATOM   645 C CD2 . PHE F 1 3  ? -0.086  1.037   4.004   1.00 25.74 ? 3    PHE F CD2 1 
ATOM   646 C CE1 . PHE F 1 3  ? 1.666   -0.500  2.474   1.00 27.24 ? 3    PHE F CE1 1 
ATOM   647 C CE2 . PHE F 1 3  ? -0.048  1.179   2.624   1.00 28.75 ? 3    PHE F CE2 1 
ATOM   648 C CZ  . PHE F 1 3  ? 0.825   0.402   1.877   1.00 28.11 ? 3    PHE F CZ  1 
HETATM 649 N N   . DBB F 1 4  ? 2.431   2.951   6.062   1.00 12.96 ? 4    DBB F N   1 
HETATM 650 C CA  . DBB F 1 4  ? 2.296   4.368   5.811   1.00 14.59 ? 4    DBB F CA  1 
HETATM 651 C C   . DBB F 1 4  ? 3.077   5.200   6.852   1.00 14.20 ? 4    DBB F C   1 
HETATM 652 O O   . DBB F 1 4  ? 3.196   6.416   6.686   1.00 16.29 ? 4    DBB F O   1 
HETATM 653 C CB  . DBB F 1 4  ? 2.613   4.756   4.373   1.00 14.97 ? 4    DBB F CB  1 
HETATM 654 C CG  . DBB F 1 4  ? 1.738   4.029   3.371   1.00 17.95 ? 4    DBB F CG  1 
ATOM   655 N N   . LEU F 1 5  ? 3.610   4.574   7.901   1.00 13.02 ? 5    LEU F N   1 
ATOM   656 C CA  . LEU F 1 5  ? 4.173   5.325   9.032   1.00 11.93 ? 5    LEU F CA  1 
ATOM   657 C C   . LEU F 1 5  ? 5.550   4.781   9.400   1.00 11.52 ? 5    LEU F C   1 
ATOM   658 O O   . LEU F 1 5  ? 5.666   3.853   10.208  1.00 11.32 ? 5    LEU F O   1 
ATOM   659 C CB  . LEU F 1 5  ? 3.256   5.202   10.267  1.00 12.62 ? 5    LEU F CB  1 
ATOM   660 C CG  . LEU F 1 5  ? 3.703   6.088   11.446  1.00 13.48 ? 5    LEU F CG  1 
ATOM   661 C CD1 . LEU F 1 5  ? 3.350   7.561   11.210  1.00 13.94 ? 5    LEU F CD1 1 
ATOM   662 C CD2 . LEU F 1 5  ? 3.029   5.613   12.736  1.00 18.08 ? 5    LEU F CD2 1 
ATOM   663 N N   . PRO F 1 6  ? 6.584   5.285   8.754   1.00 10.92 ? 6    PRO F N   1 
ATOM   664 C CA  . PRO F 1 6  ? 7.957   4.827   9.096   1.00 11.56 ? 6    PRO F CA  1 
ATOM   665 C C   . PRO F 1 6  ? 8.274   4.902   10.559  1.00 12.38 ? 6    PRO F C   1 
ATOM   666 O O   . PRO F 1 6  ? 8.854   3.990   11.146  1.00 17.70 ? 6    PRO F O   1 
ATOM   667 C CB  . PRO F 1 6  ? 8.840   5.704   8.205   1.00 14.48 ? 6    PRO F CB  1 
ATOM   668 C CG  . PRO F 1 6  ? 7.953   5.931   7.013   1.00 20.22 ? 6    PRO F CG  1 
ATOM   669 C CD  . PRO F 1 6  ? 6.595   6.182   7.580   1.00 13.76 ? 6    PRO F CD  1 
ATOM   670 N N   . GLY F 1 7  ? 7.839   6.007   11.178  1.00 12.38 ? 7    GLY F N   1 
ATOM   671 C CA  . GLY F 1 7  ? 7.852   6.162   12.627  1.00 12.63 ? 7    GLY F CA  1 
ATOM   672 C C   . GLY F 1 7  ? 8.705   7.302   13.117  1.00 13.16 ? 7    GLY F C   1 
ATOM   673 O O   . GLY F 1 7  ? 8.657   7.639   14.313  1.00 14.15 ? 7    GLY F O   1 
ATOM   674 N N   . GLY F 1 8  ? 9.485   7.893   12.239  1.00 13.44 ? 8    GLY F N   1 
ATOM   675 C CA  . GLY F 1 8  ? 10.368  8.989   12.544  1.00 14.48 ? 8    GLY F CA  1 
ATOM   676 C C   . GLY F 1 8  ? 10.051  10.273  11.801  1.00 13.03 ? 8    GLY F C   1 
ATOM   677 O O   . GLY F 1 8  ? 10.811  11.255  11.821  1.00 13.87 ? 8    GLY F O   1 
ATOM   678 N N   . GLY F 1 9  ? 8.950   10.293  11.082  1.00 11.29 ? 9    GLY F N   1 
ATOM   679 C CA  . GLY F 1 9  ? 8.563   11.440  10.301  1.00 12.79 ? 9    GLY F CA  1 
ATOM   680 C C   . GLY F 1 9  ? 8.980   11.391  8.850   1.00 12.06 ? 9    GLY F C   1 
ATOM   681 O O   . GLY F 1 9  ? 8.750   12.365  8.134   1.00 14.77 ? 9    GLY F O   1 
ATOM   682 N N   . GLY F 1 10 ? 9.571   10.299  8.410   1.00 14.04 ? 10   GLY F N   1 
ATOM   683 C CA  . GLY F 1 10 ? 10.070  10.290  7.020   1.00 15.09 ? 10   GLY F CA  1 
ATOM   684 C C   . GLY F 1 10 ? 8.989   9.901   6.045   1.00 14.14 ? 10   GLY F C   1 
ATOM   685 O O   . GLY F 1 10 ? 7.828   9.732   6.399   1.00 17.00 ? 10   GLY F O   1 
ATOM   686 N N   . VAL F 1 11 ? 9.433   9.791   4.790   1.00 14.06 ? 11   VAL F N   1 
ATOM   687 C CA  . VAL F 1 11 ? 8.496   9.518   3.693   1.00 12.65 ? 11   VAL F CA  1 
ATOM   688 C C   . VAL F 1 11 ? 8.151   8.029   3.584   1.00 11.89 ? 11   VAL F C   1 
ATOM   689 O O   . VAL F 1 11 ? 9.029   7.196   3.423   1.00 13.04 ? 11   VAL F O   1 
ATOM   690 C CB  . VAL F 1 11 ? 9.118   10.027  2.361   1.00 14.18 ? 11   VAL F CB  1 
ATOM   691 C CG1 . VAL F 1 11 ? 8.230   9.659   1.180   1.00 17.01 ? 11   VAL F CG1 1 
ATOM   692 C CG2 . VAL F 1 11 ? 9.381   11.522  2.389   1.00 15.07 ? 11   VAL F CG2 1 
ATOM   693 N N   . CYS F 1 12 ? 6.884   7.658   3.692   1.00 11.74 ? 12   CYS F N   1 
ATOM   694 C CA  . CYS F 1 12 ? 6.408   6.293   3.557   1.00 11.87 ? 12   CYS F CA  1 
ATOM   695 C C   . CYS F 1 12 ? 6.714   5.812   2.134   1.00 10.49 ? 12   CYS F C   1 
ATOM   696 O O   . CYS F 1 12 ? 6.366   6.493   1.186   1.00 10.71 ? 12   CYS F O   1 
ATOM   697 C CB  . CYS F 1 12 ? 4.908   6.245   3.888   1.00 13.09 ? 12   CYS F CB  1 
ATOM   698 S SG  . CYS F 1 12 ? 4.378   4.505   3.977   1.00 12.85 ? 12   CYS F SG  1 
HETATM 699 N N   . DBB F 1 13 ? 7.324   4.625   2.045   1.00 10.23 ? 13   DBB F N   1 
HETATM 700 C CA  . DBB F 1 13 ? 7.653   4.073   0.747   1.00 9.72  ? 13   DBB F CA  1 
HETATM 701 C C   . DBB F 1 13 ? 9.112   4.234   0.342   1.00 8.33  ? 13   DBB F C   1 
HETATM 702 O O   . DBB F 1 13 ? 9.562   3.668   -0.658  1.00 10.40 ? 13   DBB F O   1 
HETATM 703 C CB  . DBB F 1 13 ? 7.175   2.606   0.574   1.00 10.66 ? 13   DBB F CB  1 
HETATM 704 C CG  . DBB F 1 13 ? 5.651   2.560   0.614   1.00 17.47 ? 13   DBB F CG  1 
ATOM   705 N N   . LEU F 1 14 ? 9.845   4.935   1.187   1.00 9.09  ? 14   LEU F N   1 
ATOM   706 C CA  . LEU F 1 14 ? 11.246  5.231   0.908   1.00 11.02 ? 14   LEU F CA  1 
ATOM   707 C C   . LEU F 1 14 ? 12.174  4.868   2.053   1.00 10.73 ? 14   LEU F C   1 
ATOM   708 O O   . LEU F 1 14 ? 12.331  5.669   2.987   1.00 14.84 ? 14   LEU F O   1 
ATOM   709 C CB  . LEU F 1 14 ? 11.375  6.714   0.577   1.00 15.50 ? 14   LEU F CB  1 
ATOM   710 C CG  . LEU F 1 14 ? 12.501  7.290   -0.222  1.00 27.78 ? 14   LEU F CG  1 
ATOM   711 C CD1 . LEU F 1 14 ? 12.798  6.473   -1.459  1.00 29.14 ? 14   LEU F CD1 1 
ATOM   712 C CD2 . LEU F 1 14 ? 12.078  8.722   -0.571  1.00 23.64 ? 14   LEU F CD2 1 
HETATM 713 N N   . DBB F 1 15 ? 12.833  3.713   1.968   1.00 9.92  ? 15   DBB F N   1 
HETATM 714 C CA  . DBB F 1 15 ? 13.715  3.167   2.974   1.00 9.89  ? 15   DBB F CA  1 
HETATM 715 C C   . DBB F 1 15 ? 13.357  1.771   3.400   1.00 9.82  ? 15   DBB F C   1 
HETATM 716 O O   . DBB F 1 15 ? 12.650  1.044   2.699   1.00 8.45  ? 15   DBB F O   1 
HETATM 717 C CB  . DBB F 1 15 ? 15.178  3.310   2.548   1.00 11.46 ? 15   DBB F CB  1 
HETATM 718 C CG  . DBB F 1 15 ? 15.585  4.751   2.294   1.00 13.78 ? 15   DBB F CG  1 
HETATM 719 N N   . DHA F 1 16 ? 13.946  1.324   4.520   1.00 12.14 ? 16   DHA F N   1 
HETATM 720 C CA  . DHA F 1 16 ? 13.894  -0.044  4.967   1.00 11.76 ? 16   DHA F CA  1 
HETATM 721 C CB  . DHA F 1 16 ? 15.019  -0.684  5.312   1.00 15.50 ? 16   DHA F CB  1 
HETATM 722 C C   . DHA F 1 16 ? 12.619  -0.733  5.080   1.00 10.53 ? 16   DHA F C   1 
HETATM 723 O O   . DHA F 1 16 ? 12.561  -1.958  4.931   1.00 12.36 ? 16   DHA F O   1 
ATOM   724 N N   . GLU F 1 17 ? 11.547  -0.001  5.385   1.00 9.26  ? 17   GLU F N   1 
ATOM   725 C CA  . GLU F 1 17 ? 10.250  -0.664  5.468   1.00 9.32  ? 17   GLU F CA  1 
ATOM   726 C C   . GLU F 1 17 ? 9.536   -0.818  4.129   1.00 8.52  ? 17   GLU F C   1 
ATOM   727 O O   . GLU F 1 17 ? 8.480   -1.466  4.060   1.00 9.12  ? 17   GLU F O   1 
ATOM   728 C CB  . GLU F 1 17 ? 9.370   0.113   6.452   1.00 11.20 ? 17   GLU F CB  1 
ATOM   729 C CG  . GLU F 1 17 ? 9.769   -0.102  7.895   1.00 15.02 ? 17   GLU F CG  1 
ATOM   730 C CD  . GLU F 1 17 ? 8.788   0.453   8.902   1.00 14.32 ? 17   GLU F CD  1 
ATOM   731 O OE1 . GLU F 1 17 ? 7.837   1.186   8.589   1.00 19.57 ? 17   GLU F OE1 1 
ATOM   732 O OE2 . GLU F 1 17 ? 8.913   0.118   10.084  1.00 17.99 ? 17   GLU F OE2 1 
ATOM   733 N N   . CYS F 1 18 ? 10.100  -0.256  3.070   1.00 7.27  ? 18   CYS F N   1 
ATOM   734 C CA  . CYS F 1 18 ? 9.716   -0.476  1.709   1.00 7.44  ? 18   CYS F CA  1 
ATOM   735 C C   . CYS F 1 18 ? 10.803  -1.256  1.019   1.00 7.33  ? 18   CYS F C   1 
ATOM   736 O O   . CYS F 1 18 ? 11.132  -2.376  1.468   1.00 9.11  ? 18   CYS F O   1 
ATOM   737 C CB  . CYS F 1 18 ? 9.339   0.859   1.025   1.00 8.71  ? 18   CYS F CB  1 
ATOM   738 S SG  . CYS F 1 18 ? 7.877   1.509   1.828   1.00 12.85 ? 18   CYS F SG  1 
ATOM   739 N N   . ILE F 1 19 ? 11.410  -0.776  -0.069  1.00 7.42  ? 19   ILE F N   1 
ATOM   740 C CA  . ILE F 1 19 ? 12.413  -1.562  -0.775  1.00 7.84  ? 19   ILE F CA  1 
ATOM   741 C C   . ILE F 1 19 ? 13.718  -1.634  -0.017  1.00 8.75  ? 19   ILE F C   1 
ATOM   742 O O   . ILE F 1 19 ? 14.373  -2.679  0.024   1.00 10.29 ? 19   ILE F O   1 
ATOM   743 C CB  . ILE F 1 19 ? 12.598  -1.069  -2.222  1.00 8.50  ? 19   ILE F CB  1 
ATOM   744 C CG1 . ILE F 1 19 ? 11.263  -0.967  -2.916  1.00 10.45 ? 19   ILE F CG1 1 
ATOM   745 C CG2 . ILE F 1 19 ? 13.664  -1.830  -2.960  1.00 13.27 ? 19   ILE F CG2 1 
ATOM   746 C CD1 . ILE F 1 19 ? 10.438  -2.258  -2.953  1.00 12.29 ? 19   ILE F CD1 1 
HETATM 747 N N   . TEE F 1 20 ? 14.140  -0.495  0.551   1.00 8.54  ? 20   TEE F N   1 
HETATM 748 C CB  . TEE F 1 20 ? 15.901  0.733   1.671   1.00 11.57 ? 20   TEE F CB  1 
HETATM 749 C CA  . TEE F 1 20 ? 15.303  -0.371  1.340   1.00 10.45 ? 20   TEE F CA  1 
HETATM 750 S SG  . TEE F 1 20 ? 15.548  2.283   1.082   1.00 10.85 ? 20   TEE F SG  1 
HETATM 751 C C   . MOH G 2 .  ? 2.407   -0.044  -8.245  1.00 14.02 ? 802  MOH A C   1 
HETATM 752 O O   . MOH G 2 .  ? 1.403   -0.900  -8.699  1.00 15.30 ? 802  MOH A O   1 
HETATM 753 C C   . MOH H 2 .  ? 8.997   -9.717  -5.591  1.00 19.04 ? 804  MOH A C   1 
HETATM 754 O O   . MOH H 2 .  ? 8.835   -10.684 -4.607  1.00 19.09 ? 804  MOH A O   1 
HETATM 755 C C   . MOH I 2 .  ? 13.169  6.946   -5.490  1.00 28.60 ? 806  MOH A C   1 
HETATM 756 O O   . MOH I 2 .  ? 12.698  5.694   -5.047  1.00 25.23 ? 806  MOH A O   1 
HETATM 757 C C   . MOH J 2 .  ? -12.990 3.505   -7.899  1.00 22.70 ? 809  MOH B C   1 
HETATM 758 O O   . MOH J 2 .  ? -12.857 2.781   -6.700  1.00 18.75 ? 809  MOH B O   1 
HETATM 759 C C   . MOH K 2 .  ? -1.224  7.667   -1.894  1.00 27.47 ? 807  MOH C C   1 
HETATM 760 O O   . MOH K 2 .  ? -0.137  7.924   -2.744  1.00 22.04 ? 807  MOH C O   1 
HETATM 761 C C   . MOH L 2 .  ? -3.562  -4.192  7.676   1.00 22.09 ? 808  MOH D C   1 
HETATM 762 O O   . MOH L 2 .  ? -3.183  -3.950  6.349   1.00 24.01 ? 808  MOH D O   1 
HETATM 763 C C   . MOH M 2 .  ? 4.078   -7.288  0.738   1.00 14.16 ? 801  MOH E C   1 
HETATM 764 O O   . MOH M 2 .  ? 5.399   -6.934  0.960   1.00 11.84 ? 801  MOH E O   1 
HETATM 765 C C   . MOH N 2 .  ? 5.063   0.754   4.158   1.00 19.29 ? 805  MOH E C   1 
HETATM 766 O O   . MOH N 2 .  ? 4.851   1.273   5.442   1.00 19.23 ? 805  MOH E O   1 
HETATM 767 C C   . MOH O 2 .  ? 8.526   2.185   14.526  1.00 30.66 ? 810  MOH F C   1 
HETATM 768 O O   . MOH O 2 .  ? 8.125   1.177   13.656  1.00 23.19 ? 810  MOH F O   1 
HETATM 769 O O   . HOH P 3 .  ? -0.936  -1.920  -16.651 1.00 26.39 ? 2001 HOH A O   1 
HETATM 770 O O   . HOH P 3 .  ? -2.189  -5.616  -4.271  1.00 26.24 ? 2002 HOH A O   1 
HETATM 771 O O   . HOH P 3 .  ? 4.003   -7.592  -7.563  1.00 19.85 ? 2003 HOH A O   1 
HETATM 772 O O   . HOH P 3 .  ? 1.098   -3.775  -15.613 1.00 21.07 ? 2004 HOH A O   1 
HETATM 773 O O   . HOH P 3 .  ? 3.751   -5.719  -13.357 1.00 12.98 ? 2005 HOH A O   1 
HETATM 774 O O   . HOH P 3 .  ? 5.694   -6.528  -11.680 1.00 14.15 ? 2006 HOH A O   1 
HETATM 775 O O   . HOH P 3 .  ? 6.345   -0.165  -8.882  1.00 11.74 ? 2007 HOH A O   1 
HETATM 776 O O   . HOH P 3 .  ? 7.663   -6.337  -6.241  1.00 13.31 ? 2008 HOH A O   1 
HETATM 777 O O   . HOH P 3 .  ? 8.622   3.622   -3.471  1.00 12.48 ? 2009 HOH A O   1 
HETATM 778 O O   . HOH P 3 .  ? 7.089   1.859   -10.885 1.00 15.75 ? 2010 HOH A O   1 
HETATM 779 O O   . HOH P 3 .  ? 5.530   8.845   -8.826  1.00 17.04 ? 2011 HOH A O   1 
HETATM 780 O O   . HOH P 3 .  ? 10.328  -10.700 -2.319  1.00 12.27 ? 2012 HOH A O   1 
HETATM 781 O O   . HOH P 3 .  ? 6.697   2.649   6.501   1.00 21.33 ? 2013 HOH A O   1 
HETATM 782 O O   . HOH P 3 .  ? 10.206  4.612   -5.665  1.00 14.64 ? 2014 HOH A O   1 
HETATM 783 O O   . HOH Q 3 .  ? -14.214 8.909   -2.665  1.00 12.68 ? 2001 HOH B O   1 
HETATM 784 O O   . HOH Q 3 .  ? -4.967  4.106   3.026   1.00 28.82 ? 2002 HOH B O   1 
HETATM 785 O O   . HOH Q 3 .  ? -8.200  1.273   -3.019  1.00 21.36 ? 2003 HOH B O   1 
HETATM 786 O O   . HOH Q 3 .  ? -10.789 -0.781  3.550   1.00 19.76 ? 2004 HOH B O   1 
HETATM 787 O O   . HOH Q 3 .  ? -6.157  -6.617  -13.716 1.00 26.11 ? 2005 HOH B O   1 
HETATM 788 O O   . HOH Q 3 .  ? -14.934 1.441   0.143   1.00 15.22 ? 2006 HOH B O   1 
HETATM 789 O O   . HOH Q 3 .  ? -16.402 -2.501  -4.489  1.00 23.00 ? 2007 HOH B O   1 
HETATM 790 O O   . HOH Q 3 .  ? -14.332 -0.962  1.488   1.00 22.52 ? 2008 HOH B O   1 
HETATM 791 O O   . HOH Q 3 .  ? -11.236 -3.016  2.865   1.00 25.08 ? 2009 HOH B O   1 
HETATM 792 O O   . HOH Q 3 .  ? -9.602  -3.478  -4.091  1.00 23.13 ? 2010 HOH B O   1 
HETATM 793 O O   . HOH Q 3 .  ? -6.229  -8.606  -5.782  1.00 15.30 ? 2011 HOH B O   1 
HETATM 794 O O   . HOH Q 3 .  ? -12.886 -5.255  -3.735  1.00 19.68 ? 2012 HOH B O   1 
HETATM 795 O O   . HOH Q 3 .  ? -5.212  -5.192  -11.802 1.00 17.21 ? 2013 HOH B O   1 
HETATM 796 O O   . HOH Q 3 .  ? -10.483 -4.058  -6.741  1.00 19.33 ? 2014 HOH B O   1 
HETATM 797 O O   . HOH R 3 .  ? 6.178   4.021   -2.460  1.00 30.81 ? 2001 HOH C O   1 
HETATM 798 O O   . HOH R 3 .  ? 2.944   8.991   5.586   1.00 16.21 ? 2002 HOH C O   1 
HETATM 799 O O   . HOH R 3 .  ? -10.778 9.007   -0.425  1.00 18.15 ? 2003 HOH C O   1 
HETATM 800 O O   . HOH S 3 .  ? -3.460  -12.781 8.011   1.00 25.31 ? 2001 HOH D O   1 
HETATM 801 O O   . HOH S 3 .  ? -3.719  -6.555  -0.409  1.00 21.65 ? 2002 HOH D O   1 
HETATM 802 O O   . HOH S 3 .  ? -9.993  -7.183  8.397   1.00 29.52 ? 2003 HOH D O   1 
HETATM 803 O O   . HOH S 3 .  ? -4.652  4.557   9.447   1.00 22.44 ? 2004 HOH D O   1 
HETATM 804 O O   . HOH S 3 .  ? 0.999   2.340   13.337  1.00 13.63 ? 2005 HOH D O   1 
HETATM 805 O O   . HOH T 3 .  ? 11.541  -10.780 4.631   1.00 27.64 ? 2001 HOH E O   1 
HETATM 806 O O   . HOH T 3 .  ? 7.469   -0.194  -1.637  1.00 11.07 ? 2002 HOH E O   1 
HETATM 807 O O   . HOH T 3 .  ? 5.491   -14.499 -0.337  1.00 16.29 ? 2003 HOH E O   1 
HETATM 808 O O   . HOH T 3 .  ? 3.904   -14.036 -3.126  1.00 13.47 ? 2004 HOH E O   1 
HETATM 809 O O   . HOH T 3 .  ? 6.040   -8.562  -7.239  1.00 14.08 ? 2005 HOH E O   1 
HETATM 810 O O   . HOH T 3 .  ? -3.497  -11.512 -1.442  1.00 20.00 ? 2006 HOH E O   1 
HETATM 811 O O   . HOH T 3 .  ? 2.798   -10.474 -1.522  1.00 25.14 ? 2007 HOH E O   1 
HETATM 812 O O   . HOH T 3 .  ? -2.348  -12.499 5.484   1.00 23.88 ? 2008 HOH E O   1 
HETATM 813 O O   . HOH T 3 .  ? 4.505   -17.040 -0.426  1.00 12.34 ? 2009 HOH E O   1 
HETATM 814 O O   . HOH U 3 .  ? 14.029  2.459   -2.595  1.00 24.69 ? 2001 HOH F O   1 
HETATM 815 O O   . HOH U 3 .  ? 11.025  8.061   9.722   1.00 13.94 ? 2002 HOH F O   1 
HETATM 816 O O   . HOH U 3 .  ? 9.476   13.783  5.709   1.00 33.12 ? 2003 HOH F O   1 
HETATM 817 O O   . HOH U 3 .  ? 6.002   9.628   8.419   1.00 15.40 ? 2004 HOH F O   1 
HETATM 818 O O   . HOH U 3 .  ? 5.244   9.899   4.451   1.00 23.14 ? 2005 HOH F O   1 
HETATM 819 O O   . HOH U 3 .  ? 12.061  2.121   -0.651  1.00 11.84 ? 2006 HOH F O   1 
HETATM 820 O O   . HOH U 3 .  ? 8.165   3.120   4.341   1.00 25.12 ? 2007 HOH F O   1 
HETATM 821 O O   . HOH U 3 .  ? 11.055  6.368   5.179   1.00 17.63 ? 2008 HOH F O   1 
HETATM 822 O O   . HOH U 3 .  ? 15.484  3.087   6.141   1.00 19.83 ? 2009 HOH F O   1 
HETATM 823 O O   . HOH U 3 .  ? 11.129  2.834   5.242   1.00 18.40 ? 2010 HOH F O   1 
HETATM 824 O O   . HOH U 3 .  ? 13.007  -3.819  2.860   1.00 15.78 ? 2011 HOH F O   1 
HETATM 825 O O   . HOH U 3 .  ? 16.670  -3.937  -1.035  1.00 28.22 ? 2012 HOH F O   1 
# 
loop_
_atom_site_anisotrop.id 
_atom_site_anisotrop.type_symbol 
_atom_site_anisotrop.pdbx_label_atom_id 
_atom_site_anisotrop.pdbx_label_alt_id 
_atom_site_anisotrop.pdbx_label_comp_id 
_atom_site_anisotrop.pdbx_label_asym_id 
_atom_site_anisotrop.pdbx_label_seq_id 
_atom_site_anisotrop.pdbx_PDB_ins_code 
_atom_site_anisotrop.U[1][1] 
_atom_site_anisotrop.U[2][2] 
_atom_site_anisotrop.U[3][3] 
_atom_site_anisotrop.U[1][2] 
_atom_site_anisotrop.U[1][3] 
_atom_site_anisotrop.U[2][3] 
_atom_site_anisotrop.pdbx_auth_seq_id 
_atom_site_anisotrop.pdbx_auth_comp_id 
_atom_site_anisotrop.pdbx_auth_asym_id 
_atom_site_anisotrop.pdbx_auth_atom_id 
1   N N   . CYS A 1  ? 0.2406 0.3887 0.2351 0.1169  0.0937  0.1241  1    CYS A N   
2   C CA  . CYS A 1  ? 0.1254 0.3215 0.2230 0.0565  0.0234  0.0718  1    CYS A CA  
3   C C   . CYS A 1  ? 0.2388 0.3031 0.0963 0.0556  -0.0373 0.0470  1    CYS A C   
4   O O   . CYS A 1  ? 0.2981 0.4129 0.1174 0.1246  -0.0439 0.0025  1    CYS A O   
5   C CB  . CYS A 1  ? 0.1879 0.2957 0.2873 0.0641  0.0913  0.1425  1    CYS A CB  
6   S SG  . CYS A 1  ? 0.1830 0.2024 0.2752 0.0428  0.0519  0.0990  1    CYS A SG  
7   N N   . DBB A 2  ? 0.1883 0.2475 0.1222 0.0488  -0.0454 0.0503  2    DBB A N   
8   C CA  . DBB A 2  ? 0.1345 0.1992 0.1511 0.0224  -0.0198 0.0462  2    DBB A CA  
9   C C   . DBB A 2  ? 0.1151 0.2035 0.1318 0.0160  -0.0077 0.0402  2    DBB A C   
10  O O   . DBB A 2  ? 0.1168 0.1607 0.1406 0.0089  -0.0028 0.0144  2    DBB A O   
11  C CB  . DBB A 2  ? 0.1185 0.2262 0.1948 0.0394  0.0115  0.0850  2    DBB A CB  
12  C CG  . DBB A 2  ? 0.2232 0.2239 0.1501 0.0784  -0.0450 0.0245  2    DBB A CG  
13  N N   . PHE A 3  ? 0.0821 0.1648 0.1466 -0.0103 0.0027  0.0339  3    PHE A N   
14  C CA  . PHE A 3  ? 0.0999 0.1597 0.1388 0.0260  -0.0040 0.0211  3    PHE A CA  
15  C C   . PHE A 3  ? 0.0982 0.1324 0.1126 0.0085  0.0109  0.0156  3    PHE A C   
16  O O   . PHE A 3  ? 0.0993 0.1610 0.1385 0.0005  0.0102  0.0258  3    PHE A O   
17  C CB  . PHE A 3  ? 0.1123 0.1592 0.1904 0.0270  0.0025  -0.0381 3    PHE A CB  
18  C CG  . PHE A 3  ? 0.0770 0.1871 0.1889 0.0037  0.0178  -0.0540 3    PHE A CG  
19  C CD1 . PHE A 3  ? 0.1500 0.1483 0.2982 -0.0056 0.0038  -0.0733 3    PHE A CD1 
20  C CD2 . PHE A 3  ? 0.1218 0.2979 0.1391 -0.0377 0.0329  -0.0459 3    PHE A CD2 
21  C CE1 . PHE A 3  ? 0.1524 0.1477 0.3819 0.0094  -0.0309 -0.1331 3    PHE A CE1 
22  C CE2 . PHE A 3  ? 0.1208 0.3707 0.1591 0.0002  0.0180  -0.0577 3    PHE A CE2 
23  C CZ  . PHE A 3  ? 0.1083 0.3819 0.2703 -0.0089 -0.0096 -0.1177 3    PHE A CZ  
24  N N   . DBB A 4  ? 0.0945 0.1309 0.1045 0.0033  0.0041  0.0030  4    DBB A N   
25  C CA  . DBB A 4  ? 0.0911 0.1385 0.1174 0.0028  0.0116  0.0140  4    DBB A CA  
26  C C   . DBB A 4  ? 0.1241 0.1616 0.1285 0.0180  0.0119  -0.0072 4    DBB A C   
27  O O   . DBB A 4  ? 0.1238 0.1784 0.1635 0.0192  0.0126  -0.0271 4    DBB A O   
28  C CB  . DBB A 4  ? 0.0957 0.1499 0.1083 0.0137  0.0158  0.0173  4    DBB A CB  
29  C CG  . DBB A 4  ? 0.1391 0.2001 0.0979 -0.0139 0.0218  0.0215  4    DBB A CG  
30  N N   . LEU A 5  ? 0.1522 0.1867 0.1125 0.0059  0.0052  0.0012  5    LEU A N   
31  C CA  . LEU A 5  ? 0.1265 0.1955 0.1306 -0.0028 0.0023  -0.0307 5    LEU A CA  
32  C C   . LEU A 5  ? 0.1204 0.2244 0.0807 -0.0004 -0.0070 -0.0192 5    LEU A C   
33  O O   . LEU A 5  ? 0.1374 0.2907 0.1452 0.0476  -0.0268 0.0172  5    LEU A O   
34  C CB  . LEU A 5  ? 0.1440 0.2558 0.1412 -0.0331 0.0131  -0.0414 5    LEU A CB  
35  C CG  . LEU A 5  ? 0.1618 0.3074 0.1013 -0.0726 0.0315  -0.0480 5    LEU A CG  
36  C CD1 . LEU A 5  ? 0.2252 0.3610 0.1768 -0.1280 0.0233  -0.1258 5    LEU A CD1 
37  C CD2 . LEU A 5  ? 0.2829 0.3224 0.1271 -0.0215 0.0924  0.0602  5    LEU A CD2 
38  N N   . PRO A 6  ? 0.1198 0.2061 0.0888 0.0001  -0.0042 -0.0055 6    PRO A N   
39  C CA  . PRO A 6  ? 0.1279 0.1847 0.1061 0.0108  -0.0087 -0.0124 6    PRO A CA  
40  C C   . PRO A 6  ? 0.1156 0.1517 0.1039 0.0060  0.0102  -0.0023 6    PRO A C   
41  O O   . PRO A 6  ? 0.1401 0.1509 0.1125 0.0117  -0.0039 -0.0006 6    PRO A O   
42  C CB  . PRO A 6  ? 0.1270 0.2131 0.1331 -0.0059 -0.0140 -0.0064 6    PRO A CB  
43  C CG  . PRO A 6  ? 0.1208 0.2312 0.0743 0.0076  0.0009  -0.0050 6    PRO A CG  
44  C CD  . PRO A 6  ? 0.1156 0.2082 0.1004 0.0182  -0.0016 -0.0040 6    PRO A CD  
45  N N   . GLY A 7  ? 0.1592 0.1741 0.1412 0.0186  -0.0132 0.0210  7    GLY A N   
46  C CA  . GLY A 7  ? 0.1597 0.1807 0.1407 0.0218  -0.0275 0.0395  7    GLY A CA  
47  C C   . GLY A 7  ? 0.1614 0.1319 0.1594 -0.0252 0.0021  0.0189  7    GLY A C   
48  O O   . GLY A 7  ? 0.1647 0.2261 0.2466 -0.0210 -0.0039 -0.0593 7    GLY A O   
49  N N   . GLY A 8  ? 0.2117 0.1863 0.1266 -0.0077 0.0114  0.0176  8    GLY A N   
50  C CA  . GLY A 8  ? 0.2112 0.2184 0.1408 -0.0102 0.0249  0.0035  8    GLY A CA  
51  C C   . GLY A 8  ? 0.1341 0.2385 0.1182 -0.0326 0.0151  -0.0042 8    GLY A C   
52  O O   . GLY A 8  ? 0.1409 0.2823 0.1040 -0.0135 -0.0014 0.0137  8    GLY A O   
53  N N   . GLY A 9  ? 0.1637 0.2114 0.0887 -0.0502 0.0057  -0.0233 9    GLY A N   
54  C CA  . GLY A 9  ? 0.1676 0.3980 0.0991 0.0207  -0.0025 0.0445  9    GLY A CA  
55  C C   . GLY A 9  ? 0.1177 0.5235 0.1162 0.0186  0.0203  -0.0330 9    GLY A C   
56  O O   . GLY A 9  ? 0.1550 0.5414 0.1846 0.0696  -0.0548 -0.0999 9    GLY A O   
57  N N   . GLY A 10 ? 0.1599 0.4969 0.1032 0.0171  0.0107  -0.0459 10   GLY A N   
58  C CA  . GLY A 10 ? 0.1502 0.2273 0.1084 0.0305  0.0177  -0.0075 10   GLY A CA  
59  C C   . GLY A 10 ? 0.1025 0.2389 0.1067 0.0352  0.0074  -0.0210 10   GLY A C   
60  O O   . GLY A 10 ? 0.1032 0.2094 0.1289 0.0265  0.0007  -0.0084 10   GLY A O   
61  N N   . VAL A 11 ? 0.1048 0.1541 0.1069 0.0178  0.0059  0.0150  11   VAL A N   
62  C CA  . VAL A 11 ? 0.1007 0.1246 0.1002 0.0132  0.0072  0.0160  11   VAL A CA  
63  C C   . VAL A 11 ? 0.0953 0.0871 0.1096 -0.0079 0.0017  -0.0076 11   VAL A C   
64  O O   . VAL A 11 ? 0.1178 0.1223 0.1710 0.0277  0.0449  0.0493  11   VAL A O   
65  C CB  . VAL A 11 ? 0.0954 0.1406 0.1072 0.0117  0.0137  0.0155  11   VAL A CB  
66  C CG1 . VAL A 11 ? 0.0995 0.2092 0.1090 -0.0402 0.0067  -0.0086 11   VAL A CG1 
67  C CG2 . VAL A 11 ? 0.1265 0.1738 0.1408 0.0502  -0.0213 0.0050  11   VAL A CG2 
68  N N   . CYS A 12 ? 0.0871 0.1028 0.1085 0.0037  -0.0036 0.0124  12   CYS A N   
69  C CA  . CYS A 12 ? 0.0861 0.1005 0.1036 0.0169  -0.0039 0.0299  12   CYS A CA  
70  C C   . CYS A 12 ? 0.1001 0.1044 0.0972 0.0123  0.0053  0.0231  12   CYS A C   
71  O O   . CYS A 12 ? 0.1209 0.1215 0.1174 0.0148  -0.0299 0.0125  12   CYS A O   
72  C CB  . CYS A 12 ? 0.0831 0.1289 0.0918 0.0115  -0.0021 0.0303  12   CYS A CB  
73  S SG  . CYS A 12 ? 0.0913 0.1222 0.1040 0.0149  0.0060  0.0096  12   CYS A SG  
74  N N   . DBB A 13 ? 0.1104 0.1169 0.1205 0.0277  -0.0098 0.0076  13   DBB A N   
75  C CA  . DBB A 13 ? 0.1017 0.1307 0.1436 0.0231  -0.0131 -0.0150 13   DBB A CA  
76  C C   . DBB A 13 ? 0.1062 0.1341 0.1542 0.0152  -0.0040 -0.0177 13   DBB A C   
77  O O   . DBB A 13 ? 0.1197 0.1735 0.1742 0.0136  -0.0275 -0.0270 13   DBB A O   
78  C CB  . DBB A 13 ? 0.0979 0.1119 0.1918 0.0203  -0.0196 -0.0237 13   DBB A CB  
79  C CG  . DBB A 13 ? 0.1432 0.1372 0.2309 0.0327  0.0586  -0.0198 13   DBB A CG  
80  N N   . LEU A 14 ? 0.1021 0.1490 0.1571 0.0175  -0.0282 0.0391  14   LEU A N   
81  C CA  . LEU A 14 ? 0.1130 0.1277 0.1313 0.0128  -0.0016 -0.0040 14   LEU A CA  
82  C C   . LEU A 14 ? 0.1139 0.1187 0.1503 0.0080  -0.0210 0.0035  14   LEU A C   
83  O O   . LEU A 14 ? 0.1787 0.1427 0.1506 -0.0167 -0.0420 0.0115  14   LEU A O   
84  C CB  . LEU A 14 ? 0.1091 0.1561 0.2114 0.0209  -0.0295 0.0409  14   LEU A CB  
85  C CG  . LEU A 14 ? 0.1168 0.1778 0.1306 0.0169  -0.0075 0.0120  14   LEU A CG  
86  C CD1 . LEU A 14 ? 0.1371 0.2222 0.2074 -0.0122 -0.0007 -0.0388 14   LEU A CD1 
87  C CD2 . LEU A 14 ? 0.1117 0.1790 0.1513 0.0142  -0.0175 0.0197  14   LEU A CD2 
88  N N   . DBB A 15 ? 0.1260 0.1192 0.1426 0.0099  -0.0115 0.0056  15   DBB A N   
89  C CA  . DBB A 15 ? 0.1273 0.1527 0.1547 0.0173  -0.0006 0.0241  15   DBB A CA  
90  C C   . DBB A 15 ? 0.1800 0.1191 0.1648 0.0528  0.0288  0.0362  15   DBB A C   
91  O O   . DBB A 15 ? 0.1338 0.1618 0.2034 0.0017  0.0403  0.0193  15   DBB A O   
92  C CB  . DBB A 15 ? 0.1766 0.1019 0.2377 0.0037  0.0299  0.0219  15   DBB A CB  
93  C CG  . DBB A 15 ? 0.1386 0.2133 0.2736 0.0177  0.0494  0.0143  15   DBB A CG  
94  N N   . DHA A 16 ? 0.1447 0.2081 0.1729 0.0308  -0.0178 0.0340  16   DHA A N   
95  C CA  . DHA A 16 ? 0.1863 0.1959 0.1953 0.0401  0.0079  0.0896  16   DHA A CA  
96  C CB  . DHA A 16 ? 0.3817 0.2041 0.4203 0.0974  0.2068  0.1488  16   DHA A CB  
97  C C   . DHA A 16 ? 0.1563 0.1624 0.2032 0.0420  -0.0173 0.0438  16   DHA A C   
98  O O   . DHA A 16 ? 0.2153 0.1791 0.2426 0.0547  0.0174  0.0210  16   DHA A O   
99  N N   . GLU A 17 ? 0.1883 0.1666 0.1744 0.0362  -0.0121 0.0473  17   GLU A N   
100 C CA  . GLU A 17 ? 0.1728 0.1616 0.1946 0.0269  -0.0449 0.0578  17   GLU A CA  
101 C C   . GLU A 17 ? 0.1181 0.1715 0.2019 0.0315  -0.0229 0.0460  17   GLU A C   
102 O O   . GLU A 17 ? 0.1172 0.1340 0.2768 0.0281  -0.0027 0.0317  17   GLU A O   
103 C CB  . GLU A 17 ? 0.2405 0.1998 0.1944 -0.0121 -0.0407 0.0541  17   GLU A CB  
104 C CG  . GLU A 17 ? 0.2556 0.3515 0.2028 -0.0016 -0.0045 -0.0298 17   GLU A CG  
105 C CD  . GLU A 17 ? 0.2839 0.1879 0.2056 0.0578  -0.0635 0.0246  17   GLU A CD  
106 O OE1 . GLU A 17 ? 0.3126 0.2849 0.3049 -0.0245 -0.0753 0.0585  17   GLU A OE1 
107 O OE2 . GLU A 17 ? 0.4381 0.2392 0.2137 0.0731  -0.0747 -0.0102 17   GLU A OE2 
108 N N   . CYS A 18 ? 0.1165 0.1392 0.1751 0.0464  -0.0116 0.0131  18   CYS A N   
109 C CA  . CYS A 18 ? 0.1379 0.1247 0.1841 0.0460  -0.0104 -0.0015 18   CYS A CA  
110 C C   . CYS A 18 ? 0.1522 0.1265 0.1736 0.0389  0.0157  -0.0032 18   CYS A C   
111 O O   . CYS A 18 ? 0.1371 0.1249 0.2909 0.0361  0.0228  0.0314  18   CYS A O   
112 C CB  . CYS A 18 ? 0.1173 0.1227 0.1525 0.0320  0.0142  0.0004  18   CYS A CB  
113 S SG  . CYS A 18 ? 0.0983 0.1377 0.2215 0.0294  -0.0107 -0.0033 18   CYS A SG  
114 N N   . ILE A 19 ? 0.1722 0.1138 0.2226 -0.0030 0.0017  0.0067  19   ILE A N   
115 C CA  . ILE A 19 ? 0.1986 0.1105 0.2660 -0.0059 0.0348  -0.0317 19   ILE A CA  
116 C C   . ILE A 19 ? 0.1580 0.1026 0.2487 -0.0034 -0.0007 -0.0276 19   ILE A C   
117 O O   . ILE A 19 ? 0.1931 0.1295 0.3496 0.0331  0.0379  0.0149  19   ILE A O   
118 C CB  . ILE A 19 ? 0.2726 0.1624 0.2212 -0.0446 0.0286  -0.0469 19   ILE A CB  
119 C CG1 . ILE A 19 ? 0.2418 0.2009 0.2536 -0.0082 0.0673  -0.0365 19   ILE A CG1 
120 C CG2 . ILE A 19 ? 0.2845 0.2323 0.3010 -0.1199 0.1016  -0.1070 19   ILE A CG2 
121 C CD1 . ILE A 19 ? 0.2415 0.2888 0.1625 0.1092  -0.0576 -0.0367 19   ILE A CD1 
122 N N   . TEE A 20 ? 0.1657 0.1424 0.2829 0.0187  0.0368  -0.0160 20   TEE A N   
123 C CB  . TEE A 20 ? 0.2358 0.1227 0.2550 0.0077  0.0533  -0.0047 20   TEE A CB  
124 C CA  . TEE A 20 ? 0.2118 0.1670 0.2931 -0.0099 0.0543  -0.0110 20   TEE A CA  
125 S SG  . TEE A 20 ? 0.1985 0.1587 0.1994 -0.0230 0.0067  0.0179  20   TEE A SG  
126 N N   . CYS B 1  ? 0.1761 0.1363 0.1382 0.0731  -0.0786 -0.0283 1    CYS B N   
127 C CA  . CYS B 1  ? 0.1691 0.1410 0.1377 0.0472  -0.0396 -0.0150 1    CYS B CA  
128 C C   . CYS B 1  ? 0.1247 0.1316 0.1308 0.0400  -0.0512 -0.0136 1    CYS B C   
129 O O   . CYS B 1  ? 0.1230 0.1277 0.1527 0.0438  -0.0457 0.0119  1    CYS B O   
130 C CB  . CYS B 1  ? 0.1866 0.1593 0.1161 0.0858  -0.0487 0.0063  1    CYS B CB  
131 S SG  . CYS B 1  ? 0.1655 0.1979 0.1561 0.0703  -0.0251 0.0083  1    CYS B SG  
132 N N   . DBB B 2  ? 0.1210 0.1163 0.1362 0.0209  -0.0466 0.0110  2    DBB B N   
133 C CA  . DBB B 2  ? 0.1203 0.1314 0.1507 0.0265  -0.0371 0.0127  2    DBB B CA  
134 C C   . DBB B 2  ? 0.1305 0.1247 0.1576 0.0264  -0.0592 -0.0054 2    DBB B C   
135 O O   . DBB B 2  ? 0.1359 0.1326 0.1777 0.0165  -0.0877 0.0220  2    DBB B O   
136 C CB  . DBB B 2  ? 0.1485 0.1345 0.1921 0.0298  0.0019  0.0168  2    DBB B CB  
137 C CG  . DBB B 2  ? 0.2318 0.1687 0.1982 0.0613  -0.0043 0.0526  2    DBB B CG  
138 N N   . PHE B 3  ? 0.1263 0.1276 0.1694 0.0320  -0.0399 0.0067  3    PHE B N   
139 C CA  . PHE B 3  ? 0.1211 0.1351 0.1549 0.0314  -0.0188 0.0108  3    PHE B CA  
140 C C   . PHE B 3  ? 0.0860 0.1156 0.1401 0.0290  -0.0324 -0.0051 3    PHE B C   
141 O O   . PHE B 3  ? 0.1349 0.1484 0.1514 0.0229  -0.0541 -0.0229 3    PHE B O   
142 C CB  . PHE B 3  ? 0.1198 0.1231 0.2324 0.0315  0.0175  0.0334  3    PHE B CB  
143 C CG  . PHE B 3  ? 0.1267 0.1360 0.3276 0.0440  -0.0090 0.0076  3    PHE B CG  
144 C CD1 . PHE B 3  ? 0.3527 0.1951 0.3451 0.1538  0.0392  0.0014  3    PHE B CD1 
145 C CD2 . PHE B 3  ? 0.1142 0.1439 0.3805 0.0304  -0.0483 0.0406  3    PHE B CD2 
146 C CE1 . PHE B 3  ? 0.4251 0.1952 0.4274 0.1816  0.0410  0.0061  3    PHE B CE1 
147 C CE2 . PHE B 3  ? 0.1150 0.1978 0.4876 0.0658  -0.0918 0.0199  3    PHE B CE2 
148 C CZ  . PHE B 3  ? 0.3237 0.1638 0.4801 0.1119  0.0217  0.0629  3    PHE B CZ  
149 N N   . DBB B 4  ? 0.1443 0.1110 0.1460 0.0214  -0.0611 0.0173  4    DBB B N   
150 C CA  . DBB B 4  ? 0.1271 0.1174 0.1384 0.0021  -0.0758 0.0135  4    DBB B CA  
151 C C   . DBB B 4  ? 0.1299 0.1207 0.2024 0.0139  -0.0633 0.0258  4    DBB B C   
152 O O   . DBB B 4  ? 0.1262 0.1282 0.1972 0.0310  -0.0435 0.0179  4    DBB B O   
153 C CB  . DBB B 4  ? 0.1208 0.1165 0.1670 0.0047  -0.0510 0.0160  4    DBB B CB  
154 C CG  . DBB B 4  ? 0.1076 0.1345 0.1663 0.0214  -0.0327 0.0048  4    DBB B CG  
155 N N   . LEU B 5  ? 0.1103 0.1232 0.2096 0.0299  -0.0604 0.0186  5    LEU B N   
156 C CA  . LEU B 5  ? 0.1068 0.1346 0.1865 0.0154  -0.0484 0.0132  5    LEU B CA  
157 C C   . LEU B 5  ? 0.1655 0.1282 0.2125 -0.0027 -0.0956 0.0256  5    LEU B C   
158 O O   . LEU B 5  ? 0.1461 0.1331 0.2158 0.0019  -0.0891 0.0258  5    LEU B O   
159 C CB  . LEU B 5  ? 0.1338 0.1809 0.2874 0.0689  -0.1034 -0.0424 5    LEU B CB  
160 C CG  . LEU B 5  ? 0.2449 0.2902 0.3237 0.1205  -0.1642 -0.1443 5    LEU B CG  
161 C CD1 . LEU B 5  ? 0.3217 0.3235 0.4051 0.1874  -0.1296 -0.1648 5    LEU B CD1 
162 C CD2 . LEU B 5  ? 0.3743 0.3568 0.2110 0.1947  -0.0790 -0.0674 5    LEU B CD2 
163 N N   . PRO B 6  ? 0.1432 0.1388 0.1751 0.0020  -0.0567 0.0230  6    PRO B N   
164 C CA  . PRO B 6  ? 0.1273 0.1647 0.1864 -0.0123 -0.0578 0.0098  6    PRO B CA  
165 C C   . PRO B 6  ? 0.1431 0.2284 0.1331 0.0394  -0.0340 -0.0092 6    PRO B C   
166 O O   . PRO B 6  ? 0.1554 0.1824 0.1425 0.0143  -0.0358 -0.0271 6    PRO B O   
167 C CB  . PRO B 6  ? 0.2135 0.1803 0.2491 0.0374  -0.0953 -0.0424 6    PRO B CB  
168 C CG  . PRO B 6  ? 0.2535 0.1459 0.2074 0.0051  -0.0327 0.0056  6    PRO B CG  
169 C CD  . PRO B 6  ? 0.1262 0.1350 0.1901 0.0194  -0.0339 0.0191  6    PRO B CD  
170 N N   . GLY B 7  ? 0.1362 0.1791 0.1631 0.0010  -0.0420 0.0003  7    GLY B N   
171 C CA  . GLY B 7  ? 0.1447 0.1257 0.1298 0.0246  -0.0239 -0.0143 7    GLY B CA  
172 C C   . GLY B 7  ? 0.1193 0.1279 0.1319 0.0291  -0.0394 -0.0087 7    GLY B C   
173 O O   . GLY B 7  ? 0.1596 0.1215 0.1486 0.0070  -0.0005 -0.0019 7    GLY B O   
174 N N   . GLY B 8  ? 0.1073 0.1864 0.1557 0.0140  -0.0402 -0.0186 8    GLY B N   
175 C CA  . GLY B 8  ? 0.1267 0.1777 0.1545 0.0103  -0.0293 -0.0205 8    GLY B CA  
176 C C   . GLY B 8  ? 0.1446 0.1576 0.1772 0.0173  -0.0520 -0.0213 8    GLY B C   
177 O O   . GLY B 8  ? 0.1745 0.1449 0.1922 0.0050  -0.0671 -0.0205 8    GLY B O   
178 N N   . GLY B 9  ? 0.1895 0.1322 0.2180 0.0088  -0.0970 -0.0077 9    GLY B N   
179 C CA  . GLY B 9  ? 0.1483 0.1478 0.2068 0.0178  -0.0838 -0.0265 9    GLY B CA  
180 C C   . GLY B 9  ? 0.1748 0.1758 0.1371 0.0627  -0.0647 -0.0140 9    GLY B C   
181 O O   . GLY B 9  ? 0.1648 0.2562 0.1760 0.0165  -0.0423 0.0459  9    GLY B O   
182 N N   . GLY B 10 ? 0.1268 0.1576 0.1785 -0.0048 -0.0419 -0.0344 10   GLY B N   
183 C CA  . GLY B 10 ? 0.1066 0.1715 0.1631 0.0095  0.0061  -0.0524 10   GLY B CA  
184 C C   . GLY B 10 ? 0.1251 0.1221 0.1915 0.0033  -0.0154 -0.0127 10   GLY B C   
185 O O   . GLY B 10 ? 0.1254 0.1337 0.2325 0.0161  -0.0199 -0.0472 10   GLY B O   
186 N N   . VAL B 11 ? 0.1249 0.1200 0.1564 0.0022  -0.0006 -0.0267 11   VAL B N   
187 C CA  . VAL B 11 ? 0.1273 0.1173 0.1504 0.0104  -0.0013 -0.0105 11   VAL B CA  
188 C C   . VAL B 11 ? 0.1248 0.1312 0.1542 0.0088  0.0039  -0.0211 11   VAL B C   
189 O O   . VAL B 11 ? 0.1551 0.1575 0.1520 -0.0165 0.0109  -0.0201 11   VAL B O   
190 C CB  . VAL B 11 ? 0.1780 0.1322 0.1331 0.0270  0.0114  -0.0027 11   VAL B CB  
191 C CG1 . VAL B 11 ? 0.1789 0.1641 0.2073 0.0532  -0.0047 0.0310  11   VAL B CG1 
192 C CG2 . VAL B 11 ? 0.2324 0.1482 0.1843 -0.0471 0.0100  0.0074  11   VAL B CG2 
193 N N   . CYS B 12 ? 0.1066 0.1107 0.1416 0.0206  -0.0115 0.0002  12   CYS B N   
194 C CA  . CYS B 12 ? 0.1074 0.1315 0.1429 0.0176  -0.0021 -0.0024 12   CYS B CA  
195 C C   . CYS B 12 ? 0.1192 0.1398 0.1440 0.0258  0.0048  0.0132  12   CYS B C   
196 O O   . CYS B 12 ? 0.1391 0.2194 0.1832 0.0648  0.0092  0.0590  12   CYS B O   
197 C CB  . CYS B 12 ? 0.1510 0.0956 0.1596 0.0106  -0.0401 0.0179  12   CYS B CB  
198 S SG  . CYS B 12 ? 0.1160 0.1400 0.1461 0.0125  -0.0202 0.0063  12   CYS B SG  
199 N N   . DBB B 13 ? 0.1204 0.1952 0.1446 0.0603  0.0016  0.0129  13   DBB B N   
200 C CA  . DBB B 13 ? 0.1101 0.1973 0.1902 0.0380  0.0182  -0.0025 13   DBB B CA  
201 C C   . DBB B 13 ? 0.1101 0.2007 0.1828 0.0495  0.0209  -0.0070 13   DBB B C   
202 O O   . DBB B 13 ? 0.1344 0.1964 0.3328 0.0566  0.0495  -0.0238 13   DBB B O   
203 C CB  . DBB B 13 ? 0.1478 0.2525 0.1722 0.0023  0.0432  -0.0258 13   DBB B CB  
204 C CG  . DBB B 13 ? 0.1419 0.2871 0.2473 -0.0279 0.0246  -0.0514 13   DBB B CG  
205 N N   . LEU B 14 ? 0.1204 0.1734 0.1332 0.0343  0.0140  0.0152  14   LEU B N   
206 C CA  . LEU B 14 ? 0.1559 0.1752 0.1530 0.0268  0.0302  0.0038  14   LEU B CA  
207 C C   . LEU B 14 ? 0.1643 0.1535 0.1524 0.0353  0.0234  -0.0388 14   LEU B C   
208 O O   . LEU B 14 ? 0.1799 0.2013 0.1535 0.0682  0.0241  -0.0104 14   LEU B O   
209 C CB  . LEU B 14 ? 0.2348 0.1387 0.2142 0.0492  0.0672  0.0432  14   LEU B CB  
210 C CG  . LEU B 14 ? 0.1661 0.1602 0.2746 0.0464  0.0549  0.0222  14   LEU B CG  
211 C CD1 . LEU B 14 ? 0.1717 0.1948 0.5051 0.0171  0.0860  -0.0980 14   LEU B CD1 
212 C CD2 . LEU B 14 ? 0.1811 0.1950 0.2541 -0.0068 -0.0132 0.0598  14   LEU B CD2 
213 N N   . DBB B 15 ? 0.1303 0.1661 0.1527 -0.0194 0.0262  -0.0234 15   DBB B N   
214 C CA  . DBB B 15 ? 0.1521 0.1783 0.1441 -0.0148 0.0258  -0.0375 15   DBB B CA  
215 C C   . DBB B 15 ? 0.1437 0.1785 0.1407 -0.0142 0.0054  -0.0269 15   DBB B C   
216 O O   . DBB B 15 ? 0.1438 0.1358 0.1419 0.0067  0.0122  -0.0238 15   DBB B O   
217 C CB  . DBB B 15 ? 0.1553 0.1817 0.1678 -0.0226 0.0086  -0.0276 15   DBB B CB  
218 C CG  . DBB B 15 ? 0.2068 0.2403 0.2492 -0.0933 0.0912  -0.0920 15   DBB B CG  
219 N N   . DHA B 16 ? 0.1577 0.1705 0.1594 -0.0115 -0.0157 -0.0250 16   DHA B N   
220 C CA  . DHA B 16 ? 0.1945 0.1987 0.1277 0.0031  -0.0010 -0.0325 16   DHA B CA  
221 C CB  . DHA B 16 ? 0.1988 0.3590 0.1589 -0.0591 0.0156  -0.0985 16   DHA B CB  
222 C C   . DHA B 16 ? 0.1471 0.1875 0.1307 0.0104  0.0019  -0.0102 16   DHA B C   
223 O O   . DHA B 16 ? 0.1803 0.2017 0.1523 0.0295  0.0410  -0.0152 16   DHA B O   
224 N N   . GLU B 17 ? 0.1039 0.1816 0.1401 0.0203  -0.0016 -0.0195 17   GLU B N   
225 C CA  . GLU B 17 ? 0.1019 0.1456 0.1575 0.0321  0.0023  -0.0044 17   GLU B CA  
226 C C   . GLU B 17 ? 0.0885 0.1337 0.1777 0.0278  0.0058  0.0011  17   GLU B C   
227 O O   . GLU B 17 ? 0.1073 0.1481 0.1710 0.0064  0.0038  0.0078  17   GLU B O   
228 C CB  . GLU B 17 ? 0.1149 0.1438 0.1863 0.0366  0.0312  -0.0002 17   GLU B CB  
229 C CG  . GLU B 17 ? 0.1212 0.1947 0.2688 0.0589  0.0143  -0.0257 17   GLU B CG  
230 C CD  . GLU B 17 ? 0.2359 0.2894 0.3713 0.1670  -0.0553 -0.1259 17   GLU B CD  
231 O OE1 . GLU B 17 ? 0.3192 0.3573 0.4241 0.0927  -0.0892 -0.2555 17   GLU B OE1 
232 O OE2 . GLU B 17 ? 0.4726 0.4546 0.5562 0.3794  -0.1416 -0.1394 17   GLU B OE2 
233 N N   . CYS B 18 ? 0.1102 0.1353 0.1583 0.0219  0.0018  0.0043  18   CYS B N   
234 C CA  . CYS B 18 ? 0.0894 0.1131 0.1884 0.0034  0.0064  0.0176  18   CYS B CA  
235 C C   . CYS B 18 ? 0.1122 0.1231 0.1515 0.0252  -0.0369 0.0184  18   CYS B C   
236 O O   . CYS B 18 ? 0.1635 0.1717 0.1504 0.0519  -0.0275 0.0241  18   CYS B O   
237 C CB  . CYS B 18 ? 0.1224 0.1255 0.1651 -0.0147 -0.0249 0.0090  18   CYS B CB  
238 S SG  . CYS B 18 ? 0.1491 0.1640 0.2144 0.0235  0.0277  0.0003  18   CYS B SG  
239 N N   . ILE B 19 ? 0.1504 0.1476 0.1481 0.0625  0.0375  0.0171  19   ILE B N   
240 C CA  . ILE B 19 ? 0.1281 0.1582 0.1631 0.0591  0.0393  0.0081  19   ILE B CA  
241 C C   . ILE B 19 ? 0.1470 0.1591 0.1666 0.0437  0.0380  0.0010  19   ILE B C   
242 O O   . ILE B 19 ? 0.1811 0.2654 0.1759 0.0107  0.0477  -0.0350 19   ILE B O   
243 C CB  . ILE B 19 ? 0.1631 0.1711 0.1698 0.0776  0.0492  0.0198  19   ILE B CB  
244 C CG1 . ILE B 19 ? 0.2573 0.1443 0.1946 0.0685  -0.0123 0.0346  19   ILE B CG1 
245 C CG2 . ILE B 19 ? 0.1785 0.1740 0.1724 0.0966  0.0184  0.0197  19   ILE B CG2 
246 C CD1 . ILE B 19 ? 0.2465 0.1507 0.1192 0.0516  -0.0281 0.0015  19   ILE B CD1 
247 N N   . TEE B 20 ? 0.1532 0.1727 0.1859 0.0198  0.0380  -0.0250 20   TEE B N   
248 C CB  . TEE B 20 ? 0.1663 0.2035 0.1859 -0.0151 0.0335  -0.0092 20   TEE B CB  
249 C CA  . TEE B 20 ? 0.1853 0.2459 0.1865 -0.0578 0.0466  -0.0525 20   TEE B CA  
250 S SG  . TEE B 20 ? 0.1760 0.1634 0.1862 -0.0371 0.0436  -0.0501 20   TEE B SG  
251 N N   . CYS C 1  ? 0.1537 0.1282 0.1544 0.0424  -0.0152 0.0179  1    CYS C N   
252 C CA  . CYS C 1  ? 0.1117 0.1273 0.1457 0.0358  -0.0036 0.0407  1    CYS C CA  
253 C C   . CYS C 1  ? 0.1112 0.1546 0.2169 0.0287  0.0013  0.0696  1    CYS C C   
254 O O   . CYS C 1  ? 0.1288 0.1514 0.2640 0.0151  -0.0108 0.0852  1    CYS C O   
255 C CB  . CYS C 1  ? 0.1422 0.1198 0.2842 0.0423  -0.0619 -0.0027 1    CYS C CB  
256 S SG  . CYS C 1  ? 0.1487 0.1283 0.2316 0.0166  -0.0204 0.0346  1    CYS C SG  
257 N N   . DBB C 2  ? 0.1080 0.1591 0.1916 0.0413  -0.0143 0.0668  2    DBB C N   
258 C CA  . DBB C 2  ? 0.1252 0.1513 0.1835 0.0285  0.0320  0.0482  2    DBB C CA  
259 C C   . DBB C 2  ? 0.1248 0.1481 0.1836 0.0300  0.0101  0.0454  2    DBB C C   
260 O O   . DBB C 2  ? 0.1716 0.1535 0.1698 0.0784  -0.0039 0.0540  2    DBB C O   
261 C CB  . DBB C 2  ? 0.1568 0.1400 0.2042 0.0587  -0.0221 0.0521  2    DBB C CB  
262 C CG  . DBB C 2  ? 0.2394 0.1950 0.1974 0.0781  -0.0036 0.0275  2    DBB C CG  
263 N N   . PHE C 3  ? 0.1276 0.1565 0.1929 0.0627  0.0245  0.0650  3    PHE C N   
264 C CA  . PHE C 3  ? 0.1392 0.1724 0.1912 0.0707  0.0254  0.0680  3    PHE C CA  
265 C C   . PHE C 3  ? 0.1441 0.1599 0.1873 0.0505  0.0262  0.0928  3    PHE C C   
266 O O   . PHE C 3  ? 0.1450 0.1535 0.1998 0.0452  0.0154  0.0577  3    PHE C O   
267 C CB  . PHE C 3  ? 0.1374 0.1621 0.1822 0.0678  0.0416  0.0607  3    PHE C CB  
268 C CG  . PHE C 3  ? 0.1721 0.1698 0.1709 0.0346  0.0351  0.0439  3    PHE C CG  
269 C CD1 . PHE C 3  ? 0.1742 0.2463 0.1634 0.0141  0.0433  0.0061  3    PHE C CD1 
270 C CD2 . PHE C 3  ? 0.1779 0.1605 0.1689 -0.0020 0.0139  0.0496  3    PHE C CD2 
271 C CE1 . PHE C 3  ? 0.2258 0.3489 0.1520 -0.0211 0.0432  -0.0087 3    PHE C CE1 
272 C CE2 . PHE C 3  ? 0.2499 0.1717 0.1661 -0.0460 0.0044  0.0529  3    PHE C CE2 
273 C CZ  . PHE C 3  ? 0.2503 0.2465 0.1579 -0.0889 0.0300  0.0393  3    PHE C CZ  
274 N N   . DBB C 4  ? 0.1211 0.2194 0.1670 0.0648  0.0059  0.0812  4    DBB C N   
275 C CA  . DBB C 4  ? 0.1276 0.1912 0.2010 0.0595  -0.0043 0.0817  4    DBB C CA  
276 C C   . DBB C 4  ? 0.2458 0.1917 0.1816 0.0664  -0.0148 0.0721  4    DBB C C   
277 O O   . DBB C 4  ? 0.2654 0.2232 0.3209 -0.0440 -0.1223 0.1292  4    DBB C O   
278 C CB  . DBB C 4  ? 0.1759 0.1663 0.1909 0.0536  -0.0319 0.0660  4    DBB C CB  
279 C CG  . DBB C 4  ? 0.2912 0.1527 0.1271 0.0566  -0.0040 0.0307  4    DBB C CG  
280 N N   . LEU C 5  ? 0.1673 0.1990 0.2154 0.0523  -0.0096 0.0951  5    LEU C N   
281 C CA  . LEU C 5  ? 0.2346 0.2265 0.2729 0.0450  -0.0195 0.1421  5    LEU C CA  
282 C C   . LEU C 5  ? 0.3083 0.2765 0.2154 0.1518  -0.0394 0.0835  5    LEU C C   
283 O O   . LEU C 5  ? 0.3453 0.2047 0.2130 0.1507  -0.0618 0.0031  5    LEU C O   
284 C CB  . LEU C 5  ? 0.2383 0.2977 0.2691 0.0347  -0.0238 0.1875  5    LEU C CB  
285 C CG  . LEU C 5  ? 0.2901 0.3074 0.4520 0.0163  0.0455  0.1925  5    LEU C CG  
286 C CD1 . LEU C 5  ? 0.2177 0.2844 1.0518 0.0642  -0.1006 0.0828  5    LEU C CD1 
287 C CD2 . LEU C 5  ? 0.4133 0.1921 0.6281 -0.0084 0.3919  -0.0183 5    LEU C CD2 
288 N N   . PRO C 6  ? 0.2833 0.3090 0.1947 0.1047  -0.0356 0.0945  6    PRO C N   
289 C CA  . PRO C 6  ? 0.3031 0.2377 0.2382 0.1368  -0.0423 0.0610  6    PRO C CA  
290 C C   . PRO C 6  ? 0.3018 0.2036 0.1939 0.0867  -0.0674 0.0129  6    PRO C C   
291 O O   . PRO C 6  ? 0.3207 0.1686 0.3485 0.1001  -0.0752 -0.0271 6    PRO C O   
292 C CB  . PRO C 6  ? 0.3800 0.3908 0.2328 0.1693  -0.0002 0.0751  6    PRO C CB  
293 C CG  . PRO C 6  ? 0.4821 0.3208 0.2432 0.1832  -0.0796 0.0337  6    PRO C CG  
294 C CD  . PRO C 6  ? 0.3683 0.2391 0.2073 0.0972  -0.0768 0.0611  6    PRO C CD  
295 N N   . GLY C 7  ? 0.3201 0.2693 0.1789 0.1055  -0.0676 0.0300  7    GLY C N   
296 C CA  . GLY C 7  ? 0.2396 0.2590 0.1619 0.0610  -0.0423 0.0184  7    GLY C CA  
297 C C   . GLY C 7  ? 0.2636 0.2582 0.2245 0.0836  0.0064  0.0218  7    GLY C C   
298 O O   . GLY C 7  ? 0.3289 0.2389 0.4791 0.0773  0.0921  0.0135  7    GLY C O   
299 N N   . GLY C 8  ? 0.2718 0.3453 0.1778 0.1172  -0.0397 -0.0169 8    GLY C N   
300 C CA  . GLY C 8  ? 0.3897 0.3780 0.2979 0.1969  -0.1216 -0.0968 8    GLY C CA  
301 C C   . GLY C 8  ? 0.4732 0.2917 0.2258 0.2425  -0.1212 -0.0967 8    GLY C C   
302 O O   . GLY C 8  ? 0.3846 0.1926 0.2576 0.1086  -0.0069 -0.0443 8    GLY C O   
303 N N   . GLY C 9  ? 0.4900 0.3245 0.2586 0.2624  -0.1500 -0.1001 9    GLY C N   
304 C CA  . GLY C 9  ? 0.4888 0.3861 0.1795 0.2417  -0.1132 -0.0861 9    GLY C CA  
305 C C   . GLY C 9  ? 0.4663 0.2377 0.2491 0.1654  -0.1202 -0.0313 9    GLY C C   
306 O O   . GLY C 9  ? 0.4294 0.4321 0.4194 0.1365  -0.0131 -0.1510 9    GLY C O   
307 N N   . GLY C 10 ? 0.6616 0.2389 0.1564 0.0347  -0.0944 -0.0711 10   GLY C N   
308 C CA  . GLY C 10 ? 0.8217 0.3500 0.2197 0.1056  -0.0837 0.0655  10   GLY C CA  
309 C C   . GLY C 10 ? 0.8834 0.3804 0.3303 0.1695  -0.0454 0.0705  10   GLY C C   
310 O O   . GLY C 10 ? 0.8978 0.4004 0.2307 0.1661  -0.0315 0.1013  10   GLY C O   
311 N N   . VAL C 11 ? 0.6974 0.2045 0.4339 0.1568  -0.0996 -0.0273 11   VAL C N   
312 C CA  . VAL C 11 ? 0.5544 0.2526 0.2204 0.1145  -0.1784 -0.0549 11   VAL C CA  
313 C C   . VAL C 11 ? 0.5202 0.2112 0.2394 0.1069  -0.1207 -0.0376 11   VAL C C   
314 O O   . VAL C 11 ? 0.5072 0.1866 0.3026 0.1359  -0.0936 -0.0825 11   VAL C O   
315 C CB  . VAL C 11 ? 0.4466 0.3708 0.2702 0.1409  -0.0611 -0.1255 11   VAL C CB  
316 C CG1 . VAL C 11 ? 0.3940 0.6805 0.4173 0.1963  -0.1614 -0.0578 11   VAL C CG1 
317 C CG2 . VAL C 11 ? 0.4709 0.4449 0.1605 0.1252  0.0232  -0.0507 11   VAL C CG2 
318 N N   . CYS C 12 ? 0.4497 0.1969 0.2016 0.0902  -0.1383 -0.0025 12   CYS C N   
319 C CA  . CYS C 12 ? 0.2962 0.2184 0.1757 0.1130  -0.1199 -0.0160 12   CYS C CA  
320 C C   . CYS C 12 ? 0.2419 0.2351 0.1770 0.1165  -0.1061 -0.0341 12   CYS C C   
321 O O   . CYS C 12 ? 0.2427 0.2892 0.1664 0.0358  -0.1083 -0.0121 12   CYS C O   
322 C CB  . CYS C 12 ? 0.2618 0.2330 0.1886 0.0753  -0.1001 -0.0067 12   CYS C CB  
323 S SG  . CYS C 12 ? 0.2111 0.1909 0.1781 0.0492  0.0022  0.0132  12   CYS C SG  
324 N N   . DBB C 13 ? 0.2326 0.2823 0.1599 0.1334  -0.0972 -0.0615 13   DBB C N   
325 C CA  . DBB C 13 ? 0.1924 0.3575 0.1761 0.1239  -0.0731 -0.0591 13   DBB C CA  
326 C C   . DBB C 13 ? 0.2503 0.4364 0.1825 0.1390  -0.0701 -0.1083 13   DBB C C   
327 O O   . DBB C 13 ? 0.2047 0.5548 0.2104 0.0334  -0.0525 -0.2172 13   DBB C O   
328 C CB  . DBB C 13 ? 0.2121 0.3084 0.2021 0.1266  -0.0642 -0.0521 13   DBB C CB  
329 C CG  . DBB C 13 ? 0.2329 0.3007 0.2532 0.1433  -0.0498 -0.0473 13   DBB C CG  
330 N N   . LEU C 14 ? 0.2801 0.4500 0.2019 0.1437  -0.1039 -0.1802 14   LEU C N   
331 C CA  . LEU C 14 ? 0.2687 0.5746 0.3661 0.1780  -0.1323 -0.3095 14   LEU C CA  
332 C C   . LEU C 14 ? 0.2408 0.4530 0.4980 0.1249  -0.1263 -0.3158 14   LEU C C   
333 O O   . LEU C 14 ? 0.3200 0.3890 0.8075 0.1078  -0.0795 -0.3835 14   LEU C O   
334 C CB  . LEU C 14 ? 0.4290 0.6929 0.3697 0.1497  -0.1607 -0.3782 14   LEU C CB  
335 C CG  . LEU C 14 ? 0.4683 0.7551 0.3823 0.1847  -0.1896 -0.3182 14   LEU C CG  
336 C CD1 . LEU C 14 ? 0.3894 0.9054 0.3995 0.2872  -0.2002 -0.4514 14   LEU C CD1 
337 C CD2 . LEU C 14 ? 0.4766 0.5604 0.3102 0.2381  -0.1791 -0.3150 14   LEU C CD2 
338 N N   . DBB C 15 ? 0.2657 0.4945 0.3947 0.1251  -0.1676 -0.3009 15   DBB C N   
339 C CA  . DBB C 15 ? 0.2940 0.4132 0.4899 0.1284  -0.1621 -0.3101 15   DBB C CA  
340 C C   . DBB C 15 ? 0.2793 0.2725 0.4741 0.1704  -0.1920 -0.2378 15   DBB C C   
341 O O   . DBB C 15 ? 0.2141 0.2618 0.5098 0.0797  -0.1977 -0.1443 15   DBB C O   
342 C CB  . DBB C 15 ? 0.3014 0.5129 0.6252 0.1351  -0.1547 -0.4261 15   DBB C CB  
343 C CG  . DBB C 15 ? 0.3565 0.5101 0.5402 0.1343  -0.1745 -0.3780 15   DBB C CG  
344 N N   . DHA C 16 ? 0.2249 0.2581 0.5715 0.1495  -0.1877 -0.1851 16   DHA C N   
345 C CA  . DHA C 16 ? 0.2970 0.1780 0.5629 0.1207  -0.2306 -0.1117 16   DHA C CA  
346 C CB  . DHA C 16 ? 0.2479 0.3330 0.5829 0.1034  -0.2141 -0.1985 16   DHA C CB  
347 C C   . DHA C 16 ? 0.2416 0.1686 0.5418 0.0684  -0.2090 -0.1028 16   DHA C C   
348 O O   . DHA C 16 ? 0.2484 0.1499 0.3553 0.0117  -0.1421 -0.0079 16   DHA C O   
349 N N   . GLU C 17 ? 0.2324 0.1350 0.6041 0.0662  -0.2007 -0.0768 17   GLU C N   
350 C CA  . GLU C 17 ? 0.2358 0.1313 0.4086 0.0397  -0.1725 0.0126  17   GLU C CA  
351 C C   . GLU C 17 ? 0.1835 0.1167 0.3084 0.0370  -0.1293 -0.0142 17   GLU C C   
352 O O   . GLU C 17 ? 0.1906 0.1238 0.2256 0.0040  -0.0735 0.0165  17   GLU C O   
353 C CB  . GLU C 17 ? 0.3086 0.2128 0.4352 0.0081  -0.1482 0.1157  17   GLU C CB  
354 C CG  . GLU C 17 ? 0.5555 0.2338 0.5294 0.0389  -0.1542 0.1755  17   GLU C CG  
355 C CD  . GLU C 17 ? 0.5355 0.3575 0.4349 -0.0179 -0.2477 0.2541  17   GLU C CD  
356 O OE1 . GLU C 17 ? 0.4621 0.3774 0.6562 -0.0368 -0.1472 0.3174  17   GLU C OE1 
357 O OE2 . GLU C 17 ? 0.7044 0.3755 0.8668 -0.0040 -0.0418 0.3266  17   GLU C OE2 
358 N N   . CYS C 18 ? 0.2150 0.1401 0.3070 0.0756  -0.1092 -0.0614 18   CYS C N   
359 C CA  . CYS C 18 ? 0.1922 0.1679 0.2371 0.0937  -0.0710 -0.0663 18   CYS C CA  
360 C C   . CYS C 18 ? 0.1927 0.2764 0.2323 0.0613  -0.0724 -0.1061 18   CYS C C   
361 O O   . CYS C 18 ? 0.1963 0.2567 0.2581 0.1008  -0.0870 -0.0987 18   CYS C O   
362 C CB  . CYS C 18 ? 0.1897 0.1993 0.1954 0.0758  -0.0552 -0.0853 18   CYS C CB  
363 S SG  . CYS C 18 ? 0.1934 0.2577 0.1703 0.1055  -0.0616 -0.0751 18   CYS C SG  
364 N N   . ILE C 19 ? 0.1869 0.3958 0.2357 0.0774  -0.0615 -0.1314 19   ILE C N   
365 C CA  . ILE C 19 ? 0.1919 0.3965 0.2738 0.0739  -0.0463 -0.0921 19   ILE C CA  
366 C C   . ILE C 19 ? 0.1546 0.3970 0.5024 0.0687  -0.0631 -0.0938 19   ILE C C   
367 O O   . ILE C 19 ? 0.1744 0.4073 0.5685 0.0400  -0.1108 -0.0588 19   ILE C O   
368 C CB  . ILE C 19 ? 0.1692 0.6199 0.2635 0.0801  -0.0489 -0.0887 19   ILE C CB  
369 C CG1 . ILE C 19 ? 0.2405 0.6926 0.1393 0.1501  -0.0154 -0.0273 19   ILE C CG1 
370 C CG2 . ILE C 19 ? 0.1773 0.8657 0.2837 0.1504  -0.0292 -0.0265 19   ILE C CG2 
371 C CD1 . ILE C 19 ? 0.2500 0.5463 0.1334 0.1145  0.0196  0.1051  19   ILE C CD1 
372 N N   . TEE C 20 ? 0.1687 0.4111 0.5291 0.1147  -0.1320 -0.2184 20   TEE C N   
373 C CB  . TEE C 20 ? 0.2991 0.4479 0.6983 0.1411  -0.0775 -0.2926 20   TEE C CB  
374 C CA  . TEE C 20 ? 0.1535 0.4096 0.6395 0.1137  -0.0717 -0.2229 20   TEE C CA  
375 S SG  . TEE C 20 ? 0.2591 0.6170 0.7322 0.1074  -0.0342 -0.4813 20   TEE C SG  
376 N N   . CYS D 1  ? 0.3019 0.1947 0.1052 -0.0581 0.0004  0.0165  1    CYS D N   
377 C CA  . CYS D 1  ? 0.2938 0.1382 0.0933 -0.0058 -0.0188 0.0211  1    CYS D CA  
378 C C   . CYS D 1  ? 0.4302 0.1146 0.1130 0.0041  -0.0237 0.0341  1    CYS D C   
379 O O   . CYS D 1  ? 0.3978 0.1723 0.1397 -0.0697 -0.0106 -0.0316 1    CYS D O   
380 C CB  . CYS D 1  ? 0.2760 0.1978 0.1154 0.0456  -0.0287 0.0401  1    CYS D CB  
381 S SG  . CYS D 1  ? 0.2344 0.2824 0.1210 0.0549  -0.0163 0.0326  1    CYS D SG  
382 N N   . DBB D 2  ? 0.4808 0.1477 0.0866 0.0093  -0.0321 0.0206  2    DBB D N   
383 C CA  . DBB D 2  ? 0.4207 0.1406 0.1317 0.0648  0.0057  0.0188  2    DBB D CA  
384 C C   . DBB D 2  ? 0.3558 0.1212 0.0757 0.0267  -0.0098 -0.0058 2    DBB D C   
385 O O   . DBB D 2  ? 0.3119 0.1805 0.1008 0.0231  -0.0297 0.0298  2    DBB D O   
386 C CB  . DBB D 2  ? 0.3785 0.2360 0.1344 0.0987  0.0200  0.0556  2    DBB D CB  
387 C CG  . DBB D 2  ? 0.4611 0.3005 0.1423 0.1593  0.0524  0.0920  2    DBB D CG  
388 N N   . PHE D 3  ? 0.2751 0.1635 0.0920 0.0011  -0.0568 0.0195  3    PHE D N   
389 C CA  . PHE D 3  ? 0.2019 0.1596 0.1010 -0.0025 -0.0490 0.0198  3    PHE D CA  
390 C C   . PHE D 3  ? 0.1972 0.1665 0.1039 -0.0503 -0.0345 0.0401  3    PHE D C   
391 O O   . PHE D 3  ? 0.2726 0.1848 0.1343 -0.0497 -0.0737 0.0260  3    PHE D O   
392 C CB  . PHE D 3  ? 0.1729 0.1662 0.1679 -0.0233 -0.0531 0.0353  3    PHE D CB  
393 C CG  . PHE D 3  ? 0.1203 0.2024 0.2577 -0.0019 0.0127  0.0948  3    PHE D CG  
394 C CD1 . PHE D 3  ? 0.2455 0.1832 0.3618 0.0314  0.1490  0.0858  3    PHE D CD1 
395 C CD2 . PHE D 3  ? 0.1007 0.3396 0.2390 0.0086  -0.0008 0.1704  3    PHE D CD2 
396 C CE1 . PHE D 3  ? 0.3381 0.2306 0.4856 0.0714  0.1844  0.1634  3    PHE D CE1 
397 C CE2 . PHE D 3  ? 0.1588 0.4048 0.3695 0.0416  -0.0025 0.2451  3    PHE D CE2 
398 C CZ  . PHE D 3  ? 0.1522 0.3578 0.5369 0.0441  0.0956  0.2590  3    PHE D CZ  
399 N N   . DBB D 4  ? 0.1641 0.2134 0.1863 -0.0510 -0.0206 0.0494  4    DBB D N   
400 C CA  . DBB D 4  ? 0.1665 0.3433 0.1510 -0.0753 -0.0302 0.1188  4    DBB D CA  
401 C C   . DBB D 4  ? 0.1908 0.3618 0.2587 -0.0834 -0.0063 0.1769  4    DBB D C   
402 O O   . DBB D 4  ? 0.1863 0.4761 0.3287 -0.1160 -0.0075 0.1925  4    DBB D O   
403 C CB  . DBB D 4  ? 0.1061 0.3664 0.1200 -0.0748 -0.0489 0.1432  4    DBB D CB  
404 C CG  . DBB D 4  ? 0.0978 0.3715 0.1932 -0.0396 -0.0091 0.1514  4    DBB D CG  
405 N N   . LEU D 5  ? 0.2630 0.3207 0.2289 -0.1137 -0.0162 0.1641  5    LEU D N   
406 C CA  . LEU D 5  ? 0.3218 0.3537 0.2313 -0.1549 -0.0163 0.1630  5    LEU D CA  
407 C C   . LEU D 5  ? 0.4120 0.2966 0.2157 -0.0621 -0.0342 0.1727  5    LEU D C   
408 O O   . LEU D 5  ? 0.4162 0.3512 0.2774 0.0006  -0.0836 0.1240  5    LEU D O   
409 C CB  . LEU D 5  ? 0.3608 0.3206 0.2216 -0.1849 -0.0233 0.1383  5    LEU D CB  
410 C CG  . LEU D 5  ? 0.5666 0.4249 0.3333 -0.2592 0.1571  -0.0182 5    LEU D CG  
411 C CD1 . LEU D 5  ? 1.0660 0.3209 0.3416 -0.3827 0.3231  0.0025  5    LEU D CD1 
412 C CD2 . LEU D 5  ? 0.5154 0.5934 0.6079 -0.4095 0.1913  -0.3216 5    LEU D CD2 
413 N N   . PRO D 6  ? 0.2059 0.4352 0.3445 0.0026  -0.0700 0.0723  6    PRO D N   
414 C CA  . PRO D 6  ? 0.1932 0.2744 0.3348 -0.0337 -0.0489 0.1154  6    PRO D CA  
415 C C   . PRO D 6  ? 0.2337 0.3813 0.3796 -0.0284 -0.0288 0.1753  6    PRO D C   
416 O O   . PRO D 6  ? 0.2772 0.2948 0.2196 -0.0483 0.0539  0.0130  6    PRO D O   
417 C CB  . PRO D 6  ? 0.2928 0.4680 0.2608 0.1325  -0.0288 0.1509  6    PRO D CB  
418 C CG  . PRO D 6  ? 0.3018 0.6065 0.2400 0.1336  -0.0308 0.1565  6    PRO D CG  
419 C CD  . PRO D 6  ? 0.3976 0.5501 0.2625 0.1325  -0.0182 0.1222  6    PRO D CD  
420 N N   . GLY D 7  ? 0.3490 0.2956 0.4175 -0.0289 -0.1011 0.1896  7    GLY D N   
421 C CA  . GLY D 7  ? 0.3604 0.2409 0.3657 -0.1499 -0.1171 0.1238  7    GLY D CA  
422 C C   . GLY D 7  ? 0.3933 0.2833 0.3481 -0.0877 -0.1127 0.1046  7    GLY D C   
423 O O   . GLY D 7  ? 0.4409 0.2589 0.3615 -0.0641 0.0226  0.0452  7    GLY D O   
424 N N   . GLY D 8  ? 0.4958 0.2957 0.3113 -0.0458 -0.1103 0.1497  8    GLY D N   
425 C CA  . GLY D 8  ? 0.5892 0.3773 0.2776 -0.0145 -0.0903 -0.0018 8    GLY D CA  
426 C C   . GLY D 8  ? 0.5033 0.3269 0.1866 0.0128  0.0398  0.1396  8    GLY D C   
427 O O   . GLY D 8  ? 0.4727 0.5299 0.3615 -0.0285 0.1280  0.0487  8    GLY D O   
428 N N   . GLY D 9  ? 0.3774 0.3036 0.2070 -0.1285 0.0289  0.0956  9    GLY D N   
429 C CA  . GLY D 9  ? 0.3489 0.3338 0.2551 -0.1059 0.0042  0.0180  9    GLY D CA  
430 C C   . GLY D 9  ? 0.3068 0.3481 0.2910 -0.0502 -0.0672 0.0131  9    GLY D C   
431 O O   . GLY D 9  ? 0.2890 0.3005 0.3360 -0.0348 -0.1001 0.1198  9    GLY D O   
432 N N   . GLY D 10 ? 0.2572 0.4704 0.1892 -0.0602 -0.0018 0.0184  10   GLY D N   
433 C CA  . GLY D 10 ? 0.2086 0.5470 0.2661 -0.0150 -0.0218 0.0904  10   GLY D CA  
434 C C   . GLY D 10 ? 0.3109 0.5611 0.2440 0.0638  -0.0051 0.1108  10   GLY D C   
435 O O   . GLY D 10 ? 0.6529 0.4896 0.3087 0.1898  0.0855  0.1219  10   GLY D O   
436 N N   . VAL D 11 ? 0.1241 0.6557 0.2705 -0.0126 0.0542  0.0655  11   VAL D N   
437 C CA  . VAL D 11 ? 0.1194 0.7168 0.2982 0.0468  0.0666  0.1280  11   VAL D CA  
438 C C   . VAL D 11 ? 0.1350 0.8472 0.1450 0.1039  0.0354  0.1489  11   VAL D C   
439 O O   . VAL D 11 ? 0.1570 0.5360 0.2140 0.0703  0.0180  0.1789  11   VAL D O   
440 C CB  . VAL D 11 ? 0.1580 0.7377 0.4426 0.0704  0.1340  0.1902  11   VAL D CB  
441 C CG1 . VAL D 11 ? 0.1149 0.9244 0.4480 0.1105  0.0627  0.3497  11   VAL D CG1 
442 C CG2 . VAL D 11 ? 0.1874 0.8819 0.3798 0.1462  0.1275  0.2973  11   VAL D CG2 
443 N N   . CYS D 12 ? 0.1017 0.8523 0.1281 0.0987  0.0036  0.1555  12   CYS D N   
444 C CA  . CYS D 12 ? 0.0954 0.7656 0.1437 0.0506  0.0142  0.0959  12   CYS D CA  
445 C C   . CYS D 12 ? 0.1062 0.6748 0.1159 0.0944  -0.0122 0.0388  12   CYS D C   
446 O O   . CYS D 12 ? 0.1609 0.6099 0.2040 0.1211  -0.0986 0.0256  12   CYS D O   
447 C CB  . CYS D 12 ? 0.1168 0.6501 0.1879 -0.0148 0.0305  0.1288  12   CYS D CB  
448 S SG  . CYS D 12 ? 0.1268 0.4317 0.2310 0.0144  -0.0157 0.0470  12   CYS D SG  
449 N N   . DBB D 13 ? 0.1092 0.7397 0.0874 0.0576  -0.0148 0.1120  13   DBB D N   
450 C CA  . DBB D 13 ? 0.0954 0.7229 0.1219 0.0653  0.0087  0.0787  13   DBB D CA  
451 C C   . DBB D 13 ? 0.0812 0.7598 0.1454 0.1238  -0.0269 0.0547  13   DBB D C   
452 O O   . DBB D 13 ? 0.2197 0.6443 0.2104 0.2139  0.0426  0.1084  13   DBB D O   
453 C CB  . DBB D 13 ? 0.1022 0.7068 0.1113 0.0593  0.0018  0.0067  13   DBB D CB  
454 C CG  . DBB D 13 ? 0.1165 0.8262 0.1026 0.0006  0.0290  -0.0464 13   DBB D CG  
455 N N   . LEU D 14 ? 0.1369 0.7609 0.1505 0.1656  0.0153  0.0785  14   LEU D N   
456 C CA  . LEU D 14 ? 0.1728 0.6500 0.1527 0.1492  0.0249  0.1171  14   LEU D CA  
457 C C   . LEU D 14 ? 0.2063 0.6603 0.1478 0.0952  0.0279  0.1213  14   LEU D C   
458 O O   . LEU D 14 ? 0.1953 0.8722 0.2093 -0.0163 -0.0026 0.2112  14   LEU D O   
459 C CB  . LEU D 14 ? 0.1539 0.7178 0.1860 0.1610  0.0612  0.1169  14   LEU D CB  
460 C CG  . LEU D 14 ? 0.2182 0.7504 0.1696 0.2092  0.0616  0.1220  14   LEU D CG  
461 C CD1 . LEU D 14 ? 0.2000 0.7175 0.4504 0.1859  -0.0058 0.0827  14   LEU D CD1 
462 C CD2 . LEU D 14 ? 0.2132 0.6760 0.2445 0.1866  0.0577  0.0870  14   LEU D CD2 
463 N N   . DBB D 15 ? 0.1969 0.5303 0.1381 0.1714  0.0309  0.0808  15   DBB D N   
464 C CA  . DBB D 15 ? 0.2139 0.4096 0.1324 0.1655  0.0402  0.0553  15   DBB D CA  
465 C C   . DBB D 15 ? 0.2082 0.3211 0.1257 0.1245  0.0004  0.0150  15   DBB D C   
466 O O   . DBB D 15 ? 0.2040 0.4309 0.0903 0.1579  0.0087  -0.0107 15   DBB D O   
467 C CB  . DBB D 15 ? 0.2626 0.4328 0.1776 0.1884  0.0485  0.0339  15   DBB D CB  
468 C CG  . DBB D 15 ? 0.2697 0.4443 0.1744 0.2065  0.0715  0.0557  15   DBB D CG  
469 N N   . DHA D 16 ? 0.2155 0.3048 0.1117 0.1372  -0.0007 -0.0122 16   DHA D N   
470 C CA  . DHA D 16 ? 0.1897 0.1996 0.0927 0.0585  -0.0128 -0.0180 16   DHA D CA  
471 C CB  . DHA D 16 ? 0.2679 0.2309 0.0910 0.0742  -0.0172 -0.0211 16   DHA D CB  
472 C C   . DHA D 16 ? 0.1683 0.2289 0.1081 0.0834  -0.0293 -0.0343 16   DHA D C   
473 O O   . DHA D 16 ? 0.1799 0.2068 0.1016 0.0561  -0.0263 -0.0055 16   DHA D O   
474 N N   . GLU D 17 ? 0.1651 0.2621 0.1104 0.0513  0.0000  -0.0486 17   GLU D N   
475 C CA  . GLU D 17 ? 0.1365 0.2756 0.1053 0.0737  -0.0150 -0.0457 17   GLU D CA  
476 C C   . GLU D 17 ? 0.1171 0.3073 0.0976 0.0735  -0.0255 -0.0375 17   GLU D C   
477 O O   . GLU D 17 ? 0.1067 0.2622 0.1508 0.0486  0.0008  -0.0431 17   GLU D O   
478 C CB  . GLU D 17 ? 0.1605 0.2898 0.1002 0.0598  -0.0169 -0.0667 17   GLU D CB  
479 C CG  . GLU D 17 ? 0.4065 0.2648 0.1897 0.0669  -0.0634 -0.0178 17   GLU D CG  
480 C CD  . GLU D 17 ? 0.4790 0.2616 0.2784 0.0486  -0.1087 0.0026  17   GLU D CD  
481 O OE1 . GLU D 17 ? 0.6077 0.1959 0.3239 0.0130  -0.0624 -0.0188 17   GLU D OE1 
482 O OE2 . GLU D 17 ? 0.7696 0.2665 0.5215 -0.0612 0.1612  -0.1102 17   GLU D OE2 
483 N N   . CYS D 18 ? 0.1169 0.3353 0.0834 0.0930  0.0118  -0.0081 18   CYS D N   
484 C CA  . CYS D 18 ? 0.1168 0.3641 0.1064 0.0941  0.0000  0.0174  18   CYS D CA  
485 C C   . CYS D 18 ? 0.1566 0.3193 0.0977 0.1140  0.0064  0.0296  18   CYS D C   
486 O O   . CYS D 18 ? 0.1995 0.2484 0.1015 0.1327  -0.0268 -0.0189 18   CYS D O   
487 C CB  . CYS D 18 ? 0.1306 0.4657 0.0915 0.1254  0.0024  0.0290  18   CYS D CB  
488 S SG  . CYS D 18 ? 0.1169 0.5794 0.1129 0.1154  -0.0189 -0.0579 18   CYS D SG  
489 N N   . ILE D 19 ? 0.1890 0.3464 0.1227 0.1476  -0.0199 0.0461  19   ILE D N   
490 C CA  . ILE D 19 ? 0.3018 0.3221 0.1385 0.1771  -0.0058 0.0076  19   ILE D CA  
491 C C   . ILE D 19 ? 0.3054 0.4288 0.1240 0.1370  -0.0269 0.0248  19   ILE D C   
492 O O   . ILE D 19 ? 0.3457 0.3217 0.1410 0.1016  -0.0214 0.0190  19   ILE D O   
493 C CB  . ILE D 19 ? 0.3032 0.3363 0.1628 0.1527  0.0384  0.0345  19   ILE D CB  
494 C CG1 . ILE D 19 ? 0.2331 0.5234 0.1332 0.1559  -0.0116 0.0673  19   ILE D CG1 
495 C CG2 . ILE D 19 ? 0.2762 0.3226 0.2424 0.1610  -0.0059 0.0162  19   ILE D CG2 
496 C CD1 . ILE D 19 ? 0.3143 0.6168 0.3295 0.1635  0.0894  0.2333  19   ILE D CD1 
497 N N   . TEE D 20 ? 0.2604 0.4473 0.1553 0.2128  -0.0025 -0.0244 20   TEE D N   
498 C CB  . TEE D 20 ? 0.2895 0.6325 0.1558 0.1581  0.0229  -0.1744 20   TEE D CB  
499 C CA  . TEE D 20 ? 0.2804 0.4002 0.1691 0.2130  0.0159  -0.0235 20   TEE D CA  
500 S SG  . TEE D 20 ? 0.2672 0.4141 0.1885 0.1931  0.0331  0.0040  20   TEE D SG  
501 N N   . CYS E 1  ? 0.2619 0.1039 0.1556 0.0172  -0.0319 0.0397  1    CYS E N   
502 C CA  . CYS E 1  ? 0.2227 0.0956 0.1545 0.0082  -0.0421 0.0364  1    CYS E CA  
503 C C   . CYS E 1  ? 0.1972 0.1085 0.1080 0.0236  -0.0721 0.0291  1    CYS E C   
504 O O   . CYS E 1  ? 0.2203 0.1261 0.1857 0.0398  -0.0396 0.0200  1    CYS E O   
505 C CB  . CYS E 1  ? 0.3129 0.1200 0.1759 -0.0278 0.0099  0.0240  1    CYS E CB  
506 S SG  . CYS E 1  ? 0.2796 0.1338 0.1715 -0.0253 0.0440  0.0280  1    CYS E SG  
507 N N   . DBB E 2  ? 0.1617 0.1095 0.1186 0.0088  -0.0518 0.0253  2    DBB E N   
508 C CA  . DBB E 2  ? 0.1543 0.0919 0.1227 -0.0038 -0.0297 0.0239  2    DBB E CA  
509 C C   . DBB E 2  ? 0.1343 0.1160 0.1177 0.0045  -0.0222 0.0108  2    DBB E C   
510 O O   . DBB E 2  ? 0.1605 0.0901 0.1356 0.0085  -0.0472 0.0150  2    DBB E O   
511 C CB  . DBB E 2  ? 0.2147 0.1313 0.1151 -0.0251 -0.0239 0.0060  2    DBB E CB  
512 C CG  . DBB E 2  ? 0.2692 0.1451 0.1406 0.0332  -0.0667 0.0313  2    DBB E CG  
513 N N   . PHE E 3  ? 0.1328 0.1000 0.1393 -0.0110 -0.0254 0.0048  3    PHE E N   
514 C CA  . PHE E 3  ? 0.1114 0.0954 0.1846 -0.0130 -0.0238 0.0256  3    PHE E CA  
515 C C   . PHE E 3  ? 0.0977 0.1090 0.1643 -0.0279 -0.0488 0.0572  3    PHE E C   
516 O O   . PHE E 3  ? 0.1189 0.0970 0.1956 -0.0278 -0.0457 0.0560  3    PHE E O   
517 C CB  . PHE E 3  ? 0.1538 0.0894 0.2502 0.0033  -0.0321 0.0198  3    PHE E CB  
518 C CG  . PHE E 3  ? 0.1037 0.1410 0.2614 0.0054  0.0048  0.0433  3    PHE E CG  
519 C CD1 . PHE E 3  ? 0.1244 0.1858 0.2730 -0.0195 0.0411  0.0339  3    PHE E CD1 
520 C CD2 . PHE E 3  ? 0.1154 0.1468 0.2251 0.0447  0.0175  0.0261  3    PHE E CD2 
521 C CE1 . PHE E 3  ? 0.1484 0.2687 0.2554 -0.0681 0.0259  0.0205  3    PHE E CE1 
522 C CE2 . PHE E 3  ? 0.1134 0.2563 0.1446 0.0222  0.0420  0.0073  3    PHE E CE2 
523 C CZ  . PHE E 3  ? 0.1688 0.2729 0.2155 -0.0303 0.0102  -0.0122 3    PHE E CZ  
524 N N   . DBB E 4  ? 0.0958 0.1110 0.1622 -0.0328 -0.0447 0.0467  4    DBB E N   
525 C CA  . DBB E 4  ? 0.1048 0.1269 0.1614 -0.0184 -0.0370 0.0638  4    DBB E CA  
526 C C   . DBB E 4  ? 0.1127 0.1170 0.1470 -0.0232 -0.0270 0.0631  4    DBB E C   
527 O O   . DBB E 4  ? 0.1570 0.1192 0.1493 -0.0198 -0.0456 0.0552  4    DBB E O   
528 C CB  . DBB E 4  ? 0.1111 0.1347 0.1482 -0.0152 -0.0373 0.0684  4    DBB E CB  
529 C CG  . DBB E 4  ? 0.1140 0.1420 0.1420 -0.0043 -0.0466 0.0542  4    DBB E CG  
530 N N   . LEU E 5  ? 0.1250 0.1006 0.1477 -0.0010 -0.0452 0.0335  5    LEU E N   
531 C CA  . LEU E 5  ? 0.1218 0.1129 0.2125 0.0044  -0.0111 0.0463  5    LEU E CA  
532 C C   . LEU E 5  ? 0.1558 0.0887 0.1544 -0.0017 -0.0590 0.0213  5    LEU E C   
533 O O   . LEU E 5  ? 0.2580 0.0845 0.1937 -0.0092 -0.1282 0.0071  5    LEU E O   
534 C CB  . LEU E 5  ? 0.1233 0.1141 0.3354 0.0137  -0.0404 0.0467  5    LEU E CB  
535 C CG  . LEU E 5  ? 0.1251 0.1169 0.4613 -0.0109 -0.0416 0.0918  5    LEU E CG  
536 C CD1 . LEU E 5  ? 0.0982 0.1762 0.5559 0.0005  -0.0164 0.0094  5    LEU E CD1 
537 C CD2 . LEU E 5  ? 0.1326 0.1702 0.4096 -0.0328 -0.0215 0.1607  5    LEU E CD2 
538 N N   . PRO E 6  ? 0.1841 0.1194 0.0957 -0.0409 -0.0409 0.0352  6    PRO E N   
539 C CA  . PRO E 6  ? 0.2018 0.1191 0.0934 -0.0141 0.0014  0.0335  6    PRO E CA  
540 C C   . PRO E 6  ? 0.2292 0.0989 0.1040 -0.0182 -0.0531 0.0042  6    PRO E C   
541 O O   . PRO E 6  ? 0.1588 0.1079 0.1267 -0.0264 -0.0496 0.0235  6    PRO E O   
542 C CB  . PRO E 6  ? 0.1658 0.1651 0.1584 -0.0316 0.0072  0.0600  6    PRO E CB  
543 C CG  . PRO E 6  ? 0.1060 0.1077 0.1367 -0.0128 -0.0167 0.0101  6    PRO E CG  
544 C CD  . PRO E 6  ? 0.1410 0.1143 0.0809 -0.0233 -0.0132 0.0165  6    PRO E CD  
545 N N   . GLY E 7  ? 0.2603 0.1177 0.1206 0.0009  -0.0381 0.0249  7    GLY E N   
546 C CA  . GLY E 7  ? 0.2837 0.1015 0.1746 -0.0218 -0.1013 0.0366  7    GLY E CA  
547 C C   . GLY E 7  ? 0.2633 0.1119 0.1733 -0.0054 -0.1268 0.0374  7    GLY E C   
548 O O   . GLY E 7  ? 0.2763 0.1976 0.1611 -0.0764 -0.1055 0.0610  7    GLY E O   
549 N N   . GLY E 8  ? 0.3183 0.1506 0.1334 0.0142  -0.1195 0.0213  8    GLY E N   
550 C CA  . GLY E 8  ? 0.3523 0.1521 0.1683 0.0125  -0.1520 0.0062  8    GLY E CA  
551 C C   . GLY E 8  ? 0.2669 0.1395 0.1463 0.0510  -0.0607 -0.0262 8    GLY E C   
552 O O   . GLY E 8  ? 0.3343 0.1750 0.1915 0.0688  -0.1260 -0.0617 8    GLY E O   
553 N N   . GLY E 9  ? 0.2026 0.1552 0.1533 0.0235  -0.0788 0.0032  9    GLY E N   
554 C CA  . GLY E 9  ? 0.1559 0.2143 0.1474 0.0160  -0.0433 0.0148  9    GLY E CA  
555 C C   . GLY E 9  ? 0.1575 0.2024 0.1140 0.0539  -0.0327 -0.0029 9    GLY E C   
556 O O   . GLY E 9  ? 0.1607 0.1404 0.1118 0.0029  -0.0309 -0.0175 9    GLY E O   
557 N N   . GLY E 10 ? 0.1569 0.4030 0.1164 0.1396  -0.0277 -0.0117 10   GLY E N   
558 C CA  . GLY E 10 ? 0.2073 0.3044 0.1538 0.1241  -0.0837 -0.0974 10   GLY E CA  
559 C C   . GLY E 10 ? 0.1591 0.2787 0.1121 0.0597  -0.0405 0.0057  10   GLY E C   
560 O O   . GLY E 10 ? 0.1635 0.3114 0.1203 0.0316  -0.0269 -0.0084 10   GLY E O   
561 N N   . VAL E 11 ? 0.1442 0.2379 0.0823 0.0492  -0.0074 0.0001  11   VAL E N   
562 C CA  . VAL E 11 ? 0.1024 0.2057 0.0938 -0.0015 -0.0083 0.0208  11   VAL E CA  
563 C C   . VAL E 11 ? 0.0890 0.1653 0.0937 0.0085  -0.0104 0.0395  11   VAL E C   
564 O O   . VAL E 11 ? 0.1508 0.1105 0.1118 0.0135  0.0222  0.0173  11   VAL E O   
565 C CB  . VAL E 11 ? 0.1045 0.2095 0.1033 -0.0176 -0.0161 0.0330  11   VAL E CB  
566 C CG1 . VAL E 11 ? 0.1573 0.2379 0.1098 0.0163  -0.0482 0.0349  11   VAL E CG1 
567 C CG2 . VAL E 11 ? 0.1815 0.2220 0.0967 -0.0211 -0.0259 0.0277  11   VAL E CG2 
568 N N   . CYS E 12 ? 0.1151 0.1939 0.0881 -0.0356 0.0001  0.0334  12   CYS E N   
569 C CA  . CYS E 12 ? 0.1224 0.1721 0.0785 -0.0402 -0.0068 0.0463  12   CYS E CA  
570 C C   . CYS E 12 ? 0.1184 0.1836 0.0728 -0.0395 -0.0230 0.0250  12   CYS E C   
571 O O   . CYS E 12 ? 0.1406 0.2071 0.1067 -0.0327 -0.0432 0.0481  12   CYS E O   
572 C CB  . CYS E 12 ? 0.1327 0.1760 0.0879 -0.0484 -0.0289 0.0568  12   CYS E CB  
573 S SG  . CYS E 12 ? 0.1205 0.1453 0.1255 -0.0330 -0.0265 0.0473  12   CYS E SG  
574 N N   . DBB E 13 ? 0.1155 0.1732 0.1098 -0.0368 -0.0040 0.0394  13   DBB E N   
575 C CA  . DBB E 13 ? 0.1289 0.1444 0.1020 -0.0300 0.0053  0.0312  13   DBB E CA  
576 C C   . DBB E 13 ? 0.1163 0.1646 0.1073 -0.0410 0.0324  -0.0050 13   DBB E C   
577 O O   . DBB E 13 ? 0.1258 0.1971 0.1844 -0.0491 0.0437  -0.0454 13   DBB E O   
578 C CB  . DBB E 13 ? 0.1410 0.1484 0.1066 -0.0245 -0.0205 0.0101  13   DBB E CB  
579 C CG  . DBB E 13 ? 0.1505 0.1260 0.1578 -0.0071 -0.0148 0.0229  13   DBB E CG  
580 N N   . LEU E 14 ? 0.1404 0.1469 0.0973 -0.0367 0.0093  0.0251  14   LEU E N   
581 C CA  . LEU E 14 ? 0.1289 0.1638 0.1435 -0.0474 0.0130  -0.0003 14   LEU E CA  
582 C C   . LEU E 14 ? 0.2049 0.1466 0.1477 -0.0555 0.0214  0.0051  14   LEU E C   
583 O O   . LEU E 14 ? 0.1475 0.3065 0.2596 -0.0249 -0.0157 0.1425  14   LEU E O   
584 C CB  . LEU E 14 ? 0.1296 0.2046 0.1486 0.0036  -0.0161 -0.0197 14   LEU E CB  
585 C CG  . LEU E 14 ? 0.1515 0.2334 0.1413 -0.0044 -0.0095 -0.0378 14   LEU E CG  
586 C CD1 . LEU E 14 ? 0.1335 0.3705 0.1996 -0.0082 -0.0536 -0.0564 14   LEU E CD1 
587 C CD2 . LEU E 14 ? 0.2492 0.2185 0.1141 0.1195  -0.0488 -0.0136 14   LEU E CD2 
588 N N   . DBB E 15 ? 0.4165 0.1090 0.1602 -0.0402 0.1234  -0.0112 15   DBB E N   
589 C CA  . DBB E 15 ? 0.4561 0.1049 0.1879 0.0091  0.1435  -0.0102 15   DBB E CA  
590 C C   . DBB E 15 ? 0.5156 0.1288 0.1486 0.0089  0.1827  0.0283  15   DBB E C   
591 O O   . DBB E 15 ? 0.4121 0.1140 0.1442 -0.0352 0.1301  -0.0041 15   DBB E O   
592 C CB  . DBB E 15 ? 0.5904 0.1039 0.2274 -0.0493 0.2477  -0.0132 15   DBB E CB  
593 C CG  . DBB E 15 ? 0.6803 0.2017 0.3158 -0.1349 0.3030  -0.1349 15   DBB E CG  
594 N N   . DHA E 16 ? 0.6771 0.1328 0.1603 0.0617  0.1776  0.0405  16   DHA E N   
595 C CA  . DHA E 16 ? 0.6269 0.1484 0.1641 0.1046  0.1661  0.0436  16   DHA E CA  
596 C CB  . DHA E 16 ? 0.8327 0.1856 0.1519 0.0062  0.2295  0.0264  16   DHA E CB  
597 C C   . DHA E 16 ? 0.5944 0.1558 0.1309 0.0985  0.1088  0.0596  16   DHA E C   
598 O O   . DHA E 16 ? 0.5216 0.2306 0.1417 0.0532  0.0970  0.0077  16   DHA E O   
599 N N   . GLU E 17 ? 0.4954 0.1840 0.1020 0.1157  0.0632  0.0503  17   GLU E N   
600 C CA  . GLU E 17 ? 0.4244 0.1901 0.1555 0.1004  0.0539  0.0699  17   GLU E CA  
601 C C   . GLU E 17 ? 0.4032 0.1412 0.1187 0.0477  -0.0082 0.0496  17   GLU E C   
602 O O   . GLU E 17 ? 0.3363 0.1496 0.1485 0.0389  0.0216  0.0277  17   GLU E O   
603 C CB  . GLU E 17 ? 0.4177 0.3364 0.1768 0.0744  0.0632  0.0543  17   GLU E CB  
604 C CG  . GLU E 17 ? 0.4316 0.4299 0.1439 0.0343  0.0422  0.0634  17   GLU E CG  
605 C CD  . GLU E 17 ? 0.4398 0.5466 0.1259 0.0017  0.0350  0.1379  17   GLU E CD  
606 O OE1 . GLU E 17 ? 0.1780 0.4761 0.1517 0.0643  -0.0318 0.0595  17   GLU E OE1 
607 O OE2 . GLU E 17 ? 0.5027 0.2509 0.2471 -0.0930 -0.1564 0.0470  17   GLU E OE2 
608 N N   . CYS E 18 ? 0.3401 0.1811 0.1359 -0.0270 0.0510  0.0370  18   CYS E N   
609 C CA  . CYS E 18 ? 0.3073 0.1461 0.1127 -0.0689 0.0261  0.0141  18   CYS E CA  
610 C C   . CYS E 18 ? 0.3418 0.1399 0.1270 -0.0710 0.0984  -0.0367 18   CYS E C   
611 O O   . CYS E 18 ? 0.4424 0.1652 0.1442 -0.0567 0.1106  -0.0043 18   CYS E O   
612 C CB  . CYS E 18 ? 0.2314 0.1519 0.1006 -0.0572 0.0441  -0.0267 18   CYS E CB  
613 S SG  . CYS E 18 ? 0.1902 0.1460 0.0994 -0.0483 -0.0109 0.0084  18   CYS E SG  
614 N N   . ILE E 19 ? 0.2729 0.1662 0.1865 -0.0534 0.1112  -0.0209 19   ILE E N   
615 C CA  . ILE E 19 ? 0.3431 0.1540 0.2633 -0.0930 0.1819  -0.0410 19   ILE E CA  
616 C C   . ILE E 19 ? 0.4045 0.1638 0.2286 -0.0779 0.1779  -0.0434 19   ILE E C   
617 O O   . ILE E 19 ? 0.5621 0.1691 0.3898 -0.0456 0.3730  0.0114  19   ILE E O   
618 C CB  . ILE E 19 ? 0.2375 0.2282 0.4891 -0.0451 0.1965  0.0122  19   ILE E CB  
619 C CG1 . ILE E 19 ? 0.2093 0.3695 0.6253 -0.1041 0.1196  0.1460  19   ILE E CG1 
620 C CG2 . ILE E 19 ? 0.3236 0.1686 0.5143 -0.0996 0.2101  -0.0670 19   ILE E CG2 
621 C CD1 . ILE E 19 ? 0.1572 0.4577 0.5845 0.0977  0.0872  0.3074  19   ILE E CD1 
622 N N   . TEE E 20 ? 0.4239 0.1385 0.2417 -0.1008 0.1860  -0.0556 20   TEE E N   
623 C CB  . TEE E 20 ? 0.6569 0.1211 0.3021 -0.0863 0.3193  -0.0284 20   TEE E CB  
624 C CA  . TEE E 20 ? 0.4730 0.1476 0.2614 -0.0871 0.2187  -0.0443 20   TEE E CA  
625 S SG  . TEE E 20 ? 0.5579 0.1587 0.2804 -0.1400 0.2472  -0.0842 20   TEE E SG  
626 N N   . CYS F 1  ? 0.1086 0.1429 0.0941 0.0252  -0.0079 0.0121  1    CYS F N   
627 C CA  . CYS F 1  ? 0.1023 0.1333 0.1011 0.0296  0.0042  -0.0117 1    CYS F CA  
628 C C   . CYS F 1  ? 0.1148 0.1521 0.0746 0.0521  -0.0087 -0.0066 1    CYS F C   
629 O O   . CYS F 1  ? 0.1708 0.1361 0.0743 0.0306  -0.0129 -0.0054 1    CYS F O   
630 C CB  . CYS F 1  ? 0.1016 0.1268 0.1253 0.0327  0.0138  -0.0020 1    CYS F CB  
631 S SG  . CYS F 1  ? 0.1151 0.1366 0.1495 0.0275  0.0004  -0.0151 1    CYS F SG  
632 N N   . DBB F 2  ? 0.1140 0.1816 0.0568 0.0574  0.0008  -0.0043 2    DBB F N   
633 C CA  . DBB F 2  ? 0.0872 0.2137 0.0672 0.0600  -0.0048 -0.0159 2    DBB F CA  
634 C C   . DBB F 2  ? 0.1083 0.2112 0.0638 0.0677  0.0000  -0.0198 2    DBB F C   
635 O O   . DBB F 2  ? 0.1245 0.2047 0.0809 0.0705  -0.0047 0.0077  2    DBB F O   
636 C CB  . DBB F 2  ? 0.1132 0.1851 0.1136 0.0009  0.0154  -0.0048 2    DBB F CB  
637 C CG  . DBB F 2  ? 0.1100 0.2332 0.1240 0.0094  -0.0037 0.0215  2    DBB F CG  
638 N N   . PHE F 3  ? 0.1343 0.2127 0.0645 0.0734  -0.0119 -0.0223 3    PHE F N   
639 C CA  . PHE F 3  ? 0.1172 0.2717 0.0630 0.0868  -0.0068 -0.0264 3    PHE F CA  
640 C C   . PHE F 3  ? 0.1506 0.2920 0.0427 0.1027  0.0075  0.0086  3    PHE F C   
641 O O   . PHE F 3  ? 0.1369 0.2830 0.0881 0.1125  -0.0060 0.0260  3    PHE F O   
642 C CB  . PHE F 3  ? 0.1718 0.3802 0.0889 0.0409  -0.0236 -0.0814 3    PHE F CB  
643 C CG  . PHE F 3  ? 0.1542 0.5887 0.0847 0.0297  -0.0197 -0.0535 3    PHE F CG  
644 C CD1 . PHE F 3  ? 0.2244 0.7155 0.1094 0.0469  0.0389  -0.0942 3    PHE F CD1 
645 C CD2 . PHE F 3  ? 0.2212 0.6195 0.1371 0.0169  -0.0836 -0.0064 3    PHE F CD2 
646 C CE1 . PHE F 3  ? 0.1682 0.7571 0.1097 -0.0319 0.0138  -0.0992 3    PHE F CE1 
647 C CE2 . PHE F 3  ? 0.2485 0.7040 0.1398 -0.0003 -0.0763 0.0130  3    PHE F CE2 
648 C CZ  . PHE F 3  ? 0.1271 0.7679 0.1729 -0.1074 -0.0244 -0.0243 3    PHE F CZ  
649 N N   . DBB F 4  ? 0.1551 0.2920 0.0453 0.1149  0.0113  0.0306  4    DBB F N   
650 C CA  . DBB F 4  ? 0.1653 0.3049 0.0842 0.1278  0.0298  0.0584  4    DBB F CA  
651 C C   . DBB F 4  ? 0.1960 0.2519 0.0915 0.1369  0.0417  0.0516  4    DBB F C   
652 O O   . DBB F 4  ? 0.1854 0.2742 0.1593 0.0943  0.0355  0.1021  4    DBB F O   
653 C CB  . DBB F 4  ? 0.1303 0.3403 0.0983 0.1063  0.0216  0.0788  4    DBB F CB  
654 C CG  . DBB F 4  ? 0.1294 0.4609 0.0917 0.0492  -0.0110 0.1355  4    DBB F CG  
655 N N   . LEU F 5  ? 0.1856 0.2257 0.0832 0.1177  0.0237  0.0316  5    LEU F N   
656 C CA  . LEU F 5  ? 0.1922 0.1565 0.1044 0.0915  0.0396  0.0362  5    LEU F CA  
657 C C   . LEU F 5  ? 0.1881 0.1633 0.0864 0.0758  0.0212  0.0021  5    LEU F C   
658 O O   . LEU F 5  ? 0.1786 0.1587 0.0927 0.0673  -0.0037 0.0025  5    LEU F O   
659 C CB  . LEU F 5  ? 0.2043 0.1711 0.1042 0.0650  0.0491  0.0061  5    LEU F CB  
660 C CG  . LEU F 5  ? 0.2138 0.1688 0.1295 0.0808  0.0412  -0.0067 5    LEU F CG  
661 C CD1 . LEU F 5  ? 0.1921 0.1697 0.1676 0.0838  0.0622  -0.0090 5    LEU F CD1 
662 C CD2 . LEU F 5  ? 0.3592 0.2297 0.0980 0.0853  0.0548  0.0029  5    LEU F CD2 
663 N N   . PRO F 6  ? 0.1787 0.1417 0.0946 0.0590  -0.0016 0.0048  6    PRO F N   
664 C CA  . PRO F 6  ? 0.1766 0.1658 0.0967 0.0613  0.0003  -0.0080 6    PRO F CA  
665 C C   . PRO F 6  ? 0.1917 0.1750 0.1035 0.0813  -0.0082 -0.0016 6    PRO F C   
666 O O   . PRO F 6  ? 0.2744 0.2587 0.1396 0.1591  -0.0540 -0.0133 6    PRO F O   
667 C CB  . PRO F 6  ? 0.1880 0.2470 0.1152 0.0307  0.0375  -0.0214 6    PRO F CB  
668 C CG  . PRO F 6  ? 0.1890 0.3835 0.1959 0.0612  0.0310  0.1377  6    PRO F CG  
669 C CD  . PRO F 6  ? 0.2158 0.2184 0.0886 0.0610  0.0094  0.0322  6    PRO F CD  
670 N N   . GLY F 7  ? 0.1890 0.2052 0.0762 0.0967  0.0043  -0.0019 7    GLY F N   
671 C CA  . GLY F 7  ? 0.1913 0.2110 0.0776 0.1054  -0.0095 0.0113  7    GLY F CA  
672 C C   . GLY F 7  ? 0.1764 0.2300 0.0935 0.1131  -0.0062 -0.0229 7    GLY F C   
673 O O   . GLY F 7  ? 0.2011 0.2388 0.0977 0.1316  -0.0087 -0.0266 7    GLY F O   
674 N N   . GLY F 8  ? 0.2117 0.1946 0.1041 0.1021  -0.0020 -0.0269 8    GLY F N   
675 C CA  . GLY F 8  ? 0.2014 0.2362 0.1126 0.0878  -0.0077 -0.0177 8    GLY F CA  
676 C C   . GLY F 8  ? 0.1766 0.1901 0.1283 0.0892  0.0013  -0.0556 8    GLY F C   
677 O O   . GLY F 8  ? 0.1809 0.2226 0.1236 0.0644  0.0171  -0.0560 8    GLY F O   
678 N N   . GLY F 9  ? 0.1595 0.1856 0.0841 0.0757  0.0240  -0.0253 9    GLY F N   
679 C CA  . GLY F 9  ? 0.1865 0.1912 0.1084 0.0624  0.0217  -0.0116 9    GLY F CA  
680 C C   . GLY F 9  ? 0.1649 0.2014 0.0918 0.0812  -0.0006 -0.0155 9    GLY F C   
681 O O   . GLY F 9  ? 0.2297 0.1988 0.1326 0.0919  0.0372  0.0098  9    GLY F O   
682 N N   . GLY F 10 ? 0.2193 0.2213 0.0927 0.1099  -0.0001 -0.0189 10   GLY F N   
683 C CA  . GLY F 10 ? 0.2149 0.2752 0.0835 0.0747  -0.0048 -0.0551 10   GLY F CA  
684 C C   . GLY F 10 ? 0.1770 0.2702 0.0900 0.0885  -0.0015 -0.0181 10   GLY F C   
685 O O   . GLY F 10 ? 0.1769 0.3665 0.1024 0.1137  0.0107  -0.0230 10   GLY F O   
686 N N   . VAL F 11 ? 0.1626 0.2727 0.0987 0.0529  0.0012  -0.0657 11   VAL F N   
687 C CA  . VAL F 11 ? 0.1902 0.1971 0.0934 0.0874  -0.0298 -0.0077 11   VAL F CA  
688 C C   . VAL F 11 ? 0.1705 0.1983 0.0829 0.0766  -0.0016 -0.0275 11   VAL F C   
689 O O   . VAL F 11 ? 0.1661 0.2128 0.1167 0.0842  -0.0099 -0.0217 11   VAL F O   
690 C CB  . VAL F 11 ? 0.2252 0.1981 0.1154 0.0436  -0.0063 -0.0251 11   VAL F CB  
691 C CG1 . VAL F 11 ? 0.3105 0.2331 0.1026 0.0116  -0.0384 0.0120  11   VAL F CG1 
692 C CG2 . VAL F 11 ? 0.2449 0.1970 0.1308 0.0564  -0.0035 -0.0117 11   VAL F CG2 
693 N N   . CYS F 12 ? 0.1700 0.1917 0.0845 0.1023  0.0044  0.0014  12   CYS F N   
694 C CA  . CYS F 12 ? 0.1542 0.2084 0.0887 0.0751  0.0194  0.0357  12   CYS F CA  
695 C C   . CYS F 12 ? 0.1443 0.1575 0.0970 0.0568  -0.0023 0.0232  12   CYS F C   
696 O O   . CYS F 12 ? 0.1726 0.1490 0.0851 0.0539  0.0047  0.0223  12   CYS F O   
697 C CB  . CYS F 12 ? 0.1475 0.2269 0.1230 0.1181  0.0081  0.0540  12   CYS F CB  
698 S SG  . CYS F 12 ? 0.1302 0.2500 0.1078 0.0723  0.0136  0.0452  12   CYS F SG  
699 N N   . DBB F 13 ? 0.1305 0.1290 0.1295 0.0326  0.0186  0.0322  13   DBB F N   
700 C CA  . DBB F 13 ? 0.1283 0.1135 0.1278 0.0024  0.0130  0.0243  13   DBB F CA  
701 C C   . DBB F 13 ? 0.1302 0.0876 0.0987 -0.0005 0.0128  0.0138  13   DBB F C   
702 O O   . DBB F 13 ? 0.1689 0.1026 0.1237 -0.0166 0.0274  -0.0220 13   DBB F O   
703 C CB  . DBB F 13 ? 0.1161 0.1025 0.1864 0.0132  0.0155  0.0330  13   DBB F CB  
704 C CG  . DBB F 13 ? 0.1174 0.1734 0.3728 -0.0092 -0.0425 0.0446  13   DBB F CG  
705 N N   . LEU F 14 ? 0.1319 0.1004 0.1131 0.0177  0.0065  -0.0103 14   LEU F N   
706 C CA  . LEU F 14 ? 0.1536 0.1221 0.1432 -0.0354 0.0174  -0.0027 14   LEU F CA  
707 C C   . LEU F 14 ? 0.1137 0.1803 0.1135 -0.0088 0.0388  -0.0460 14   LEU F C   
708 O O   . LEU F 14 ? 0.1592 0.2393 0.1654 0.0139  0.0249  -0.1042 14   LEU F O   
709 C CB  . LEU F 14 ? 0.2936 0.0924 0.2029 -0.0371 0.0519  -0.0361 14   LEU F CB  
710 C CG  . LEU F 14 ? 0.5728 0.1512 0.3313 -0.1614 0.2239  -0.0692 14   LEU F CG  
711 C CD1 . LEU F 14 ? 0.6620 0.2863 0.1588 -0.0942 0.1676  0.0077  14   LEU F CD1 
712 C CD2 . LEU F 14 ? 0.4863 0.2312 0.1809 -0.1641 0.0994  0.0165  14   LEU F CD2 
713 N N   . DBB F 15 ? 0.1298 0.1430 0.1040 -0.0319 0.0195  -0.0277 15   DBB F N   
714 C CA  . DBB F 15 ? 0.1190 0.1557 0.1011 -0.0338 0.0189  -0.0387 15   DBB F CA  
715 C C   . DBB F 15 ? 0.0998 0.1583 0.1150 -0.0091 0.0026  -0.0173 15   DBB F C   
716 O O   . DBB F 15 ? 0.0951 0.1267 0.0994 -0.0051 0.0156  -0.0089 15   DBB F O   
717 C CB  . DBB F 15 ? 0.1238 0.1402 0.1714 -0.0331 0.0253  -0.0417 15   DBB F CB  
718 C CG  . DBB F 15 ? 0.1662 0.1585 0.1992 -0.0703 0.0272  -0.0400 15   DBB F CG  
719 N N   . DHA F 16 ? 0.1360 0.2089 0.1165 -0.0289 -0.0169 -0.0038 16   DHA F N   
720 C CA  . DHA F 16 ? 0.1239 0.1997 0.1234 0.0061  -0.0337 -0.0062 16   DHA F CA  
721 C CB  . DHA F 16 ? 0.1286 0.3250 0.1351 0.0192  -0.0204 0.0842  16   DHA F CB  
722 C C   . DHA F 16 ? 0.1359 0.1579 0.1064 0.0087  -0.0254 -0.0031 16   DHA F C   
723 O O   . DHA F 16 ? 0.1530 0.1517 0.1650 0.0265  0.0099  0.0156  16   DHA F O   
724 N N   . GLU F 17 ? 0.1369 0.1331 0.0818 -0.0012 -0.0025 0.0136  17   GLU F N   
725 C CA  . GLU F 17 ? 0.1507 0.1184 0.0851 -0.0138 0.0269  -0.0021 17   GLU F CA  
726 C C   . GLU F 17 ? 0.1017 0.1298 0.0921 0.0012  0.0267  -0.0022 17   GLU F C   
727 O O   . GLU F 17 ? 0.0988 0.1239 0.1239 -0.0067 0.0396  0.0015  17   GLU F O   
728 C CB  . GLU F 17 ? 0.1701 0.1381 0.1172 0.0066  0.0396  -0.0191 17   GLU F CB  
729 C CG  . GLU F 17 ? 0.3056 0.1621 0.1030 0.0224  0.0421  -0.0355 17   GLU F CG  
730 C CD  . GLU F 17 ? 0.2933 0.1131 0.1378 -0.0303 0.0956  -0.0015 17   GLU F CD  
731 O OE1 . GLU F 17 ? 0.3425 0.2224 0.1786 0.0545  0.0825  -0.0414 17   GLU F OE1 
732 O OE2 . GLU F 17 ? 0.3720 0.1677 0.1436 0.0017  0.1209  0.0109  17   GLU F OE2 
733 N N   . CYS F 18 ? 0.0827 0.0996 0.0937 -0.0022 0.0186  0.0021  18   CYS F N   
734 C CA  . CYS F 18 ? 0.0795 0.1083 0.0948 0.0124  0.0090  0.0090  18   CYS F CA  
735 C C   . CYS F 18 ? 0.0963 0.0975 0.0847 0.0101  -0.0028 -0.0006 18   CYS F C   
736 O O   . CYS F 18 ? 0.1243 0.1044 0.1177 0.0268  0.0019  0.0216  18   CYS F O   
737 C CB  . CYS F 18 ? 0.1234 0.1036 0.1038 0.0186  0.0149  0.0122  18   CYS F CB  
738 S SG  . CYS F 18 ? 0.1359 0.1393 0.2131 0.0615  0.0752  0.0731  18   CYS F SG  
739 N N   . ILE F 19 ? 0.1020 0.1123 0.0677 0.0238  0.0042  0.0012  19   ILE F N   
740 C CA  . ILE F 19 ? 0.1332 0.0948 0.0701 0.0269  0.0023  -0.0043 19   ILE F CA  
741 C C   . ILE F 19 ? 0.1194 0.1241 0.0888 0.0419  0.0053  -0.0169 19   ILE F C   
742 O O   . ILE F 19 ? 0.1442 0.1118 0.1349 0.0371  -0.0035 0.0018  19   ILE F O   
743 C CB  . ILE F 19 ? 0.1537 0.0947 0.0746 0.0301  0.0253  -0.0071 19   ILE F CB  
744 C CG1 . ILE F 19 ? 0.1881 0.1377 0.0711 0.0538  -0.0009 0.0053  19   ILE F CG1 
745 C CG2 . ILE F 19 ? 0.2083 0.1793 0.1166 0.0876  0.0539  -0.0073 19   ILE F CG2 
746 C CD1 . ILE F 19 ? 0.1823 0.1555 0.1292 0.0462  -0.0755 -0.0242 19   ILE F CD1 
747 N N   . TEE F 20 ? 0.0944 0.1119 0.1184 0.0246  0.0083  -0.0069 20   TEE F N   
748 C CB  . TEE F 20 ? 0.0794 0.1703 0.1899 0.0277  -0.0015 -0.0487 20   TEE F CB  
749 C CA  . TEE F 20 ? 0.1050 0.1619 0.1300 0.0231  0.0090  -0.0306 20   TEE F CA  
750 S SG  . TEE F 20 ? 0.1125 0.1654 0.1343 -0.0284 0.0263  -0.0280 20   TEE F SG  
751 C C   . MOH G .  ? 0.1177 0.1471 0.2677 0.0099  -0.0118 0.0426  802  MOH A C   
752 O O   . MOH G .  ? 0.1155 0.1776 0.2880 -0.0104 -0.0269 0.0721  802  MOH A O   
753 C C   . MOH H .  ? 0.3053 0.1482 0.2701 0.0478  -0.0338 0.0585  804  MOH A C   
754 O O   . MOH H .  ? 0.1783 0.3324 0.2148 0.0177  0.0285  0.1046  804  MOH A O   
755 C C   . MOH I .  ? 0.2506 0.3065 0.5295 -0.1241 -0.0718 -0.1126 806  MOH A C   
756 O O   . MOH I .  ? 0.3729 0.3306 0.2551 0.0018  -0.0591 0.0311  806  MOH A O   
757 C C   . MOH J .  ? 0.3224 0.2347 0.3055 0.0282  0.0145  0.0483  809  MOH B C   
758 O O   . MOH J .  ? 0.2725 0.2168 0.2233 0.0956  -0.0697 -0.0503 809  MOH B O   
759 C C   . MOH K .  ? 0.1924 0.6185 0.2328 0.0856  0.0515  -0.1038 807  MOH C C   
760 O O   . MOH K .  ? 0.1678 0.5067 0.1628 0.0983  -0.0181 -0.0010 807  MOH C O   
761 C C   . MOH L .  ? 0.2717 0.2549 0.3126 0.0949  -0.1358 -0.0206 808  MOH D C   
762 O O   . MOH L .  ? 0.2749 0.3146 0.3230 0.0645  -0.0938 -0.0571 808  MOH D O   
763 C C   . MOH M .  ? 0.1369 0.1623 0.2387 -0.0329 -0.0029 0.0429  801  MOH E C   
764 O O   . MOH M .  ? 0.1687 0.1567 0.1244 -0.0622 -0.0299 0.0377  801  MOH E O   
765 C C   . MOH N .  ? 0.3809 0.1883 0.1636 -0.0879 -0.0543 0.0468  805  MOH E C   
766 O O   . MOH N .  ? 0.1885 0.3611 0.1810 0.1036  0.0788  0.0867  805  MOH E O   
767 C C   . MOH O .  ? 0.3456 0.4021 0.4173 -0.0990 -0.1181 0.0303  810  MOH F C   
768 O O   . MOH O .  ? 0.2994 0.3104 0.2712 -0.0638 -0.1649 0.1537  810  MOH F O   
769 O O   . HOH P .  ? 0.3695 0.4194 0.2139 -0.1368 -0.0519 0.0414  2001 HOH A O   
770 O O   . HOH P .  ? 0.2836 0.4470 0.2665 -0.0494 0.0084  -0.0675 2002 HOH A O   
771 O O   . HOH P .  ? 0.4843 0.1586 0.1114 -0.0296 -0.0019 0.0176  2003 HOH A O   
772 O O   . HOH P .  ? 0.2138 0.3337 0.2532 -0.0122 -0.0321 -0.0405 2004 HOH A O   
773 O O   . HOH P .  ? 0.1828 0.2101 0.1001 -0.0095 -0.0206 -0.0347 2005 HOH A O   
774 O O   . HOH P .  ? 0.1440 0.2816 0.1122 -0.0292 -0.0368 0.0114  2006 HOH A O   
775 O O   . HOH P .  ? 0.1592 0.1315 0.1556 -0.0103 -0.0195 0.0029  2007 HOH A O   
776 O O   . HOH P .  ? 0.1425 0.1668 0.1963 0.0060  0.0160  0.0559  2008 HOH A O   
777 O O   . HOH P .  ? 0.1273 0.1679 0.1791 -0.0137 0.0161  -0.0478 2009 HOH A O   
778 O O   . HOH P .  ? 0.2150 0.1433 0.2400 0.0462  -0.0562 0.0397  2010 HOH A O   
779 O O   . HOH P .  ? 0.1916 0.1781 0.2778 0.0723  0.0683  0.0769  2011 HOH A O   
780 O O   . HOH P .  ? 0.0816 0.1737 0.2110 0.0215  0.0149  0.0696  2012 HOH A O   
781 O O   . HOH P .  ? 0.3754 0.2620 0.1729 0.1513  -0.0057 -0.0692 2013 HOH A O   
782 O O   . HOH P .  ? 0.1722 0.2211 0.1631 -0.0054 0.0178  -0.0253 2014 HOH A O   
783 O O   . HOH Q .  ? 0.1987 0.1825 0.1006 0.0768  0.0342  0.0169  2001 HOH B O   
784 O O   . HOH Q .  ? 0.3436 0.3800 0.3716 -0.0131 -0.1934 -0.0392 2002 HOH B O   
785 O O   . HOH Q .  ? 0.3894 0.2383 0.1840 -0.0458 -0.1127 -0.0104 2003 HOH B O   
786 O O   . HOH Q .  ? 0.2680 0.2338 0.2491 0.0254  -0.1156 -0.0135 2004 HOH B O   
787 O O   . HOH Q .  ? 0.2650 0.4002 0.3269 -0.0329 -0.0827 -0.0690 2005 HOH B O   
788 O O   . HOH Q .  ? 0.1546 0.1513 0.2725 0.0214  -0.0720 0.0012  2006 HOH B O   
789 O O   . HOH Q .  ? 0.2768 0.1667 0.4302 0.0149  0.0043  -0.0106 2007 HOH B O   
790 O O   . HOH Q .  ? 0.3365 0.2141 0.3050 0.0993  0.0571  0.0074  2008 HOH B O   
791 O O   . HOH Q .  ? 0.3013 0.3840 0.2676 -0.1110 0.1413  -0.1643 2009 HOH B O   
792 O O   . HOH Q .  ? 0.2135 0.2647 0.4007 0.0162  0.0971  0.0104  2010 HOH B O   
793 O O   . HOH Q .  ? 0.1316 0.2722 0.1776 0.0067  0.0395  -0.0267 2011 HOH B O   
794 O O   . HOH Q .  ? 0.2573 0.2649 0.2258 0.0222  0.0886  -0.0218 2012 HOH B O   
795 O O   . HOH Q .  ? 0.1918 0.1928 0.2693 0.0570  0.0739  0.0251  2013 HOH B O   
796 O O   . HOH Q .  ? 0.2366 0.2122 0.2857 -0.0241 0.0405  -0.0472 2014 HOH B O   
797 O O   . HOH R .  ? 0.3199 0.4118 0.4389 0.0533  0.0096  0.0282  2001 HOH C O   
798 O O   . HOH R .  ? 0.2372 0.1904 0.1881 0.0647  -0.0500 -0.0088 2002 HOH C O   
799 O O   . HOH R .  ? 0.1632 0.2671 0.2594 0.0775  -0.0613 -0.0967 2003 HOH C O   
800 O O   . HOH S .  ? 0.2765 0.4343 0.2511 -0.0391 0.0582  0.1391  2001 HOH D O   
801 O O   . HOH S .  ? 0.2634 0.2972 0.2620 0.0060  0.0491  0.0350  2002 HOH D O   
802 O O   . HOH S .  ? 0.3105 0.5237 0.2874 -0.1373 -0.0061 0.0467  2003 HOH D O   
803 O O   . HOH S .  ? 0.2098 0.3851 0.2576 0.0898  -0.0199 0.0342  2004 HOH D O   
804 O O   . HOH S .  ? 0.1407 0.2888 0.0883 0.0712  0.0258  -0.0392 2005 HOH D O   
805 O O   . HOH T .  ? 0.5695 0.2049 0.2756 0.0293  -0.1926 0.0970  2001 HOH E O   
806 O O   . HOH T .  ? 0.1606 0.1161 0.1439 0.0039  -0.0233 0.0074  2002 HOH E O   
807 O O   . HOH T .  ? 0.3152 0.1840 0.1196 -0.0651 -0.0215 -0.0140 2003 HOH E O   
808 O O   . HOH T .  ? 0.1733 0.2383 0.1000 0.0437  -0.0006 0.0215  2004 HOH E O   
809 O O   . HOH T .  ? 0.1564 0.2099 0.1688 0.0024  -0.0080 0.0317  2005 HOH E O   
810 O O   . HOH T .  ? 0.3534 0.2134 0.1930 0.0472  0.0975  -0.0074 2006 HOH E O   
811 O O   . HOH T .  ? 0.2796 0.3019 0.3735 0.0031  0.1026  0.1606  2007 HOH E O   
812 O O   . HOH T .  ? 0.4658 0.2696 0.1719 -0.0378 0.0668  0.0300  2008 HOH E O   
813 O O   . HOH T .  ? 0.1300 0.1793 0.1598 0.0085  0.0337  -0.0456 2009 HOH E O   
814 O O   . HOH U .  ? 0.3628 0.3359 0.2394 -0.0853 0.1093  0.0036  2001 HOH F O   
815 O O   . HOH U .  ? 0.1735 0.2260 0.1302 0.0699  0.0144  -0.0217 2002 HOH F O   
816 O O   . HOH U .  ? 0.5723 0.3089 0.3772 -0.0481 -0.0585 0.0682  2003 HOH F O   
817 O O   . HOH U .  ? 0.1936 0.2552 0.1366 0.1062  0.0315  0.0515  2004 HOH F O   
818 O O   . HOH U .  ? 0.3719 0.1943 0.3130 0.1309  0.0284  -0.0045 2005 HOH F O   
819 O O   . HOH U .  ? 0.2205 0.1156 0.1139 -0.0058 0.0462  0.0079  2006 HOH F O   
820 O O   . HOH U .  ? 0.3062 0.3402 0.3082 0.1491  0.1255  0.0916  2007 HOH F O   
821 O O   . HOH U .  ? 0.2590 0.3110 0.0998 0.0706  -0.0005 -0.0015 2008 HOH F O   
822 O O   . HOH U .  ? 0.1943 0.3714 0.1878 -0.0666 -0.0850 -0.0175 2009 HOH F O   
823 O O   . HOH U .  ? 0.3421 0.1632 0.1939 -0.0532 0.1060  -0.0137 2010 HOH F O   
824 O O   . HOH U .  ? 0.1763 0.1987 0.2247 -0.0006 -0.0209 0.0932  2011 HOH F O   
825 O O   . HOH U .  ? 0.1862 0.4155 0.4705 0.1313  0.1020  0.1064  2012 HOH F O   
# 
